data_8DEI
#
_entry.id   8DEI
#
_cell.length_a   53.586
_cell.length_b   165.249
_cell.length_c   116.149
_cell.angle_alpha   90.000
_cell.angle_beta   96.475
_cell.angle_gamma   90.000
#
_symmetry.space_group_name_H-M   'P 1 21 1'
#
loop_
_entity.id
_entity.type
_entity.pdbx_description
1 polymer 'Maltodextrin-binding protein,Chromatin assembly factor 1 subunit p90 fusion'
2 non-polymer DI(HYDROXYETHYL)ETHER
3 non-polymer 'PHOSPHATE ION'
4 non-polymer GLYCEROL
5 water water
#
_entity_poly.entity_id   1
_entity_poly.type   'polypeptide(L)'
_entity_poly.pdbx_seq_one_letter_code
;MRSHHHHHHGKIEEGKLVIWINGDKGYNGLAEVGKKFEKDTGIKVTVEHPDKLEEKFPQVAATGDGPDIIFWAHDRFGGY
AQSGLLAEITPDKAFQDKLYPFTWDAVRYNGKLIAYPIAVEALSLIYNKDLLPNPPKTWEEIPALDKELKAKGKSALMFN
LQEPYFTWPLIAADGGYAFKYENGKYDIKDVGVDNAGAKAGLTFLVDLIKNKHMNADTDYSIAEAAFNKGETAMTINGPW
AWSNIDTSKVNYGVTVLPTFKGQPSKPFVGVLSAGINAASPNKELAKEFLENYLLTDEGLEAVNKDKPLGAVALKSYEEE
LAKDPRIAATMENAQKGEIMPNIPQMSAFWYAVRTAVINAASGRQTVDEALKDAQTNSGSDITSLYKKAGFLEVLFQGPL
KKEEAKREKELKKQQRAEEKHRKELLRQEEKKKKELKVEEERQRRAELKKQKEEEKRRKEEARLEAKRRKEEERLKKEEE
IRLKEEAKER
;
_entity_poly.pdbx_strand_id   A,B,C,D
#
# COMPACT_ATOMS: atom_id res chain seq x y z
N GLU A 13 54.39 -33.36 -63.06
CA GLU A 13 54.16 -34.44 -62.10
C GLU A 13 52.69 -34.89 -62.14
N GLU A 14 52.46 -36.09 -62.67
CA GLU A 14 51.10 -36.61 -62.76
C GLU A 14 50.58 -37.02 -61.39
N GLY A 15 49.28 -36.79 -61.18
CA GLY A 15 48.64 -37.18 -59.93
C GLY A 15 48.60 -36.11 -58.87
N LYS A 16 48.81 -34.85 -59.22
CA LYS A 16 48.83 -33.77 -58.24
C LYS A 16 48.49 -32.47 -58.95
N LEU A 17 47.59 -31.69 -58.35
CA LEU A 17 47.15 -30.43 -58.91
C LEU A 17 47.95 -29.28 -58.30
N VAL A 18 48.51 -28.43 -59.15
CA VAL A 18 49.19 -27.21 -58.76
C VAL A 18 48.44 -26.04 -59.37
N ILE A 19 48.04 -25.08 -58.53
CA ILE A 19 47.19 -23.97 -58.94
C ILE A 19 47.96 -22.67 -58.72
N TRP A 20 47.95 -21.80 -59.73
CA TRP A 20 48.55 -20.48 -59.65
C TRP A 20 47.45 -19.43 -59.72
N ILE A 21 47.34 -18.61 -58.68
CA ILE A 21 46.37 -17.52 -58.64
C ILE A 21 47.02 -16.32 -57.98
N ASN A 22 46.64 -15.13 -58.44
CA ASN A 22 47.28 -13.91 -57.95
C ASN A 22 47.05 -13.74 -56.45
N GLY A 23 47.97 -13.01 -55.81
CA GLY A 23 47.93 -12.87 -54.37
C GLY A 23 46.79 -12.03 -53.84
N ASP A 24 46.20 -11.19 -54.69
CA ASP A 24 45.10 -10.32 -54.26
C ASP A 24 43.75 -11.03 -54.29
N LYS A 25 43.69 -12.28 -54.73
CA LYS A 25 42.47 -13.06 -54.72
C LYS A 25 42.43 -13.94 -53.47
N GLY A 26 41.26 -14.50 -53.22
CA GLY A 26 41.09 -15.37 -52.06
C GLY A 26 41.71 -16.74 -52.26
N TYR A 27 43.04 -16.81 -52.18
CA TYR A 27 43.71 -18.09 -52.39
C TYR A 27 43.54 -19.03 -51.21
N ASN A 28 43.42 -18.49 -49.99
CA ASN A 28 43.17 -19.33 -48.83
C ASN A 28 41.83 -20.05 -48.94
N GLY A 29 40.81 -19.35 -49.44
CA GLY A 29 39.55 -20.02 -49.73
C GLY A 29 39.68 -21.02 -50.84
N LEU A 30 40.49 -20.71 -51.85
CA LEU A 30 40.74 -21.67 -52.93
C LEU A 30 41.47 -22.90 -52.43
N ALA A 31 42.37 -22.74 -51.46
CA ALA A 31 43.06 -23.89 -50.89
C ALA A 31 42.10 -24.77 -50.11
N GLU A 32 41.12 -24.17 -49.42
CA GLU A 32 40.13 -24.95 -48.70
C GLU A 32 39.31 -25.82 -49.63
N VAL A 33 38.97 -25.29 -50.81
CA VAL A 33 38.30 -26.10 -51.82
C VAL A 33 39.24 -27.20 -52.32
N GLY A 34 40.54 -26.92 -52.35
CA GLY A 34 41.49 -27.95 -52.75
C GLY A 34 41.62 -29.05 -51.70
N LYS A 35 41.60 -28.67 -50.42
CA LYS A 35 41.61 -29.68 -49.36
C LYS A 35 40.36 -30.55 -49.42
N LYS A 36 39.21 -29.94 -49.73
CA LYS A 36 37.98 -30.71 -49.88
C LYS A 36 38.08 -31.65 -51.07
N PHE A 37 38.72 -31.22 -52.15
CA PHE A 37 38.98 -32.11 -53.28
C PHE A 37 39.97 -33.20 -52.89
N GLU A 38 40.93 -32.89 -52.02
CA GLU A 38 41.89 -33.89 -51.57
C GLU A 38 41.27 -34.86 -50.59
N LYS A 39 40.30 -34.42 -49.80
CA LYS A 39 39.65 -35.29 -48.82
C LYS A 39 38.75 -36.33 -49.48
N ASP A 40 38.27 -36.07 -50.70
CA ASP A 40 37.38 -36.97 -51.39
C ASP A 40 38.10 -37.90 -52.37
N THR A 41 39.12 -37.38 -53.08
CA THR A 41 39.82 -38.16 -54.08
C THR A 41 41.22 -38.58 -53.67
N GLY A 42 41.81 -37.93 -52.67
CA GLY A 42 43.17 -38.24 -52.28
C GLY A 42 44.24 -37.58 -53.10
N ILE A 43 43.87 -36.71 -54.03
CA ILE A 43 44.84 -36.02 -54.88
C ILE A 43 45.23 -34.70 -54.23
N LYS A 44 46.53 -34.49 -54.07
CA LYS A 44 47.01 -33.28 -53.42
C LYS A 44 46.75 -32.05 -54.30
N VAL A 45 46.29 -30.98 -53.66
CA VAL A 45 46.01 -29.71 -54.33
C VAL A 45 46.79 -28.63 -53.62
N THR A 46 47.77 -28.05 -54.30
CA THR A 46 48.63 -27.01 -53.74
C THR A 46 48.33 -25.70 -54.46
N VAL A 47 47.77 -24.73 -53.74
CA VAL A 47 47.44 -23.42 -54.29
C VAL A 47 48.56 -22.46 -53.94
N GLU A 48 49.21 -21.91 -54.95
CA GLU A 48 50.31 -20.97 -54.79
C GLU A 48 49.94 -19.63 -55.44
N HIS A 49 50.57 -18.57 -54.95
CA HIS A 49 50.38 -17.23 -55.49
C HIS A 49 51.74 -16.62 -55.79
N PRO A 50 52.36 -17.02 -56.90
CA PRO A 50 53.66 -16.45 -57.27
C PRO A 50 53.50 -15.01 -57.74
N ASP A 51 54.62 -14.29 -57.71
CA ASP A 51 54.63 -12.89 -58.10
C ASP A 51 54.69 -12.76 -59.61
N LYS A 52 53.75 -12.01 -60.18
CA LYS A 52 53.73 -11.73 -61.62
C LYS A 52 53.59 -13.01 -62.43
N LEU A 53 52.55 -13.79 -62.11
CA LEU A 53 52.31 -15.03 -62.83
C LEU A 53 51.78 -14.78 -64.23
N GLU A 54 51.29 -13.58 -64.52
CA GLU A 54 50.89 -13.24 -65.88
C GLU A 54 52.09 -13.18 -66.82
N GLU A 55 53.30 -13.02 -66.29
CA GLU A 55 54.51 -13.03 -67.10
C GLU A 55 55.42 -14.22 -66.82
N LYS A 56 55.30 -14.85 -65.65
CA LYS A 56 56.12 -16.01 -65.32
C LYS A 56 55.52 -17.30 -65.89
N PHE A 57 54.20 -17.38 -65.97
CA PHE A 57 53.57 -18.59 -66.50
C PHE A 57 53.87 -18.80 -67.98
N PRO A 58 53.75 -17.80 -68.85
CA PRO A 58 54.00 -18.04 -70.29
C PRO A 58 55.39 -18.59 -70.58
N GLN A 59 56.34 -18.43 -69.68
CA GLN A 59 57.69 -18.93 -69.91
C GLN A 59 57.86 -20.36 -69.38
N VAL A 60 57.32 -20.65 -68.20
CA VAL A 60 57.46 -21.98 -67.62
C VAL A 60 56.57 -22.97 -68.35
N ALA A 61 55.38 -22.53 -68.76
CA ALA A 61 54.46 -23.44 -69.45
C ALA A 61 55.00 -23.85 -70.81
N ALA A 62 55.76 -22.98 -71.48
CA ALA A 62 56.34 -23.33 -72.77
C ALA A 62 57.40 -24.41 -72.65
N THR A 63 57.99 -24.59 -71.48
CA THR A 63 59.00 -25.62 -71.24
C THR A 63 58.43 -26.85 -70.55
N GLY A 64 57.11 -27.02 -70.57
CA GLY A 64 56.45 -28.17 -69.99
C GLY A 64 56.03 -28.03 -68.54
N ASP A 65 56.88 -27.45 -67.70
CA ASP A 65 56.58 -27.28 -66.29
C ASP A 65 55.50 -26.21 -66.11
N GLY A 66 55.21 -25.88 -64.87
CA GLY A 66 54.20 -24.90 -64.54
C GLY A 66 53.06 -25.49 -63.75
N PRO A 67 52.00 -24.71 -63.55
CA PRO A 67 50.84 -25.21 -62.80
C PRO A 67 49.88 -25.99 -63.68
N ASP A 68 49.02 -26.74 -63.02
CA ASP A 68 47.94 -27.44 -63.71
C ASP A 68 46.78 -26.51 -64.02
N ILE A 69 46.53 -25.53 -63.15
CA ILE A 69 45.48 -24.54 -63.33
C ILE A 69 46.05 -23.17 -63.03
N ILE A 70 45.64 -22.18 -63.82
CA ILE A 70 46.09 -20.81 -63.65
C ILE A 70 44.89 -19.88 -63.71
N PHE A 71 44.82 -18.92 -62.79
CA PHE A 71 43.74 -17.96 -62.71
C PHE A 71 44.23 -16.60 -63.19
N TRP A 72 43.43 -15.93 -64.02
CA TRP A 72 43.74 -14.59 -64.48
C TRP A 72 42.62 -14.15 -65.42
N ALA A 73 42.58 -12.85 -65.69
CA ALA A 73 41.59 -12.31 -66.62
C ALA A 73 41.73 -12.97 -67.99
N HIS A 74 40.62 -12.98 -68.74
CA HIS A 74 40.58 -13.65 -70.03
C HIS A 74 41.34 -12.91 -71.13
N ASP A 75 41.68 -11.64 -70.94
CA ASP A 75 42.38 -10.90 -71.99
C ASP A 75 43.73 -11.51 -72.29
N ARG A 76 44.50 -11.88 -71.25
CA ARG A 76 45.79 -12.52 -71.46
C ARG A 76 45.63 -13.93 -72.02
N PHE A 77 44.49 -14.59 -71.74
CA PHE A 77 44.30 -15.97 -72.17
C PHE A 77 44.26 -16.12 -73.68
N GLY A 78 43.98 -15.03 -74.42
CA GLY A 78 43.97 -15.13 -75.87
C GLY A 78 45.35 -15.45 -76.43
N GLY A 79 46.35 -14.65 -76.06
CA GLY A 79 47.70 -14.92 -76.50
C GLY A 79 48.24 -16.24 -75.99
N TYR A 80 47.75 -16.69 -74.83
CA TYR A 80 48.16 -18.00 -74.32
C TYR A 80 47.79 -19.10 -75.31
N ALA A 81 46.55 -19.08 -75.80
CA ALA A 81 46.11 -20.11 -76.74
C ALA A 81 46.86 -20.01 -78.06
N GLN A 82 47.07 -18.79 -78.55
CA GLN A 82 47.84 -18.63 -79.78
C GLN A 82 49.26 -19.16 -79.60
N SER A 83 49.79 -19.10 -78.38
CA SER A 83 51.08 -19.70 -78.06
C SER A 83 50.97 -21.20 -77.82
N GLY A 84 49.77 -21.73 -77.67
CA GLY A 84 49.60 -23.15 -77.39
C GLY A 84 49.79 -23.53 -75.94
N LEU A 85 49.50 -22.60 -75.02
CA LEU A 85 49.74 -22.84 -73.59
C LEU A 85 48.53 -23.34 -72.84
N LEU A 86 47.32 -23.19 -73.39
CA LEU A 86 46.09 -23.57 -72.71
C LEU A 86 45.42 -24.72 -73.45
N ALA A 87 44.99 -25.72 -72.68
CA ALA A 87 44.25 -26.84 -73.25
C ALA A 87 42.78 -26.47 -73.43
N GLU A 88 42.15 -27.11 -74.42
CA GLU A 88 40.74 -26.84 -74.70
C GLU A 88 39.88 -27.59 -73.71
N ILE A 89 39.12 -26.84 -72.90
CA ILE A 89 38.22 -27.47 -71.94
C ILE A 89 37.00 -28.03 -72.67
N THR A 90 36.38 -29.03 -72.06
CA THR A 90 35.26 -29.75 -72.66
C THR A 90 34.14 -29.92 -71.64
N PRO A 91 33.44 -28.84 -71.29
CA PRO A 91 32.23 -28.97 -70.47
C PRO A 91 31.01 -29.32 -71.31
N ASP A 92 30.14 -30.13 -70.73
CA ASP A 92 28.92 -30.52 -71.42
C ASP A 92 27.90 -29.39 -71.38
N LYS A 93 26.80 -29.58 -72.10
CA LYS A 93 25.76 -28.56 -72.15
C LYS A 93 25.17 -28.29 -70.77
N ALA A 94 25.16 -29.31 -69.90
CA ALA A 94 24.62 -29.11 -68.55
C ALA A 94 25.43 -28.08 -67.78
N PHE A 95 26.76 -28.23 -67.78
CA PHE A 95 27.60 -27.27 -67.07
C PHE A 95 27.62 -25.92 -67.77
N GLN A 96 27.52 -25.91 -69.10
CA GLN A 96 27.45 -24.65 -69.82
C GLN A 96 26.21 -23.85 -69.42
N ASP A 97 25.15 -24.53 -69.00
CA ASP A 97 23.94 -23.84 -68.56
C ASP A 97 24.05 -23.31 -67.14
N LYS A 98 25.03 -23.78 -66.36
CA LYS A 98 25.22 -23.27 -65.02
C LYS A 98 25.83 -21.88 -64.99
N LEU A 99 26.53 -21.49 -66.05
CA LEU A 99 27.13 -20.16 -66.16
C LEU A 99 26.34 -19.32 -67.16
N TYR A 100 26.34 -18.02 -66.95
CA TYR A 100 25.64 -17.13 -67.86
C TYR A 100 26.21 -17.27 -69.27
N PRO A 101 25.36 -17.27 -70.30
CA PRO A 101 25.86 -17.54 -71.65
C PRO A 101 26.92 -16.57 -72.13
N PHE A 102 26.80 -15.28 -71.79
CA PHE A 102 27.74 -14.30 -72.30
C PHE A 102 29.14 -14.46 -71.73
N THR A 103 29.29 -15.16 -70.60
CA THR A 103 30.61 -15.33 -70.01
C THR A 103 31.46 -16.30 -70.82
N TRP A 104 30.84 -17.24 -71.52
CA TRP A 104 31.60 -18.18 -72.34
C TRP A 104 32.27 -17.50 -73.53
N ASP A 105 31.73 -16.37 -73.99
CA ASP A 105 32.34 -15.67 -75.12
C ASP A 105 33.72 -15.12 -74.76
N ALA A 106 33.93 -14.76 -73.49
CA ALA A 106 35.21 -14.19 -73.07
C ALA A 106 36.30 -15.25 -72.94
N VAL A 107 35.94 -16.52 -72.86
CA VAL A 107 36.91 -17.60 -72.74
C VAL A 107 36.96 -18.45 -74.00
N ARG A 108 36.53 -17.90 -75.13
CA ARG A 108 36.47 -18.61 -76.41
C ARG A 108 37.44 -17.93 -77.36
N TYR A 109 38.59 -18.56 -77.58
CA TYR A 109 39.63 -18.05 -78.47
C TYR A 109 39.76 -18.98 -79.67
N ASN A 110 39.63 -18.42 -80.87
CA ASN A 110 39.70 -19.16 -82.12
C ASN A 110 38.53 -20.15 -82.26
N GLY A 111 37.44 -19.91 -81.53
CA GLY A 111 36.26 -20.75 -81.63
C GLY A 111 36.20 -21.91 -80.66
N LYS A 112 37.20 -22.07 -79.79
CA LYS A 112 37.24 -23.17 -78.85
C LYS A 112 37.41 -22.65 -77.43
N LEU A 113 36.72 -23.28 -76.50
CA LEU A 113 36.78 -22.87 -75.10
C LEU A 113 38.15 -23.20 -74.51
N ILE A 114 38.79 -22.20 -73.90
CA ILE A 114 40.15 -22.37 -73.40
C ILE A 114 40.27 -21.86 -71.97
N ALA A 115 39.14 -21.75 -71.27
CA ALA A 115 39.17 -21.31 -69.88
C ALA A 115 37.77 -21.38 -69.30
N TYR A 116 37.71 -21.51 -67.97
CA TYR A 116 36.45 -21.53 -67.24
C TYR A 116 36.19 -20.15 -66.66
N PRO A 117 35.06 -19.50 -66.94
CA PRO A 117 34.77 -18.21 -66.31
C PRO A 117 34.48 -18.37 -64.83
N ILE A 118 35.01 -17.44 -64.04
CA ILE A 118 34.84 -17.48 -62.59
C ILE A 118 34.08 -16.26 -62.11
N ALA A 119 34.62 -15.07 -62.35
CA ALA A 119 34.02 -13.82 -61.89
C ALA A 119 33.89 -12.85 -63.05
N VAL A 120 32.86 -12.00 -62.97
CA VAL A 120 32.58 -11.00 -63.99
C VAL A 120 32.82 -9.62 -63.39
N GLU A 121 33.39 -8.72 -64.19
CA GLU A 121 33.77 -7.40 -63.72
C GLU A 121 33.52 -6.38 -64.82
N ALA A 122 32.89 -5.27 -64.46
CA ALA A 122 32.61 -4.21 -65.42
C ALA A 122 32.37 -2.91 -64.68
N LEU A 123 32.46 -1.80 -65.41
CA LEU A 123 32.25 -0.48 -64.83
C LEU A 123 30.77 -0.29 -64.47
N SER A 124 30.54 0.53 -63.45
CA SER A 124 29.20 0.88 -63.00
C SER A 124 29.16 2.36 -62.66
N LEU A 125 27.95 2.86 -62.42
CA LEU A 125 27.74 4.26 -62.05
C LEU A 125 27.63 4.36 -60.53
N ILE A 126 28.63 4.97 -59.90
CA ILE A 126 28.64 5.18 -58.46
C ILE A 126 28.19 6.60 -58.18
N TYR A 127 27.21 6.75 -57.29
CA TYR A 127 26.61 8.04 -57.00
C TYR A 127 26.51 8.25 -55.51
N ASN A 128 26.52 9.53 -55.11
CA ASN A 128 26.38 9.90 -53.71
C ASN A 128 24.91 9.99 -53.37
N LYS A 129 24.46 9.14 -52.44
CA LYS A 129 23.04 9.10 -52.09
C LYS A 129 22.58 10.39 -51.43
N ASP A 130 23.46 11.03 -50.65
CA ASP A 130 23.08 12.27 -49.98
C ASP A 130 22.86 13.41 -50.97
N LEU A 131 23.59 13.41 -52.08
CA LEU A 131 23.42 14.44 -53.11
C LEU A 131 22.37 14.05 -54.15
N LEU A 132 22.28 12.76 -54.48
CA LEU A 132 21.36 12.25 -55.49
C LEU A 132 20.68 11.00 -54.96
N PRO A 133 19.49 11.13 -54.37
CA PRO A 133 18.73 9.93 -54.00
C PRO A 133 18.32 9.10 -55.20
N ASN A 134 17.97 9.76 -56.31
CA ASN A 134 17.60 9.09 -57.55
C ASN A 134 18.63 9.41 -58.62
N PRO A 135 19.56 8.50 -58.93
CA PRO A 135 20.57 8.80 -59.94
C PRO A 135 19.94 8.85 -61.32
N PRO A 136 20.54 9.59 -62.26
CA PRO A 136 19.95 9.70 -63.60
C PRO A 136 20.12 8.40 -64.39
N LYS A 137 19.07 8.04 -65.13
CA LYS A 137 19.09 6.85 -65.95
C LYS A 137 19.59 7.11 -67.36
N THR A 138 19.80 8.36 -67.75
CA THR A 138 20.21 8.72 -69.09
C THR A 138 21.38 9.69 -69.03
N TRP A 139 22.26 9.58 -70.04
CA TRP A 139 23.36 10.53 -70.16
C TRP A 139 22.89 11.94 -70.46
N GLU A 140 21.71 12.09 -71.06
CA GLU A 140 21.22 13.40 -71.45
C GLU A 140 20.82 14.27 -70.26
N GLU A 141 20.55 13.66 -69.11
CA GLU A 141 20.11 14.41 -67.94
C GLU A 141 21.27 15.00 -67.14
N ILE A 142 22.51 14.62 -67.45
CA ILE A 142 23.67 15.04 -66.67
C ILE A 142 23.98 16.52 -66.87
N PRO A 143 23.95 17.03 -68.11
CA PRO A 143 24.20 18.47 -68.29
C PRO A 143 23.31 19.35 -67.43
N ALA A 144 22.00 19.07 -67.41
CA ALA A 144 21.10 19.86 -66.58
C ALA A 144 21.30 19.56 -65.10
N LEU A 145 21.71 18.34 -64.77
CA LEU A 145 21.96 18.00 -63.37
C LEU A 145 23.23 18.66 -62.86
N ASP A 146 24.20 18.90 -63.75
CA ASP A 146 25.44 19.57 -63.35
C ASP A 146 25.21 21.07 -63.16
N LYS A 147 24.45 21.69 -64.05
CA LYS A 147 24.11 23.10 -63.90
C LYS A 147 23.44 23.35 -62.55
N GLU A 148 22.59 22.41 -62.10
CA GLU A 148 21.95 22.54 -60.80
C GLU A 148 22.98 22.43 -59.68
N LEU A 149 23.86 21.44 -59.75
CA LEU A 149 24.85 21.22 -58.69
C LEU A 149 25.98 22.24 -58.74
N LYS A 150 26.17 22.94 -59.85
CA LYS A 150 27.18 24.00 -59.89
C LYS A 150 26.77 25.20 -59.06
N ALA A 151 25.47 25.47 -58.96
CA ALA A 151 25.00 26.57 -58.13
C ALA A 151 25.28 26.32 -56.65
N LYS A 152 25.36 25.06 -56.25
CA LYS A 152 25.63 24.69 -54.86
C LYS A 152 27.09 24.35 -54.62
N GLY A 153 27.98 24.77 -55.51
CA GLY A 153 29.40 24.55 -55.31
C GLY A 153 29.85 23.11 -55.47
N LYS A 154 29.20 22.35 -56.34
CA LYS A 154 29.59 20.96 -56.60
C LYS A 154 29.45 20.70 -58.10
N SER A 155 29.65 19.43 -58.48
CA SER A 155 29.53 19.02 -59.87
C SER A 155 28.77 17.70 -59.92
N ALA A 156 28.34 17.34 -61.13
CA ALA A 156 27.51 16.15 -61.30
C ALA A 156 28.35 14.88 -61.41
N LEU A 157 29.24 14.83 -62.40
CA LEU A 157 29.97 13.62 -62.71
C LEU A 157 31.42 13.93 -63.02
N MET A 158 32.34 13.15 -62.45
CA MET A 158 33.77 13.25 -62.74
C MET A 158 34.36 11.86 -62.76
N PHE A 159 34.83 11.43 -63.94
CA PHE A 159 35.47 10.14 -64.08
C PHE A 159 36.68 10.28 -64.99
N ASN A 160 37.44 9.20 -65.09
CA ASN A 160 38.69 9.22 -65.86
C ASN A 160 38.40 9.42 -67.34
N LEU A 161 39.02 10.44 -67.93
CA LEU A 161 38.90 10.70 -69.35
C LEU A 161 40.18 10.40 -70.12
N GLN A 162 41.24 9.97 -69.43
CA GLN A 162 42.52 9.73 -70.08
C GLN A 162 42.56 8.39 -70.79
N GLU A 163 42.31 7.31 -70.05
CA GLU A 163 42.30 5.99 -70.68
C GLU A 163 40.97 5.74 -71.37
N PRO A 164 40.98 5.14 -72.57
CA PRO A 164 39.71 4.86 -73.25
C PRO A 164 38.85 3.81 -72.57
N TYR A 165 39.41 3.06 -71.62
CA TYR A 165 38.61 2.06 -70.90
C TYR A 165 37.45 2.70 -70.16
N PHE A 166 37.62 3.93 -69.67
CA PHE A 166 36.59 4.61 -68.91
C PHE A 166 35.65 5.43 -69.78
N THR A 167 36.08 5.83 -70.98
CA THR A 167 35.24 6.63 -71.87
C THR A 167 34.52 5.79 -72.91
N TRP A 168 34.86 4.52 -73.04
CA TRP A 168 34.25 3.64 -74.03
C TRP A 168 32.77 3.39 -73.74
N PRO A 169 32.36 3.24 -72.48
CA PRO A 169 30.93 3.02 -72.21
C PRO A 169 30.02 4.02 -72.90
N LEU A 170 30.42 5.29 -72.97
CA LEU A 170 29.60 6.29 -73.64
C LEU A 170 29.84 6.30 -75.15
N ILE A 171 31.06 6.00 -75.59
CA ILE A 171 31.37 6.07 -77.01
C ILE A 171 30.73 4.91 -77.76
N ALA A 172 30.68 3.73 -77.14
CA ALA A 172 30.12 2.54 -77.77
C ALA A 172 28.64 2.36 -77.50
N ALA A 173 28.00 3.30 -76.80
CA ALA A 173 26.60 3.10 -76.40
C ALA A 173 25.68 3.09 -77.61
N ASP A 174 25.97 3.92 -78.62
CA ASP A 174 25.09 4.07 -79.77
C ASP A 174 25.43 3.12 -80.92
N GLY A 175 26.46 2.28 -80.77
CA GLY A 175 26.75 1.30 -81.80
C GLY A 175 28.21 1.10 -82.11
N GLY A 176 29.08 1.36 -81.13
CA GLY A 176 30.50 1.18 -81.31
C GLY A 176 30.98 -0.17 -80.81
N TYR A 177 32.13 -0.59 -81.31
CA TYR A 177 32.72 -1.86 -80.91
C TYR A 177 34.18 -1.89 -81.34
N ALA A 178 34.99 -2.63 -80.56
CA ALA A 178 36.41 -2.73 -80.85
C ALA A 178 36.64 -3.54 -82.13
N PHE A 179 36.35 -4.84 -82.08
CA PHE A 179 36.42 -5.72 -83.23
C PHE A 179 35.15 -6.56 -83.28
N LYS A 180 34.64 -6.78 -84.49
CA LYS A 180 33.39 -7.52 -84.62
C LYS A 180 33.61 -8.99 -84.27
N TYR A 181 32.75 -9.51 -83.41
CA TYR A 181 32.84 -10.87 -82.90
C TYR A 181 31.75 -11.71 -83.55
N GLU A 182 32.16 -12.81 -84.20
CA GLU A 182 31.23 -13.67 -84.90
C GLU A 182 31.68 -15.11 -84.77
N ASN A 183 30.69 -16.02 -84.66
CA ASN A 183 30.94 -17.46 -84.63
C ASN A 183 31.97 -17.84 -83.58
N GLY A 184 32.32 -16.91 -82.70
CA GLY A 184 33.30 -17.15 -81.66
C GLY A 184 34.69 -16.63 -81.95
N LYS A 185 34.86 -15.79 -82.98
CA LYS A 185 36.17 -15.27 -83.36
C LYS A 185 36.11 -13.75 -83.46
N TYR A 186 37.25 -13.14 -83.81
CA TYR A 186 37.36 -11.69 -83.95
C TYR A 186 37.93 -11.36 -85.31
N ASP A 187 37.39 -10.31 -85.94
CA ASP A 187 37.81 -9.86 -87.26
C ASP A 187 38.67 -8.61 -87.09
N ILE A 188 39.98 -8.79 -87.18
CA ILE A 188 40.92 -7.68 -87.01
C ILE A 188 40.70 -6.60 -88.06
N LYS A 189 40.10 -6.94 -89.19
CA LYS A 189 39.88 -5.99 -90.27
C LYS A 189 38.56 -5.25 -90.15
N ASP A 190 37.78 -5.49 -89.09
CA ASP A 190 36.47 -4.87 -88.90
C ASP A 190 36.47 -4.19 -87.54
N VAL A 191 36.88 -2.92 -87.52
CA VAL A 191 36.92 -2.12 -86.30
C VAL A 191 35.74 -1.16 -86.32
N GLY A 192 34.96 -1.17 -85.24
CA GLY A 192 33.80 -0.30 -85.14
C GLY A 192 34.06 0.95 -84.34
N VAL A 193 34.88 1.84 -84.87
CA VAL A 193 35.26 3.06 -84.16
C VAL A 193 34.72 4.33 -84.82
N ASP A 194 34.63 4.36 -86.14
CA ASP A 194 34.16 5.56 -86.83
C ASP A 194 32.84 5.34 -87.53
N ASN A 195 31.81 4.99 -86.77
CA ASN A 195 30.45 4.87 -87.29
C ASN A 195 29.56 5.93 -86.67
N ALA A 196 28.31 6.01 -87.17
CA ALA A 196 27.40 7.04 -86.70
C ALA A 196 27.17 6.95 -85.20
N GLY A 197 27.26 5.75 -84.63
CA GLY A 197 27.03 5.61 -83.20
C GLY A 197 28.19 6.13 -82.36
N ALA A 198 29.42 5.71 -82.70
CA ALA A 198 30.58 6.16 -81.96
C ALA A 198 30.79 7.67 -82.12
N LYS A 199 30.40 8.23 -83.27
CA LYS A 199 30.54 9.67 -83.46
C LYS A 199 29.62 10.45 -82.53
N ALA A 200 28.39 9.97 -82.34
CA ALA A 200 27.48 10.64 -81.41
C ALA A 200 27.94 10.47 -79.97
N GLY A 201 28.37 9.26 -79.60
CA GLY A 201 28.84 9.05 -78.25
C GLY A 201 30.04 9.91 -77.90
N LEU A 202 31.00 10.02 -78.82
CA LEU A 202 32.17 10.85 -78.57
C LEU A 202 31.83 12.33 -78.65
N THR A 203 30.90 12.71 -79.55
CA THR A 203 30.48 14.10 -79.62
C THR A 203 29.86 14.56 -78.30
N PHE A 204 28.97 13.73 -77.74
CA PHE A 204 28.37 14.08 -76.45
C PHE A 204 29.41 14.13 -75.34
N LEU A 205 30.44 13.30 -75.44
CA LEU A 205 31.54 13.38 -74.47
C LEU A 205 32.30 14.69 -74.60
N VAL A 206 32.54 15.13 -75.84
CA VAL A 206 33.26 16.39 -76.05
C VAL A 206 32.37 17.57 -75.70
N ASP A 207 31.09 17.51 -76.05
CA ASP A 207 30.18 18.61 -75.73
C ASP A 207 30.05 18.79 -74.22
N LEU A 208 30.16 17.71 -73.45
CA LEU A 208 30.18 17.85 -71.99
C LEU A 208 31.39 18.64 -71.54
N ILE A 209 32.51 18.52 -72.25
CA ILE A 209 33.73 19.25 -71.87
C ILE A 209 33.67 20.68 -72.36
N LYS A 210 33.18 20.90 -73.59
CA LYS A 210 33.09 22.25 -74.12
C LYS A 210 32.08 23.10 -73.34
N ASN A 211 31.03 22.48 -72.82
CA ASN A 211 30.05 23.18 -72.00
C ASN A 211 30.44 23.23 -70.53
N LYS A 212 31.72 23.00 -70.22
CA LYS A 212 32.27 23.14 -68.88
C LYS A 212 31.58 22.23 -67.86
N HIS A 213 30.99 21.13 -68.31
CA HIS A 213 30.44 20.13 -67.40
C HIS A 213 31.48 19.12 -66.96
N MET A 214 32.56 18.94 -67.72
CA MET A 214 33.68 18.10 -67.35
C MET A 214 34.97 18.73 -67.84
N ASN A 215 36.05 18.46 -67.12
CA ASN A 215 37.37 18.95 -67.48
C ASN A 215 38.14 17.87 -68.23
N ALA A 216 38.72 18.25 -69.37
CA ALA A 216 39.37 17.28 -70.24
C ALA A 216 40.60 16.63 -69.60
N ASP A 217 41.22 17.28 -68.61
CA ASP A 217 42.44 16.78 -68.00
C ASP A 217 42.17 16.00 -66.72
N THR A 218 41.04 15.30 -66.64
CA THR A 218 40.70 14.51 -65.46
C THR A 218 41.18 13.08 -65.66
N ASP A 219 42.00 12.60 -64.71
CA ASP A 219 42.50 11.24 -64.74
C ASP A 219 41.87 10.44 -63.60
N TYR A 220 42.49 9.30 -63.27
CA TYR A 220 41.90 8.40 -62.28
C TYR A 220 41.99 8.97 -60.87
N SER A 221 43.15 9.54 -60.51
CA SER A 221 43.32 10.07 -59.17
C SER A 221 42.43 11.28 -58.93
N ILE A 222 42.33 12.17 -59.90
CA ILE A 222 41.50 13.37 -59.74
C ILE A 222 40.04 12.99 -59.54
N ALA A 223 39.58 11.95 -60.26
CA ALA A 223 38.18 11.55 -60.15
C ALA A 223 37.92 10.81 -58.85
N GLU A 224 38.83 9.92 -58.45
CA GLU A 224 38.63 9.16 -57.21
C GLU A 224 38.61 10.10 -56.01
N ALA A 225 39.44 11.13 -56.02
CA ALA A 225 39.49 12.05 -54.88
C ALA A 225 38.27 12.96 -54.84
N ALA A 226 37.81 13.43 -56.01
CA ALA A 226 36.67 14.32 -56.05
C ALA A 226 35.41 13.64 -55.51
N PHE A 227 35.26 12.34 -55.74
CA PHE A 227 34.09 11.63 -55.25
C PHE A 227 34.23 11.27 -53.78
N ASN A 228 35.44 10.90 -53.35
CA ASN A 228 35.64 10.56 -51.94
C ASN A 228 35.45 11.77 -51.04
N LYS A 229 35.85 12.95 -51.51
CA LYS A 229 35.72 14.18 -50.73
C LYS A 229 34.30 14.73 -50.73
N GLY A 230 33.40 14.18 -51.55
CA GLY A 230 32.05 14.68 -51.61
C GLY A 230 31.88 15.91 -52.48
N GLU A 231 32.79 16.16 -53.41
CA GLU A 231 32.72 17.34 -54.26
C GLU A 231 31.95 17.10 -55.54
N THR A 232 31.94 15.88 -56.06
CA THR A 232 31.18 15.51 -57.23
C THR A 232 30.13 14.48 -56.86
N ALA A 233 28.99 14.54 -57.55
CA ALA A 233 27.85 13.70 -57.18
C ALA A 233 27.98 12.28 -57.70
N MET A 234 28.69 12.08 -58.82
CA MET A 234 28.76 10.77 -59.45
C MET A 234 30.17 10.49 -59.92
N THR A 235 30.45 9.20 -60.15
CA THR A 235 31.72 8.77 -60.71
C THR A 235 31.51 7.41 -61.35
N ILE A 236 32.43 7.05 -62.24
CA ILE A 236 32.39 5.78 -62.96
C ILE A 236 33.62 4.98 -62.57
N ASN A 237 33.40 3.83 -61.94
CA ASN A 237 34.51 3.00 -61.49
C ASN A 237 34.01 1.57 -61.31
N GLY A 238 34.95 0.66 -61.06
CA GLY A 238 34.65 -0.74 -60.90
C GLY A 238 34.72 -1.19 -59.46
N PRO A 239 34.40 -2.47 -59.22
CA PRO A 239 34.40 -2.98 -57.83
C PRO A 239 35.72 -2.84 -57.12
N TRP A 240 36.83 -2.69 -57.85
CA TRP A 240 38.13 -2.53 -57.22
C TRP A 240 38.23 -1.26 -56.39
N ALA A 241 37.42 -0.25 -56.70
CA ALA A 241 37.49 1.04 -56.04
C ALA A 241 36.50 1.17 -54.89
N TRP A 242 35.73 0.12 -54.58
CA TRP A 242 34.75 0.21 -53.51
C TRP A 242 35.42 0.36 -52.15
N SER A 243 36.63 -0.19 -51.99
CA SER A 243 37.33 -0.07 -50.71
C SER A 243 37.68 1.37 -50.39
N ASN A 244 38.16 2.12 -51.40
CA ASN A 244 38.50 3.52 -51.17
C ASN A 244 37.29 4.35 -50.79
N ILE A 245 36.11 4.01 -51.32
CA ILE A 245 34.92 4.77 -50.97
C ILE A 245 34.41 4.40 -49.59
N ASP A 246 34.66 3.16 -49.15
CA ASP A 246 34.25 2.76 -47.80
C ASP A 246 35.03 3.52 -46.74
N THR A 247 36.29 3.87 -47.00
CA THR A 247 37.07 4.62 -46.02
C THR A 247 36.63 6.08 -45.95
N SER A 248 36.14 6.64 -47.06
CA SER A 248 35.70 8.03 -47.07
C SER A 248 34.37 8.22 -46.35
N LYS A 249 33.69 7.15 -45.96
CA LYS A 249 32.44 7.24 -45.22
C LYS A 249 31.37 8.00 -46.01
N VAL A 250 31.39 7.87 -47.33
CA VAL A 250 30.40 8.51 -48.19
C VAL A 250 29.27 7.53 -48.46
N ASN A 251 28.04 7.92 -48.13
CA ASN A 251 26.88 7.09 -48.44
C ASN A 251 26.71 7.00 -49.94
N TYR A 252 27.27 5.95 -50.55
CA TYR A 252 27.29 5.81 -52.00
C TYR A 252 26.49 4.58 -52.43
N GLY A 253 26.04 4.61 -53.68
CA GLY A 253 25.36 3.48 -54.27
C GLY A 253 25.94 3.14 -55.62
N VAL A 254 25.87 1.86 -55.98
CA VAL A 254 26.35 1.36 -57.26
C VAL A 254 25.14 0.97 -58.08
N THR A 255 24.89 1.69 -59.17
CA THR A 255 23.73 1.49 -60.00
C THR A 255 24.15 1.29 -61.45
N VAL A 256 23.17 1.03 -62.31
CA VAL A 256 23.45 0.80 -63.72
C VAL A 256 23.89 2.10 -64.38
N LEU A 257 24.76 1.98 -65.38
CA LEU A 257 25.25 3.15 -66.10
C LEU A 257 24.11 3.79 -66.90
N PRO A 258 24.17 5.10 -67.11
CA PRO A 258 23.12 5.76 -67.87
C PRO A 258 23.09 5.31 -69.32
N THR A 259 21.92 5.48 -69.93
CA THR A 259 21.75 5.16 -71.35
C THR A 259 22.02 6.40 -72.19
N PHE A 260 22.39 6.17 -73.45
CA PHE A 260 22.64 7.23 -74.41
C PHE A 260 21.78 6.98 -75.64
N LYS A 261 20.86 7.90 -75.92
CA LYS A 261 19.93 7.77 -77.03
C LYS A 261 19.19 6.43 -76.96
N GLY A 262 18.66 6.14 -75.77
CA GLY A 262 17.91 4.92 -75.54
C GLY A 262 18.73 3.66 -75.40
N GLN A 263 19.99 3.67 -75.84
CA GLN A 263 20.84 2.49 -75.77
C GLN A 263 21.70 2.52 -74.51
N PRO A 264 21.85 1.38 -73.83
CA PRO A 264 22.66 1.36 -72.60
C PRO A 264 24.14 1.50 -72.91
N SER A 265 24.88 1.96 -71.91
CA SER A 265 26.32 2.08 -72.04
C SER A 265 26.95 0.70 -72.19
N LYS A 266 28.08 0.65 -72.90
CA LYS A 266 28.78 -0.59 -73.20
C LYS A 266 30.18 -0.55 -72.62
N PRO A 267 30.33 -0.85 -71.33
CA PRO A 267 31.66 -0.98 -70.75
C PRO A 267 32.27 -2.33 -71.09
N PHE A 268 33.60 -2.36 -71.12
CA PHE A 268 34.30 -3.62 -71.37
C PHE A 268 34.10 -4.57 -70.20
N VAL A 269 33.89 -5.84 -70.51
CA VAL A 269 33.66 -6.88 -69.51
C VAL A 269 34.95 -7.65 -69.32
N GLY A 270 35.42 -7.71 -68.08
CA GLY A 270 36.59 -8.51 -67.72
C GLY A 270 36.15 -9.71 -66.89
N VAL A 271 36.61 -10.88 -67.30
CA VAL A 271 36.20 -12.15 -66.70
C VAL A 271 37.42 -12.82 -66.09
N LEU A 272 37.37 -13.04 -64.77
CA LEU A 272 38.37 -13.87 -64.11
C LEU A 272 38.19 -15.32 -64.56
N SER A 273 39.22 -15.89 -65.17
CA SER A 273 39.11 -17.20 -65.78
C SER A 273 40.15 -18.16 -65.21
N ALA A 274 39.84 -19.44 -65.28
CA ALA A 274 40.74 -20.51 -64.83
C ALA A 274 41.04 -21.39 -66.04
N GLY A 275 42.31 -21.40 -66.46
CA GLY A 275 42.74 -22.15 -67.62
C GLY A 275 43.51 -23.40 -67.21
N ILE A 276 43.45 -24.41 -68.07
CA ILE A 276 44.17 -25.67 -67.85
C ILE A 276 45.41 -25.67 -68.75
N ASN A 277 46.54 -26.03 -68.18
CA ASN A 277 47.80 -26.01 -68.92
C ASN A 277 47.76 -27.04 -70.04
N ALA A 278 48.20 -26.63 -71.23
CA ALA A 278 48.17 -27.52 -72.39
C ALA A 278 49.12 -28.70 -72.22
N ALA A 279 50.18 -28.56 -71.42
CA ALA A 279 51.15 -29.61 -71.18
C ALA A 279 50.93 -30.32 -69.84
N SER A 280 49.80 -30.09 -69.20
CA SER A 280 49.55 -30.69 -67.89
C SER A 280 49.11 -32.15 -68.06
N PRO A 281 49.61 -33.06 -67.20
CA PRO A 281 49.15 -34.44 -67.23
C PRO A 281 47.86 -34.68 -66.44
N ASN A 282 47.33 -33.65 -65.78
CA ASN A 282 46.16 -33.78 -64.93
C ASN A 282 45.00 -32.97 -65.47
N LYS A 283 44.80 -32.99 -66.79
CA LYS A 283 43.72 -32.23 -67.39
C LYS A 283 42.35 -32.73 -66.95
N GLU A 284 42.18 -34.05 -66.88
CA GLU A 284 40.91 -34.59 -66.42
C GLU A 284 40.66 -34.27 -64.95
N LEU A 285 41.72 -34.31 -64.13
CA LEU A 285 41.56 -34.00 -62.72
C LEU A 285 41.26 -32.52 -62.51
N ALA A 286 41.91 -31.64 -63.30
CA ALA A 286 41.59 -30.22 -63.24
C ALA A 286 40.17 -29.95 -63.69
N LYS A 287 39.65 -30.77 -64.60
CA LYS A 287 38.27 -30.62 -65.05
C LYS A 287 37.29 -31.00 -63.95
N GLU A 288 37.59 -32.10 -63.23
CA GLU A 288 36.73 -32.49 -62.11
C GLU A 288 36.77 -31.44 -61.01
N PHE A 289 37.94 -30.86 -60.75
CA PHE A 289 38.06 -29.90 -59.66
C PHE A 289 37.31 -28.61 -59.99
N LEU A 290 37.49 -28.09 -61.21
CA LEU A 290 36.90 -26.81 -61.55
C LEU A 290 35.38 -26.90 -61.69
N GLU A 291 34.88 -27.99 -62.27
CA GLU A 291 33.45 -28.08 -62.56
C GLU A 291 32.65 -28.55 -61.34
N ASN A 292 33.21 -29.46 -60.54
CA ASN A 292 32.44 -30.09 -59.48
C ASN A 292 32.84 -29.64 -58.08
N TYR A 293 33.89 -28.85 -57.92
CA TYR A 293 34.32 -28.45 -56.59
C TYR A 293 34.43 -26.93 -56.46
N LEU A 294 35.08 -26.29 -57.43
CA LEU A 294 35.25 -24.84 -57.37
C LEU A 294 34.00 -24.11 -57.84
N LEU A 295 33.55 -24.41 -59.05
CA LEU A 295 32.39 -23.73 -59.62
C LEU A 295 31.08 -24.28 -59.07
N THR A 296 30.99 -24.36 -57.75
CA THR A 296 29.76 -24.71 -57.05
C THR A 296 29.47 -23.64 -56.01
N ASP A 297 28.25 -23.65 -55.47
CA ASP A 297 27.88 -22.67 -54.45
C ASP A 297 28.83 -22.74 -53.26
N GLU A 298 29.03 -23.94 -52.72
CA GLU A 298 29.93 -24.08 -51.59
C GLU A 298 31.38 -23.76 -51.97
N GLY A 299 31.76 -24.01 -53.21
CA GLY A 299 33.13 -23.73 -53.63
C GLY A 299 33.40 -22.25 -53.78
N LEU A 300 32.58 -21.56 -54.58
CA LEU A 300 32.79 -20.13 -54.78
C LEU A 300 32.58 -19.34 -53.50
N GLU A 301 31.71 -19.82 -52.62
CA GLU A 301 31.51 -19.13 -51.35
C GLU A 301 32.76 -19.19 -50.47
N ALA A 302 33.44 -20.33 -50.49
CA ALA A 302 34.68 -20.45 -49.72
C ALA A 302 35.73 -19.47 -50.21
N VAL A 303 35.78 -19.25 -51.53
CA VAL A 303 36.72 -18.28 -52.08
C VAL A 303 36.24 -16.85 -51.83
N ASN A 304 34.95 -16.61 -52.01
CA ASN A 304 34.42 -15.27 -51.81
C ASN A 304 34.48 -14.86 -50.35
N LYS A 305 34.39 -15.81 -49.42
CA LYS A 305 34.48 -15.48 -48.01
C LYS A 305 35.88 -15.02 -47.63
N ASP A 306 36.91 -15.49 -48.34
CA ASP A 306 38.27 -15.05 -48.06
C ASP A 306 38.57 -13.71 -48.72
N LYS A 307 38.13 -13.55 -49.97
CA LYS A 307 38.27 -12.28 -50.69
C LYS A 307 37.14 -12.17 -51.68
N PRO A 308 36.34 -11.09 -51.62
CA PRO A 308 35.15 -11.02 -52.47
C PRO A 308 35.49 -11.05 -53.95
N LEU A 309 34.70 -11.80 -54.71
CA LEU A 309 34.84 -11.91 -56.15
C LEU A 309 34.00 -10.92 -56.93
N GLY A 310 33.04 -10.27 -56.29
CA GLY A 310 32.09 -9.46 -57.04
C GLY A 310 31.08 -10.36 -57.74
N ALA A 311 30.69 -9.94 -58.94
CA ALA A 311 29.77 -10.74 -59.73
C ALA A 311 30.49 -11.99 -60.25
N VAL A 312 29.86 -13.15 -60.08
CA VAL A 312 30.45 -14.42 -60.51
C VAL A 312 29.61 -14.98 -61.66
N ALA A 313 30.24 -15.86 -62.44
CA ALA A 313 29.59 -16.44 -63.60
C ALA A 313 28.59 -17.54 -63.22
N LEU A 314 28.72 -18.13 -62.04
CA LEU A 314 27.81 -19.20 -61.62
C LEU A 314 26.44 -18.61 -61.31
N LYS A 315 25.42 -19.04 -62.04
CA LYS A 315 24.07 -18.49 -61.85
C LYS A 315 23.57 -18.75 -60.44
N SER A 316 23.70 -19.99 -59.96
CA SER A 316 23.15 -20.35 -58.66
C SER A 316 23.73 -19.50 -57.53
N TYR A 317 25.01 -19.12 -57.64
CA TYR A 317 25.63 -18.29 -56.61
C TYR A 317 25.51 -16.81 -56.89
N GLU A 318 25.24 -16.41 -58.14
CA GLU A 318 25.00 -15.00 -58.43
C GLU A 318 23.66 -14.53 -57.85
N GLU A 319 22.70 -15.44 -57.70
CA GLU A 319 21.42 -15.08 -57.09
C GLU A 319 21.62 -14.56 -55.67
N GLU A 320 22.47 -15.23 -54.90
CA GLU A 320 22.70 -14.81 -53.51
C GLU A 320 23.61 -13.59 -53.44
N LEU A 321 24.62 -13.51 -54.31
CA LEU A 321 25.46 -12.32 -54.35
C LEU A 321 24.69 -11.11 -54.87
N ALA A 322 23.72 -11.32 -55.75
CA ALA A 322 22.94 -10.23 -56.31
C ALA A 322 22.06 -9.53 -55.28
N LYS A 323 21.86 -10.12 -54.10
CA LYS A 323 21.18 -9.41 -53.03
C LYS A 323 21.93 -8.13 -52.65
N ASP A 324 23.24 -8.08 -52.89
CA ASP A 324 24.01 -6.86 -52.76
C ASP A 324 23.78 -6.01 -54.00
N PRO A 325 23.18 -4.82 -53.89
CA PRO A 325 22.89 -4.02 -55.09
C PRO A 325 24.14 -3.63 -55.87
N ARG A 326 25.29 -3.51 -55.20
CA ARG A 326 26.52 -3.16 -55.90
C ARG A 326 26.93 -4.28 -56.86
N ILE A 327 26.91 -5.52 -56.39
CA ILE A 327 27.24 -6.64 -57.27
C ILE A 327 26.14 -6.85 -58.29
N ALA A 328 24.89 -6.56 -57.94
CA ALA A 328 23.80 -6.66 -58.90
C ALA A 328 23.94 -5.65 -60.02
N ALA A 329 24.44 -4.45 -59.73
CA ALA A 329 24.65 -3.45 -60.77
C ALA A 329 25.85 -3.80 -61.65
N THR A 330 26.87 -4.43 -61.07
CA THR A 330 28.03 -4.82 -61.87
C THR A 330 27.65 -5.86 -62.92
N MET A 331 26.85 -6.86 -62.53
CA MET A 331 26.45 -7.89 -63.48
C MET A 331 25.51 -7.32 -64.54
N GLU A 332 24.64 -6.39 -64.15
CA GLU A 332 23.73 -5.78 -65.13
C GLU A 332 24.51 -4.97 -66.16
N ASN A 333 25.49 -4.19 -65.71
CA ASN A 333 26.34 -3.46 -66.65
C ASN A 333 27.18 -4.42 -67.49
N ALA A 334 27.59 -5.55 -66.91
CA ALA A 334 28.36 -6.53 -67.65
C ALA A 334 27.53 -7.17 -68.75
N GLN A 335 26.30 -7.56 -68.44
CA GLN A 335 25.44 -8.17 -69.45
C GLN A 335 25.10 -7.20 -70.58
N LYS A 336 24.99 -5.91 -70.27
CA LYS A 336 24.78 -4.89 -71.28
C LYS A 336 26.08 -4.38 -71.87
N GLY A 337 27.22 -4.80 -71.34
CA GLY A 337 28.51 -4.33 -71.81
C GLY A 337 29.02 -5.11 -73.01
N GLU A 338 30.30 -4.89 -73.31
CA GLU A 338 30.97 -5.51 -74.44
C GLU A 338 32.11 -6.38 -73.93
N ILE A 339 32.15 -7.62 -74.39
CA ILE A 339 33.22 -8.54 -74.00
C ILE A 339 34.54 -8.00 -74.54
N MET A 340 35.50 -7.78 -73.66
CA MET A 340 36.80 -7.27 -74.06
C MET A 340 37.53 -8.32 -74.89
N PRO A 341 37.91 -8.02 -76.13
CA PRO A 341 38.60 -9.03 -76.95
C PRO A 341 39.95 -9.40 -76.35
N ASN A 342 40.32 -10.67 -76.56
CA ASN A 342 41.63 -11.18 -76.16
C ASN A 342 42.57 -11.30 -77.34
N ILE A 343 42.34 -10.52 -78.40
CA ILE A 343 43.17 -10.54 -79.61
C ILE A 343 44.36 -9.61 -79.41
N PRO A 344 45.57 -10.00 -79.83
CA PRO A 344 46.73 -9.12 -79.63
C PRO A 344 46.61 -7.79 -80.36
N GLN A 345 45.80 -7.72 -81.42
CA GLN A 345 45.57 -6.45 -82.10
C GLN A 345 44.90 -5.43 -81.19
N MET A 346 44.35 -5.86 -80.06
CA MET A 346 43.70 -4.94 -79.14
C MET A 346 44.65 -3.83 -78.68
N SER A 347 45.94 -4.12 -78.62
CA SER A 347 46.91 -3.09 -78.22
C SER A 347 46.83 -1.88 -79.14
N ALA A 348 46.72 -2.12 -80.45
CA ALA A 348 46.54 -1.00 -81.39
C ALA A 348 45.25 -0.26 -81.10
N PHE A 349 44.18 -0.99 -80.76
CA PHE A 349 42.91 -0.35 -80.45
C PHE A 349 43.03 0.57 -79.24
N TRP A 350 43.70 0.09 -78.18
CA TRP A 350 43.83 0.92 -76.99
C TRP A 350 44.57 2.22 -77.28
N TYR A 351 45.67 2.14 -78.04
CA TYR A 351 46.43 3.34 -78.36
C TYR A 351 45.68 4.23 -79.33
N ALA A 352 44.98 3.63 -80.29
CA ALA A 352 44.25 4.43 -81.28
C ALA A 352 43.13 5.23 -80.63
N VAL A 353 42.31 4.58 -79.80
CA VAL A 353 41.20 5.28 -79.17
C VAL A 353 41.70 6.29 -78.14
N ARG A 354 42.81 5.99 -77.46
CA ARG A 354 43.34 6.92 -76.48
C ARG A 354 43.65 8.27 -77.12
N THR A 355 44.41 8.25 -78.22
CA THR A 355 44.72 9.51 -78.90
C THR A 355 43.48 10.12 -79.53
N ALA A 356 42.52 9.30 -79.95
CA ALA A 356 41.29 9.83 -80.53
C ALA A 356 40.53 10.68 -79.52
N VAL A 357 40.48 10.23 -78.25
CA VAL A 357 39.75 10.98 -77.24
C VAL A 357 40.53 12.23 -76.84
N ILE A 358 41.83 12.09 -76.57
CA ILE A 358 42.62 13.23 -76.13
C ILE A 358 42.63 14.32 -77.19
N ASN A 359 42.82 13.94 -78.46
CA ASN A 359 42.84 14.93 -79.53
C ASN A 359 41.49 15.60 -79.71
N ALA A 360 40.40 14.89 -79.45
CA ALA A 360 39.07 15.48 -79.58
C ALA A 360 38.73 16.36 -78.38
N ALA A 361 39.23 16.02 -77.20
CA ALA A 361 38.95 16.82 -76.01
C ALA A 361 39.78 18.09 -75.97
N SER A 362 40.95 18.09 -76.61
CA SER A 362 41.82 19.26 -76.63
C SER A 362 41.60 20.15 -77.84
N GLY A 363 40.77 19.73 -78.79
CA GLY A 363 40.53 20.50 -79.98
C GLY A 363 41.53 20.28 -81.10
N ARG A 364 42.51 19.40 -80.92
CA ARG A 364 43.45 19.10 -82.00
C ARG A 364 42.71 18.60 -83.23
N GLN A 365 41.81 17.64 -83.05
CA GLN A 365 41.03 17.06 -84.13
C GLN A 365 39.55 17.09 -83.78
N THR A 366 38.72 17.15 -84.82
CA THR A 366 37.29 17.03 -84.63
C THR A 366 36.92 15.57 -84.36
N VAL A 367 35.68 15.36 -83.92
CA VAL A 367 35.21 14.01 -83.62
C VAL A 367 35.34 13.12 -84.86
N ASP A 368 35.04 13.68 -86.04
CA ASP A 368 35.16 12.90 -87.27
C ASP A 368 36.62 12.57 -87.57
N GLU A 369 37.52 13.54 -87.43
CA GLU A 369 38.93 13.30 -87.73
C GLU A 369 39.54 12.31 -86.75
N ALA A 370 39.20 12.43 -85.47
CA ALA A 370 39.79 11.57 -84.45
C ALA A 370 39.40 10.11 -84.67
N LEU A 371 38.11 9.85 -84.91
CA LEU A 371 37.66 8.48 -85.10
C LEU A 371 38.12 7.91 -86.43
N LYS A 372 38.25 8.75 -87.46
CA LYS A 372 38.73 8.28 -88.76
C LYS A 372 40.15 7.75 -88.64
N ASP A 373 41.03 8.50 -87.95
CA ASP A 373 42.39 8.04 -87.74
C ASP A 373 42.44 6.88 -86.76
N ALA A 374 41.49 6.81 -85.83
CA ALA A 374 41.49 5.74 -84.84
C ALA A 374 41.18 4.38 -85.47
N GLN A 375 40.20 4.34 -86.36
CA GLN A 375 39.89 3.08 -87.03
C GLN A 375 41.04 2.64 -87.92
N THR A 376 41.86 3.57 -88.39
CA THR A 376 43.04 3.23 -89.18
C THR A 376 44.19 2.78 -88.29
N ASN A 377 44.41 3.46 -87.17
CA ASN A 377 45.48 3.09 -86.26
C ASN A 377 45.16 1.82 -85.49
N SER A 378 43.89 1.41 -85.44
CA SER A 378 43.57 0.14 -84.81
C SER A 378 44.07 -1.03 -85.65
N GLY A 379 44.19 -0.84 -86.96
CA GLY A 379 44.75 -1.86 -87.83
C GLY A 379 46.22 -1.64 -88.07
N SER A 380 46.85 -0.85 -87.21
CA SER A 380 48.29 -0.60 -87.31
C SER A 380 49.07 -1.85 -86.93
N ASP A 381 50.29 -1.94 -87.46
CA ASP A 381 51.14 -3.08 -87.17
C ASP A 381 51.52 -3.10 -85.69
N ILE A 382 51.26 -4.22 -85.03
CA ILE A 382 51.48 -4.30 -83.59
C ILE A 382 52.96 -4.25 -83.26
N THR A 383 53.79 -4.91 -84.06
CA THR A 383 55.23 -4.88 -83.80
C THR A 383 55.79 -3.48 -83.94
N SER A 384 55.32 -2.72 -84.94
CA SER A 384 55.75 -1.34 -85.08
C SER A 384 55.38 -0.52 -83.85
N LEU A 385 54.20 -0.77 -83.29
CA LEU A 385 53.78 -0.05 -82.09
C LEU A 385 54.65 -0.43 -80.89
N TYR A 386 55.01 -1.71 -80.79
CA TYR A 386 55.86 -2.15 -79.69
C TYR A 386 57.21 -1.46 -79.72
N LYS A 387 57.84 -1.40 -80.91
CA LYS A 387 59.09 -0.68 -81.03
C LYS A 387 58.92 0.80 -80.71
N LYS A 388 57.77 1.37 -81.07
CA LYS A 388 57.50 2.77 -80.72
C LYS A 388 57.43 2.93 -79.20
N ALA A 389 56.86 1.95 -78.51
CA ALA A 389 56.81 2.02 -77.05
C ALA A 389 58.20 1.81 -76.45
N GLY A 390 59.00 0.92 -77.04
CA GLY A 390 60.36 0.73 -76.56
C GLY A 390 61.22 1.98 -76.71
N PHE A 391 61.03 2.74 -77.78
CA PHE A 391 61.81 3.97 -77.95
C PHE A 391 61.41 5.01 -76.92
N LEU A 392 60.12 5.12 -76.62
CA LEU A 392 59.67 6.12 -75.64
C LEU A 392 59.98 5.67 -74.22
N GLU A 393 59.94 4.37 -73.95
CA GLU A 393 60.29 3.88 -72.62
C GLU A 393 61.72 4.24 -72.26
N VAL A 394 62.64 4.14 -73.23
CA VAL A 394 64.02 4.52 -72.98
C VAL A 394 64.14 6.05 -72.94
N LEU A 395 63.46 6.73 -73.85
CA LEU A 395 63.57 8.19 -73.91
C LEU A 395 63.10 8.85 -72.62
N PHE A 396 62.08 8.28 -71.97
CA PHE A 396 61.56 8.82 -70.73
C PHE A 396 61.78 7.85 -69.56
N GLN A 397 62.84 7.05 -69.63
CA GLN A 397 63.07 6.05 -68.60
C GLN A 397 63.23 6.68 -67.22
N GLY A 398 63.80 7.89 -67.15
CA GLY A 398 63.99 8.57 -65.90
C GLY A 398 62.69 8.94 -65.23
N PRO A 399 61.94 9.86 -65.86
CA PRO A 399 60.65 10.27 -65.26
C PRO A 399 59.68 9.12 -65.07
N LEU A 400 59.77 8.08 -65.89
CA LEU A 400 58.85 6.95 -65.73
C LEU A 400 59.18 6.14 -64.48
N LYS A 401 60.46 5.81 -64.28
CA LYS A 401 60.84 5.07 -63.08
C LYS A 401 60.57 5.88 -61.82
N LYS A 402 60.59 7.21 -61.91
CA LYS A 402 60.24 8.04 -60.77
C LYS A 402 58.73 8.08 -60.55
N GLU A 403 57.96 8.04 -61.63
CA GLU A 403 56.50 7.97 -61.50
C GLU A 403 56.07 6.64 -60.89
N GLU A 404 56.70 5.53 -61.31
CA GLU A 404 56.34 4.23 -60.76
C GLU A 404 56.66 4.15 -59.28
N ALA A 405 57.77 4.77 -58.86
CA ALA A 405 58.11 4.79 -57.44
C ALA A 405 57.15 5.69 -56.66
N LYS A 406 56.67 6.76 -57.29
CA LYS A 406 55.72 7.64 -56.61
C LYS A 406 54.37 6.95 -56.43
N ARG A 407 53.94 6.17 -57.42
CA ARG A 407 52.69 5.43 -57.28
C ARG A 407 52.83 4.34 -56.21
N GLU A 408 53.97 3.67 -56.17
CA GLU A 408 54.21 2.70 -55.10
C GLU A 408 54.37 3.38 -53.74
N LYS A 409 54.88 4.62 -53.73
CA LYS A 409 54.96 5.37 -52.48
C LYS A 409 53.59 5.81 -52.01
N GLU A 410 52.67 6.08 -52.93
CA GLU A 410 51.32 6.48 -52.56
C GLU A 410 50.43 5.27 -52.30
N LEU A 411 50.73 4.13 -52.92
CA LEU A 411 49.95 2.92 -52.66
C LEU A 411 50.18 2.41 -51.25
N LYS A 412 51.42 2.47 -50.76
CA LYS A 412 51.68 2.10 -49.37
C LYS A 412 51.01 3.06 -48.40
N LYS A 413 50.90 4.34 -48.76
CA LYS A 413 50.17 5.30 -47.94
C LYS A 413 48.67 5.17 -48.10
N GLN A 414 48.20 4.59 -49.20
CA GLN A 414 46.77 4.38 -49.41
C GLN A 414 46.29 3.05 -48.86
N GLN A 415 47.18 2.07 -48.69
CA GLN A 415 46.82 0.82 -48.03
C GLN A 415 46.98 0.90 -46.52
N ARG A 416 47.87 1.77 -46.04
CA ARG A 416 47.94 2.04 -44.61
C ARG A 416 46.74 2.85 -44.14
N ALA A 417 46.22 3.73 -45.01
CA ALA A 417 45.03 4.49 -44.66
C ALA A 417 43.80 3.59 -44.59
N GLU A 418 43.73 2.54 -45.41
CA GLU A 418 42.65 1.57 -45.27
C GLU A 418 42.83 0.73 -44.02
N GLU A 419 44.06 0.32 -43.71
CA GLU A 419 44.31 -0.44 -42.49
C GLU A 419 43.95 0.37 -41.25
N LYS A 420 44.17 1.69 -41.30
CA LYS A 420 43.77 2.55 -40.19
C LYS A 420 42.25 2.66 -40.09
N HIS A 421 41.55 2.59 -41.24
CA HIS A 421 40.09 2.69 -41.22
C HIS A 421 39.46 1.45 -40.62
N ARG A 422 39.80 0.26 -41.14
CA ARG A 422 39.27 -0.97 -40.59
C ARG A 422 39.73 -1.19 -39.15
N LYS A 423 40.88 -0.61 -38.77
CA LYS A 423 41.27 -0.61 -37.37
C LYS A 423 40.32 0.27 -36.54
N GLU A 424 39.91 1.41 -37.11
CA GLU A 424 38.95 2.27 -36.43
C GLU A 424 37.57 1.62 -36.37
N LEU A 425 37.16 0.97 -37.47
CA LEU A 425 35.84 0.35 -37.49
C LEU A 425 35.78 -0.89 -36.60
N LEU A 426 36.90 -1.58 -36.43
CA LEU A 426 36.94 -2.72 -35.52
C LEU A 426 37.05 -2.29 -34.07
N ARG A 427 37.62 -1.10 -33.81
CA ARG A 427 37.75 -0.63 -32.44
C ARG A 427 36.42 -0.12 -31.90
N GLN A 428 35.71 0.67 -32.71
CA GLN A 428 34.45 1.24 -32.25
C GLN A 428 33.37 0.18 -32.08
N GLU A 429 33.36 -0.84 -32.94
CA GLU A 429 32.35 -1.88 -32.83
C GLU A 429 32.64 -2.84 -31.69
N GLU A 430 33.91 -3.19 -31.48
CA GLU A 430 34.27 -4.04 -30.34
C GLU A 430 34.04 -3.31 -29.02
N LYS A 431 34.19 -1.98 -29.01
CA LYS A 431 33.90 -1.20 -27.81
C LYS A 431 32.41 -0.97 -27.65
N LYS A 432 31.68 -0.82 -28.74
CA LYS A 432 30.22 -0.67 -28.65
C LYS A 432 29.55 -1.97 -28.25
N LYS A 433 30.13 -3.11 -28.62
CA LYS A 433 29.56 -4.40 -28.25
C LYS A 433 29.72 -4.66 -26.77
N LYS A 434 30.86 -4.26 -26.19
CA LYS A 434 31.05 -4.36 -24.75
C LYS A 434 30.33 -3.26 -23.99
N GLU A 435 30.05 -2.12 -24.62
CA GLU A 435 29.31 -1.06 -23.96
C GLU A 435 27.85 -1.44 -23.79
N LEU A 436 27.23 -1.99 -24.85
CA LEU A 436 25.86 -2.48 -24.73
C LEU A 436 25.79 -3.69 -23.81
N LYS A 437 26.86 -4.49 -23.75
CA LYS A 437 26.88 -5.62 -22.83
C LYS A 437 26.82 -5.16 -21.38
N VAL A 438 27.35 -3.98 -21.09
CA VAL A 438 27.28 -3.44 -19.74
C VAL A 438 25.87 -2.96 -19.43
N GLU A 439 25.24 -2.28 -20.38
CA GLU A 439 23.86 -1.82 -20.17
C GLU A 439 22.90 -2.99 -20.00
N GLU A 440 23.11 -4.07 -20.77
CA GLU A 440 22.26 -5.24 -20.62
C GLU A 440 22.42 -5.84 -19.23
N GLU A 441 23.63 -5.85 -18.70
CA GLU A 441 23.86 -6.31 -17.33
C GLU A 441 23.45 -5.27 -16.29
N ARG A 442 23.42 -3.99 -16.66
CA ARG A 442 22.98 -2.95 -15.74
C ARG A 442 21.49 -3.08 -15.45
N GLN A 443 20.66 -2.99 -16.50
CA GLN A 443 19.22 -3.13 -16.32
C GLN A 443 18.83 -4.52 -15.82
N ARG A 444 19.70 -5.51 -16.02
CA ARG A 444 19.40 -6.85 -15.50
C ARG A 444 19.45 -6.87 -13.98
N ARG A 445 20.40 -6.14 -13.38
CA ARG A 445 20.41 -5.97 -11.94
C ARG A 445 19.35 -4.97 -11.51
N ALA A 446 19.15 -3.90 -12.29
CA ALA A 446 18.16 -2.90 -11.94
C ALA A 446 16.75 -3.47 -11.97
N GLU A 447 16.49 -4.42 -12.85
CA GLU A 447 15.18 -5.08 -12.91
C GLU A 447 15.07 -6.25 -11.95
N LEU A 448 16.20 -6.82 -11.53
CA LEU A 448 16.16 -7.89 -10.53
C LEU A 448 15.89 -7.33 -9.14
N LYS A 449 16.50 -6.19 -8.81
CA LYS A 449 16.19 -5.54 -7.53
C LYS A 449 14.77 -4.98 -7.54
N LYS A 450 14.28 -4.52 -8.68
CA LYS A 450 12.91 -4.04 -8.77
C LYS A 450 11.91 -5.18 -8.61
N GLN A 451 12.28 -6.38 -9.07
CA GLN A 451 11.40 -7.54 -8.92
C GLN A 451 11.37 -8.01 -7.46
N LYS A 452 12.51 -8.03 -6.80
CA LYS A 452 12.55 -8.43 -5.40
C LYS A 452 11.80 -7.44 -4.52
N GLU A 453 11.87 -6.16 -4.84
CA GLU A 453 11.22 -5.14 -4.02
C GLU A 453 9.71 -5.11 -4.27
N GLU A 454 9.30 -5.08 -5.54
CA GLU A 454 7.88 -4.94 -5.85
C GLU A 454 7.10 -6.20 -5.53
N GLU A 455 7.75 -7.37 -5.55
CA GLU A 455 7.06 -8.61 -5.25
C GLU A 455 6.86 -8.82 -3.75
N LYS A 456 7.78 -8.28 -2.93
CA LYS A 456 7.67 -8.38 -1.49
C LYS A 456 6.92 -7.22 -0.85
N ARG A 457 6.69 -6.13 -1.60
CA ARG A 457 5.85 -5.04 -1.11
C ARG A 457 4.37 -5.29 -1.34
N ARG A 458 4.00 -5.96 -2.44
CA ARG A 458 2.62 -6.35 -2.65
C ARG A 458 2.23 -7.56 -1.80
N LYS A 459 3.18 -8.46 -1.52
CA LYS A 459 2.91 -9.58 -0.65
C LYS A 459 2.60 -9.12 0.77
N GLU A 460 3.40 -8.18 1.29
CA GLU A 460 3.12 -7.62 2.61
C GLU A 460 1.84 -6.80 2.61
N GLU A 461 1.49 -6.21 1.47
CA GLU A 461 0.23 -5.46 1.39
C GLU A 461 -0.97 -6.39 1.56
N ALA A 462 -0.83 -7.65 1.16
CA ALA A 462 -1.89 -8.63 1.43
C ALA A 462 -1.92 -9.00 2.91
N ARG A 463 -0.76 -9.04 3.57
CA ARG A 463 -0.74 -9.26 5.02
C ARG A 463 -1.35 -8.09 5.76
N LEU A 464 -1.28 -6.88 5.19
CA LEU A 464 -1.88 -5.71 5.82
C LEU A 464 -3.40 -5.83 5.84
N GLU A 465 -3.99 -6.29 4.73
CA GLU A 465 -5.45 -6.40 4.65
C GLU A 465 -5.98 -7.59 5.45
N ALA A 466 -5.21 -8.69 5.51
CA ALA A 466 -5.66 -9.84 6.29
C ALA A 466 -5.54 -9.58 7.79
N LYS A 467 -4.44 -8.96 8.21
CA LYS A 467 -4.29 -8.63 9.63
C LYS A 467 -5.27 -7.54 10.05
N ARG A 468 -5.60 -6.62 9.15
CA ARG A 468 -6.58 -5.58 9.47
C ARG A 468 -7.97 -6.18 9.67
N ARG A 469 -8.31 -7.21 8.88
CA ARG A 469 -9.59 -7.88 9.06
C ARG A 469 -9.59 -8.73 10.33
N LYS A 470 -8.46 -9.34 10.67
CA LYS A 470 -8.36 -10.04 11.95
C LYS A 470 -8.55 -9.06 13.11
N GLU A 471 -7.93 -7.89 13.03
CA GLU A 471 -8.13 -6.87 14.05
C GLU A 471 -9.59 -6.44 14.14
N GLU A 472 -10.26 -6.35 12.98
CA GLU A 472 -11.66 -5.93 12.97
C GLU A 472 -12.57 -6.98 13.59
N GLU A 473 -12.23 -8.26 13.43
CA GLU A 473 -13.04 -9.33 14.01
C GLU A 473 -12.72 -9.54 15.48
N ARG A 474 -11.49 -9.25 15.91
CA ARG A 474 -11.11 -9.44 17.30
C ARG A 474 -11.63 -8.31 18.17
N LEU A 475 -11.45 -7.06 17.72
CA LEU A 475 -11.93 -5.93 18.50
C LEU A 475 -13.45 -5.91 18.59
N LYS A 476 -14.14 -6.51 17.61
CA LYS A 476 -15.59 -6.53 17.64
C LYS A 476 -16.13 -7.63 18.55
N LYS A 477 -15.39 -8.73 18.70
CA LYS A 477 -15.80 -9.77 19.63
C LYS A 477 -15.36 -9.45 21.06
N GLU A 478 -14.14 -8.91 21.21
CA GLU A 478 -13.72 -8.43 22.52
C GLU A 478 -14.68 -7.39 23.07
N GLU A 479 -15.20 -6.53 22.19
CA GLU A 479 -16.20 -5.56 22.61
C GLU A 479 -17.55 -6.24 22.88
N GLU A 480 -17.84 -7.33 22.19
CA GLU A 480 -19.12 -8.02 22.40
C GLU A 480 -19.20 -8.62 23.79
N ILE A 481 -18.12 -9.27 24.24
CA ILE A 481 -18.15 -9.90 25.56
C ILE A 481 -17.94 -8.88 26.66
N ARG A 482 -17.27 -7.76 26.36
CA ARG A 482 -17.09 -6.72 27.37
C ARG A 482 -18.38 -5.98 27.66
N LEU A 483 -19.26 -5.87 26.66
CA LEU A 483 -20.57 -5.28 26.88
C LEU A 483 -21.57 -6.29 27.42
N LYS A 484 -21.39 -7.57 27.10
CA LYS A 484 -22.30 -8.59 27.61
C LYS A 484 -22.19 -8.70 29.13
N GLU A 485 -20.97 -8.65 29.66
CA GLU A 485 -20.76 -8.73 31.11
C GLU A 485 -21.20 -7.44 31.78
N GLU A 486 -22.44 -7.40 32.26
CA GLU A 486 -22.97 -6.24 32.95
C GLU A 486 -22.67 -6.34 34.43
N ALA A 487 -22.07 -5.28 34.99
CA ALA A 487 -21.70 -5.25 36.39
C ALA A 487 -22.93 -5.31 37.29
N LYS B 11 -66.18 56.68 50.51
CA LYS B 11 -66.61 55.86 49.39
C LYS B 11 -65.41 55.24 48.67
N ILE B 12 -64.39 56.06 48.42
CA ILE B 12 -63.17 55.63 47.76
C ILE B 12 -61.99 56.01 48.62
N GLU B 13 -61.12 55.04 48.90
CA GLU B 13 -59.96 55.27 49.76
C GLU B 13 -58.98 56.21 49.08
N GLU B 14 -58.68 57.34 49.73
CA GLU B 14 -57.70 58.26 49.18
C GLU B 14 -56.29 57.76 49.47
N GLY B 15 -55.34 58.29 48.71
CA GLY B 15 -53.96 57.83 48.82
C GLY B 15 -53.71 56.46 48.21
N LYS B 16 -54.68 55.93 47.47
CA LYS B 16 -54.55 54.61 46.86
C LYS B 16 -55.26 54.63 45.51
N LEU B 17 -54.70 53.89 44.55
CA LEU B 17 -55.25 53.81 43.20
C LEU B 17 -55.80 52.41 42.95
N VAL B 18 -57.09 52.34 42.66
CA VAL B 18 -57.75 51.08 42.30
C VAL B 18 -58.15 51.18 40.82
N ILE B 19 -57.74 50.20 40.03
CA ILE B 19 -57.91 50.23 38.58
C ILE B 19 -58.75 49.03 38.16
N TRP B 20 -59.72 49.28 37.29
CA TRP B 20 -60.55 48.24 36.69
C TRP B 20 -60.23 48.16 35.21
N ILE B 21 -59.83 46.98 34.76
CA ILE B 21 -59.55 46.74 33.35
C ILE B 21 -60.13 45.39 32.95
N ASN B 22 -60.52 45.27 31.69
CA ASN B 22 -61.16 44.06 31.22
C ASN B 22 -60.27 42.84 31.45
N GLY B 23 -60.91 41.67 31.50
CA GLY B 23 -60.18 40.45 31.81
C GLY B 23 -59.27 39.99 30.70
N ASP B 24 -59.61 40.31 29.45
CA ASP B 24 -58.81 39.87 28.31
C ASP B 24 -57.60 40.76 28.05
N LYS B 25 -57.48 41.88 28.75
CA LYS B 25 -56.33 42.76 28.59
C LYS B 25 -55.20 42.32 29.52
N GLY B 26 -54.03 42.92 29.33
CA GLY B 26 -52.88 42.60 30.15
C GLY B 26 -52.95 43.21 31.53
N TYR B 27 -53.79 42.65 32.41
CA TYR B 27 -53.96 43.22 33.74
C TYR B 27 -52.76 42.95 34.64
N ASN B 28 -52.01 41.87 34.40
CA ASN B 28 -50.81 41.62 35.18
C ASN B 28 -49.69 42.57 34.81
N GLY B 29 -49.59 42.90 33.51
CA GLY B 29 -48.62 43.90 33.09
C GLY B 29 -48.98 45.29 33.59
N LEU B 30 -50.27 45.60 33.68
CA LEU B 30 -50.69 46.89 34.21
C LEU B 30 -50.37 46.99 35.70
N ALA B 31 -50.59 45.90 36.45
CA ALA B 31 -50.22 45.90 37.86
C ALA B 31 -48.71 46.07 38.04
N GLU B 32 -47.91 45.50 37.13
CA GLU B 32 -46.48 45.70 37.19
C GLU B 32 -46.11 47.18 37.12
N VAL B 33 -46.79 47.93 36.24
CA VAL B 33 -46.58 49.37 36.21
C VAL B 33 -47.09 50.01 37.48
N GLY B 34 -48.11 49.42 38.12
CA GLY B 34 -48.58 49.93 39.39
C GLY B 34 -47.53 49.77 40.49
N LYS B 35 -46.81 48.65 40.46
CA LYS B 35 -45.71 48.47 41.42
C LYS B 35 -44.61 49.50 41.19
N LYS B 36 -44.30 49.79 39.92
CA LYS B 36 -43.32 50.82 39.62
C LYS B 36 -43.78 52.18 40.13
N PHE B 37 -45.08 52.46 40.00
CA PHE B 37 -45.63 53.69 40.58
C PHE B 37 -45.61 53.64 42.10
N GLU B 38 -45.94 52.47 42.67
CA GLU B 38 -45.93 52.33 44.12
C GLU B 38 -44.52 52.46 44.69
N LYS B 39 -43.50 52.05 43.92
CA LYS B 39 -42.12 52.11 44.39
C LYS B 39 -41.55 53.53 44.36
N ASP B 40 -42.06 54.41 43.50
CA ASP B 40 -41.54 55.77 43.35
C ASP B 40 -42.30 56.78 44.20
N THR B 41 -43.63 56.69 44.27
CA THR B 41 -44.43 57.67 45.01
C THR B 41 -44.94 57.15 46.34
N GLY B 42 -45.05 55.85 46.52
CA GLY B 42 -45.59 55.27 47.74
C GLY B 42 -47.09 55.07 47.74
N ILE B 43 -47.75 55.30 46.61
CA ILE B 43 -49.19 55.12 46.51
C ILE B 43 -49.46 53.69 46.08
N LYS B 44 -50.26 52.97 46.86
CA LYS B 44 -50.59 51.58 46.55
C LYS B 44 -51.50 51.52 45.33
N VAL B 45 -51.14 50.67 44.36
CA VAL B 45 -51.91 50.52 43.13
C VAL B 45 -52.38 49.07 43.06
N THR B 46 -53.70 48.89 43.00
CA THR B 46 -54.31 47.57 42.93
C THR B 46 -55.13 47.47 41.65
N VAL B 47 -54.76 46.52 40.79
CA VAL B 47 -55.41 46.32 39.49
C VAL B 47 -56.37 45.15 39.61
N GLU B 48 -57.65 45.41 39.31
CA GLU B 48 -58.68 44.39 39.36
C GLU B 48 -59.31 44.24 37.97
N HIS B 49 -59.94 43.08 37.75
CA HIS B 49 -60.64 42.80 36.50
C HIS B 49 -61.95 42.09 36.82
N PRO B 50 -62.94 42.83 37.30
CA PRO B 50 -64.24 42.22 37.62
C PRO B 50 -64.95 41.72 36.37
N ASP B 51 -65.96 40.89 36.60
CA ASP B 51 -66.74 40.33 35.50
C ASP B 51 -67.84 41.31 35.10
N LYS B 52 -67.93 41.59 33.80
CA LYS B 52 -68.95 42.49 33.26
C LYS B 52 -68.83 43.89 33.88
N LEU B 53 -67.60 44.40 33.93
CA LEU B 53 -67.36 45.72 34.49
C LEU B 53 -67.89 46.84 33.60
N GLU B 54 -68.22 46.54 32.35
CA GLU B 54 -68.81 47.56 31.49
C GLU B 54 -70.18 48.00 31.99
N GLU B 55 -70.92 47.09 32.64
CA GLU B 55 -72.24 47.39 33.17
C GLU B 55 -72.24 47.63 34.67
N LYS B 56 -71.21 47.17 35.38
CA LYS B 56 -71.14 47.36 36.82
C LYS B 56 -70.64 48.75 37.20
N PHE B 57 -69.84 49.37 36.33
CA PHE B 57 -69.33 50.71 36.63
C PHE B 57 -70.43 51.75 36.68
N PRO B 58 -71.36 51.80 35.73
CA PRO B 58 -72.44 52.81 35.81
C PRO B 58 -73.27 52.72 37.08
N GLN B 59 -73.36 51.54 37.71
CA GLN B 59 -74.11 51.37 38.95
C GLN B 59 -73.28 51.74 40.18
N VAL B 60 -72.04 51.23 40.26
CA VAL B 60 -71.22 51.46 41.45
C VAL B 60 -70.75 52.91 41.50
N ALA B 61 -70.41 53.50 40.35
CA ALA B 61 -69.92 54.86 40.31
C ALA B 61 -71.01 55.89 40.55
N ALA B 62 -72.28 55.55 40.32
CA ALA B 62 -73.36 56.50 40.54
C ALA B 62 -73.50 56.88 42.00
N THR B 63 -73.10 55.99 42.91
CA THR B 63 -73.18 56.25 44.34
C THR B 63 -71.84 56.65 44.95
N GLY B 64 -70.90 57.09 44.13
CA GLY B 64 -69.61 57.55 44.60
C GLY B 64 -68.56 56.47 44.81
N ASP B 65 -68.92 55.20 44.63
CA ASP B 65 -67.97 54.11 44.79
C ASP B 65 -67.34 53.77 43.44
N GLY B 66 -66.56 52.70 43.40
CA GLY B 66 -65.94 52.27 42.18
C GLY B 66 -64.44 52.48 42.16
N PRO B 67 -63.82 52.26 41.00
CA PRO B 67 -62.37 52.41 40.89
C PRO B 67 -61.95 53.85 40.63
N ASP B 68 -60.67 54.11 40.84
CA ASP B 68 -60.12 55.43 40.52
C ASP B 68 -59.95 55.59 39.02
N ILE B 69 -59.49 54.55 38.33
CA ILE B 69 -59.30 54.56 36.88
C ILE B 69 -60.05 53.39 36.29
N ILE B 70 -60.76 53.64 35.19
CA ILE B 70 -61.58 52.63 34.52
C ILE B 70 -61.08 52.48 33.09
N PHE B 71 -60.94 51.24 32.64
CA PHE B 71 -60.46 50.93 31.31
C PHE B 71 -61.58 50.30 30.49
N TRP B 72 -61.79 50.82 29.27
CA TRP B 72 -62.78 50.27 28.36
C TRP B 72 -62.72 51.06 27.06
N ALA B 73 -63.37 50.54 26.03
CA ALA B 73 -63.43 51.23 24.75
C ALA B 73 -64.15 52.58 24.91
N HIS B 74 -63.85 53.48 23.97
CA HIS B 74 -64.33 54.86 24.10
C HIS B 74 -65.83 54.98 23.85
N ASP B 75 -66.41 54.08 23.05
CA ASP B 75 -67.82 54.19 22.72
C ASP B 75 -68.70 54.15 23.97
N ARG B 76 -68.29 53.40 24.99
CA ARG B 76 -69.06 53.33 26.23
C ARG B 76 -68.84 54.54 27.13
N PHE B 77 -67.73 55.26 26.95
CA PHE B 77 -67.44 56.38 27.83
C PHE B 77 -68.33 57.58 27.52
N GLY B 78 -68.76 57.73 26.27
CA GLY B 78 -69.65 58.82 25.93
C GLY B 78 -70.92 58.81 26.75
N GLY B 79 -71.47 57.62 26.99
CA GLY B 79 -72.63 57.51 27.86
C GLY B 79 -72.32 57.76 29.31
N TYR B 80 -71.06 57.52 29.72
CA TYR B 80 -70.66 57.82 31.08
C TYR B 80 -70.66 59.33 31.35
N ALA B 81 -70.31 60.13 30.34
CA ALA B 81 -70.29 61.58 30.52
C ALA B 81 -71.67 62.12 30.85
N GLN B 82 -72.70 61.68 30.13
CA GLN B 82 -74.06 62.07 30.46
C GLN B 82 -74.40 61.68 31.89
N SER B 83 -74.02 60.49 32.31
CA SER B 83 -74.25 60.05 33.68
C SER B 83 -73.41 60.79 34.70
N GLY B 84 -72.41 61.56 34.25
CA GLY B 84 -71.53 62.27 35.17
C GLY B 84 -70.61 61.37 35.95
N LEU B 85 -70.12 60.30 35.34
CA LEU B 85 -69.28 59.33 36.03
C LEU B 85 -67.79 59.52 35.74
N LEU B 86 -67.43 60.19 34.65
CA LEU B 86 -66.04 60.39 34.26
C LEU B 86 -65.65 61.84 34.48
N ALA B 87 -64.48 62.05 35.10
CA ALA B 87 -63.97 63.40 35.30
C ALA B 87 -63.23 63.88 34.06
N GLU B 88 -63.24 65.20 33.88
CA GLU B 88 -62.53 65.79 32.75
C GLU B 88 -61.03 65.76 33.00
N ILE B 89 -60.29 65.07 32.12
CA ILE B 89 -58.84 65.01 32.24
C ILE B 89 -58.25 66.33 31.75
N THR B 90 -57.06 66.66 32.26
CA THR B 90 -56.40 67.93 31.96
C THR B 90 -54.96 67.70 31.55
N PRO B 91 -54.74 67.13 30.37
CA PRO B 91 -53.37 67.01 29.84
C PRO B 91 -52.95 68.25 29.07
N ASP B 92 -51.73 68.71 29.34
CA ASP B 92 -51.22 69.88 28.64
C ASP B 92 -50.91 69.55 27.19
N LYS B 93 -50.60 70.58 26.42
CA LYS B 93 -50.32 70.40 25.00
C LYS B 93 -49.11 69.49 24.79
N ALA B 94 -48.15 69.52 25.71
CA ALA B 94 -46.97 68.66 25.57
C ALA B 94 -47.37 67.19 25.56
N PHE B 95 -48.33 66.80 26.41
CA PHE B 95 -48.78 65.42 26.43
C PHE B 95 -49.74 65.11 25.28
N GLN B 96 -50.52 66.09 24.85
CA GLN B 96 -51.44 65.87 23.73
C GLN B 96 -50.67 65.52 22.46
N ASP B 97 -49.44 66.01 22.31
CA ASP B 97 -48.64 65.71 21.13
C ASP B 97 -47.98 64.34 21.21
N LYS B 98 -47.91 63.74 22.40
CA LYS B 98 -47.34 62.39 22.50
C LYS B 98 -48.25 61.34 21.91
N LEU B 99 -49.56 61.58 21.92
CA LEU B 99 -50.53 60.68 21.31
C LEU B 99 -50.92 61.18 19.93
N TYR B 100 -51.42 60.27 19.10
CA TYR B 100 -51.82 60.64 17.76
C TYR B 100 -53.05 61.54 17.80
N PRO B 101 -53.12 62.55 16.93
CA PRO B 101 -54.22 63.53 17.04
C PRO B 101 -55.61 62.92 16.92
N PHE B 102 -55.80 61.93 16.05
CA PHE B 102 -57.13 61.38 15.85
C PHE B 102 -57.62 60.59 17.05
N THR B 103 -56.72 60.12 17.91
CA THR B 103 -57.14 59.36 19.08
C THR B 103 -57.81 60.24 20.13
N TRP B 104 -57.51 61.54 20.14
CA TRP B 104 -58.17 62.44 21.09
C TRP B 104 -59.63 62.66 20.75
N ASP B 105 -59.99 62.54 19.46
CA ASP B 105 -61.38 62.72 19.06
C ASP B 105 -62.28 61.64 19.64
N ALA B 106 -61.76 60.45 19.87
CA ALA B 106 -62.54 59.33 20.39
C ALA B 106 -62.82 59.44 21.89
N VAL B 107 -62.11 60.31 22.60
CA VAL B 107 -62.28 60.45 24.04
C VAL B 107 -62.83 61.82 24.37
N ARG B 108 -63.69 62.35 23.51
CA ARG B 108 -64.32 63.64 23.70
C ARG B 108 -65.83 63.48 23.79
N TYR B 109 -66.45 64.26 24.67
CA TYR B 109 -67.90 64.34 24.76
C TYR B 109 -68.29 65.72 25.24
N ASN B 110 -69.21 66.36 24.54
CA ASN B 110 -69.70 67.70 24.84
C ASN B 110 -68.60 68.76 24.74
N GLY B 111 -67.43 68.40 24.22
CA GLY B 111 -66.34 69.33 24.02
C GLY B 111 -65.13 69.09 24.89
N LYS B 112 -65.28 68.39 26.01
CA LYS B 112 -64.19 68.18 26.96
C LYS B 112 -63.63 66.77 26.83
N LEU B 113 -62.34 66.64 27.15
CA LEU B 113 -61.68 65.34 27.14
C LEU B 113 -62.03 64.57 28.40
N ILE B 114 -62.45 63.31 28.23
CA ILE B 114 -62.99 62.53 29.34
C ILE B 114 -62.33 61.16 29.43
N ALA B 115 -61.17 61.00 28.79
CA ALA B 115 -60.49 59.71 28.85
C ALA B 115 -59.13 59.83 28.18
N TYR B 116 -58.20 58.97 28.62
CA TYR B 116 -56.88 58.89 28.02
C TYR B 116 -56.85 57.74 27.02
N PRO B 117 -56.59 58.00 25.74
CA PRO B 117 -56.50 56.90 24.78
C PRO B 117 -55.29 56.02 25.06
N ILE B 118 -55.48 54.71 24.95
CA ILE B 118 -54.42 53.75 25.20
C ILE B 118 -54.05 53.04 23.91
N ALA B 119 -54.92 52.14 23.45
CA ALA B 119 -54.68 51.36 22.25
C ALA B 119 -55.73 51.68 21.20
N VAL B 120 -55.40 51.32 19.95
CA VAL B 120 -56.28 51.57 18.81
C VAL B 120 -56.43 50.26 18.04
N GLU B 121 -57.67 49.98 17.61
CA GLU B 121 -57.96 48.78 16.84
C GLU B 121 -59.00 49.09 15.79
N ALA B 122 -58.79 48.56 14.58
CA ALA B 122 -59.73 48.74 13.48
C ALA B 122 -59.62 47.53 12.56
N LEU B 123 -60.58 47.44 11.63
CA LEU B 123 -60.59 46.33 10.68
C LEU B 123 -59.47 46.49 9.66
N SER B 124 -58.97 45.36 9.17
CA SER B 124 -57.92 45.33 8.17
C SER B 124 -58.19 44.20 7.19
N LEU B 125 -57.46 44.22 6.08
CA LEU B 125 -57.57 43.19 5.05
C LEU B 125 -56.55 42.10 5.32
N ILE B 126 -57.04 40.90 5.60
CA ILE B 126 -56.19 39.74 5.86
C ILE B 126 -56.22 38.85 4.62
N TYR B 127 -55.05 38.64 4.02
CA TYR B 127 -54.95 37.91 2.76
C TYR B 127 -54.02 36.71 2.92
N ASN B 128 -54.28 35.69 2.10
CA ASN B 128 -53.45 34.48 2.07
C ASN B 128 -52.29 34.70 1.11
N LYS B 129 -51.07 34.63 1.64
CA LYS B 129 -49.89 34.94 0.82
C LYS B 129 -49.67 33.88 -0.25
N ASP B 130 -49.93 32.61 0.06
CA ASP B 130 -49.73 31.56 -0.92
C ASP B 130 -50.70 31.68 -2.08
N LEU B 131 -51.90 32.20 -1.84
CA LEU B 131 -52.88 32.39 -2.90
C LEU B 131 -52.75 33.73 -3.60
N LEU B 132 -52.37 34.77 -2.87
CA LEU B 132 -52.21 36.12 -3.43
C LEU B 132 -50.87 36.68 -2.98
N PRO B 133 -49.88 36.76 -3.88
CA PRO B 133 -48.61 37.41 -3.49
C PRO B 133 -48.79 38.89 -3.18
N ASN B 134 -49.60 39.58 -3.99
CA ASN B 134 -49.86 41.01 -3.80
C ASN B 134 -51.35 41.23 -3.63
N PRO B 135 -51.83 41.62 -2.44
CA PRO B 135 -53.26 41.83 -2.27
C PRO B 135 -53.72 43.02 -3.09
N PRO B 136 -55.00 43.04 -3.49
CA PRO B 136 -55.48 44.15 -4.32
C PRO B 136 -55.53 45.46 -3.54
N LYS B 137 -55.23 46.56 -4.23
CA LYS B 137 -55.28 47.87 -3.62
C LYS B 137 -56.67 48.51 -3.69
N THR B 138 -57.52 48.05 -4.60
CA THR B 138 -58.82 48.66 -4.83
C THR B 138 -59.93 47.61 -4.69
N TRP B 139 -61.14 48.09 -4.40
CA TRP B 139 -62.29 47.21 -4.32
C TRP B 139 -62.74 46.74 -5.70
N GLU B 140 -62.63 47.60 -6.72
CA GLU B 140 -63.01 47.21 -8.07
C GLU B 140 -62.16 46.07 -8.60
N GLU B 141 -61.00 45.82 -7.99
CA GLU B 141 -60.08 44.79 -8.44
C GLU B 141 -60.47 43.39 -8.02
N ILE B 142 -61.49 43.26 -7.17
CA ILE B 142 -61.85 41.98 -6.55
C ILE B 142 -62.68 41.13 -7.50
N PRO B 143 -63.73 41.68 -8.12
CA PRO B 143 -64.54 40.85 -9.04
C PRO B 143 -63.71 40.13 -10.09
N ALA B 144 -62.74 40.82 -10.70
CA ALA B 144 -61.88 40.15 -11.67
C ALA B 144 -60.95 39.14 -11.00
N LEU B 145 -60.64 39.34 -9.72
CA LEU B 145 -59.79 38.42 -9.00
C LEU B 145 -60.54 37.17 -8.52
N ASP B 146 -61.87 37.24 -8.44
CA ASP B 146 -62.65 36.10 -8.00
C ASP B 146 -62.86 35.10 -9.13
N LYS B 147 -63.03 35.58 -10.37
CA LYS B 147 -63.16 34.67 -11.50
C LYS B 147 -61.93 33.79 -11.65
N GLU B 148 -60.74 34.36 -11.45
CA GLU B 148 -59.52 33.58 -11.58
C GLU B 148 -59.41 32.54 -10.48
N LEU B 149 -59.88 32.87 -9.28
CA LEU B 149 -59.81 31.92 -8.16
C LEU B 149 -60.96 30.93 -8.17
N LYS B 150 -62.11 31.29 -8.77
CA LYS B 150 -63.21 30.35 -8.88
C LYS B 150 -62.87 29.20 -9.82
N ALA B 151 -62.06 29.46 -10.84
CA ALA B 151 -61.61 28.38 -11.71
C ALA B 151 -60.63 27.46 -11.01
N LYS B 152 -59.84 28.00 -10.08
CA LYS B 152 -58.91 27.20 -9.30
C LYS B 152 -59.58 26.51 -8.10
N GLY B 153 -60.89 26.65 -7.94
CA GLY B 153 -61.58 26.02 -6.84
C GLY B 153 -61.49 26.77 -5.53
N LYS B 154 -61.45 28.10 -5.58
CA LYS B 154 -61.37 28.92 -4.37
C LYS B 154 -62.20 30.18 -4.60
N SER B 155 -62.05 31.16 -3.71
CA SER B 155 -62.76 32.42 -3.82
C SER B 155 -61.85 33.56 -3.42
N ALA B 156 -62.24 34.77 -3.79
CA ALA B 156 -61.42 35.95 -3.54
C ALA B 156 -61.55 36.45 -2.12
N LEU B 157 -62.76 36.85 -1.72
CA LEU B 157 -62.98 37.50 -0.44
C LEU B 157 -64.20 36.92 0.25
N MET B 158 -64.08 36.71 1.57
CA MET B 158 -65.20 36.25 2.39
C MET B 158 -65.07 36.90 3.76
N PHE B 159 -66.02 37.78 4.09
CA PHE B 159 -66.07 38.40 5.41
C PHE B 159 -67.52 38.44 5.87
N ASN B 160 -67.70 38.76 7.15
CA ASN B 160 -69.03 38.76 7.74
C ASN B 160 -69.88 39.88 7.13
N LEU B 161 -71.01 39.50 6.56
CA LEU B 161 -71.96 40.46 6.00
C LEU B 161 -73.16 40.71 6.90
N GLN B 162 -73.32 39.94 7.97
CA GLN B 162 -74.50 40.07 8.83
C GLN B 162 -74.41 41.28 9.74
N GLU B 163 -73.21 41.65 10.16
CA GLU B 163 -73.06 42.81 11.03
C GLU B 163 -72.72 44.04 10.22
N PRO B 164 -73.40 45.17 10.42
CA PRO B 164 -73.01 46.39 9.70
C PRO B 164 -71.62 46.87 10.05
N TYR B 165 -71.08 46.42 11.20
CA TYR B 165 -69.73 46.81 11.58
C TYR B 165 -68.70 46.39 10.55
N PHE B 166 -68.91 45.23 9.91
CA PHE B 166 -67.96 44.70 8.94
C PHE B 166 -68.24 45.18 7.52
N THR B 167 -69.49 45.49 7.19
CA THR B 167 -69.82 45.99 5.87
C THR B 167 -69.66 47.50 5.75
N TRP B 168 -69.58 48.22 6.88
CA TRP B 168 -69.47 49.67 6.83
C TRP B 168 -68.18 50.15 6.14
N PRO B 169 -67.03 49.53 6.33
CA PRO B 169 -65.81 50.04 5.67
C PRO B 169 -65.98 50.29 4.18
N LEU B 170 -66.79 49.49 3.50
CA LEU B 170 -67.04 49.71 2.08
C LEU B 170 -68.14 50.74 1.86
N ILE B 171 -69.19 50.70 2.68
CA ILE B 171 -70.32 51.61 2.47
C ILE B 171 -69.91 53.05 2.73
N ALA B 172 -69.10 53.30 3.75
CA ALA B 172 -68.69 54.64 4.11
C ALA B 172 -67.45 55.11 3.37
N ALA B 173 -66.87 54.26 2.52
CA ALA B 173 -65.62 54.63 1.85
C ALA B 173 -65.80 55.82 0.92
N ASP B 174 -66.97 55.94 0.29
CA ASP B 174 -67.21 56.97 -0.71
C ASP B 174 -67.93 58.20 -0.15
N GLY B 175 -68.24 58.22 1.14
CA GLY B 175 -68.84 59.42 1.71
C GLY B 175 -69.79 59.20 2.87
N GLY B 176 -69.98 57.94 3.28
CA GLY B 176 -70.88 57.66 4.37
C GLY B 176 -70.29 57.95 5.74
N TYR B 177 -71.16 58.20 6.70
CA TYR B 177 -70.75 58.47 8.07
C TYR B 177 -71.95 58.27 8.99
N ALA B 178 -71.67 57.81 10.21
CA ALA B 178 -72.71 57.57 11.20
C ALA B 178 -73.37 58.88 11.61
N PHE B 179 -72.69 59.67 12.43
CA PHE B 179 -73.15 60.99 12.84
C PHE B 179 -72.03 62.00 12.60
N LYS B 180 -72.41 63.20 12.16
CA LYS B 180 -71.41 64.21 11.86
C LYS B 180 -70.69 64.66 13.12
N TYR B 181 -69.43 65.06 12.95
CA TYR B 181 -68.55 65.44 14.06
C TYR B 181 -67.92 66.78 13.71
N GLU B 182 -68.28 67.82 14.46
CA GLU B 182 -67.82 69.18 14.16
C GLU B 182 -66.65 69.58 15.05
N ASN B 183 -66.92 69.85 16.32
CA ASN B 183 -65.89 70.30 17.26
C ASN B 183 -66.11 69.62 18.62
N GLY B 184 -66.02 68.29 18.63
CA GLY B 184 -66.18 67.52 19.84
C GLY B 184 -67.59 67.06 20.14
N LYS B 185 -68.55 67.36 19.28
CA LYS B 185 -69.94 66.98 19.50
C LYS B 185 -70.46 66.21 18.29
N TYR B 186 -71.44 65.34 18.54
CA TYR B 186 -72.07 64.54 17.50
C TYR B 186 -73.50 65.04 17.28
N ASP B 187 -73.83 65.31 16.02
CA ASP B 187 -75.15 65.81 15.65
C ASP B 187 -76.10 64.63 15.46
N ILE B 188 -77.01 64.43 16.41
CA ILE B 188 -77.91 63.28 16.35
C ILE B 188 -78.81 63.36 15.12
N LYS B 189 -79.06 64.56 14.62
CA LYS B 189 -79.97 64.76 13.50
C LYS B 189 -79.28 64.72 12.15
N ASP B 190 -77.96 64.54 12.11
CA ASP B 190 -77.18 64.52 10.88
C ASP B 190 -76.57 63.14 10.73
N VAL B 191 -77.28 62.27 10.01
CA VAL B 191 -76.85 60.90 9.76
C VAL B 191 -76.52 60.75 8.29
N GLY B 192 -75.27 60.38 8.00
CA GLY B 192 -74.83 60.19 6.63
C GLY B 192 -74.93 58.76 6.16
N VAL B 193 -76.17 58.29 5.94
CA VAL B 193 -76.42 56.91 5.57
C VAL B 193 -76.92 56.79 4.14
N ASP B 194 -77.75 57.73 3.69
CA ASP B 194 -78.34 57.68 2.36
C ASP B 194 -77.83 58.82 1.47
N ASN B 195 -76.53 59.08 1.51
CA ASN B 195 -75.92 60.04 0.59
C ASN B 195 -75.39 59.29 -0.62
N ALA B 196 -74.85 60.05 -1.59
CA ALA B 196 -74.35 59.43 -2.81
C ALA B 196 -73.21 58.46 -2.54
N GLY B 197 -72.42 58.72 -1.50
CA GLY B 197 -71.30 57.83 -1.20
C GLY B 197 -71.75 56.48 -0.70
N ALA B 198 -72.62 56.47 0.31
CA ALA B 198 -73.12 55.19 0.83
C ALA B 198 -73.93 54.44 -0.21
N LYS B 199 -74.62 55.16 -1.10
CA LYS B 199 -75.36 54.49 -2.17
C LYS B 199 -74.42 53.74 -3.10
N ALA B 200 -73.28 54.34 -3.45
CA ALA B 200 -72.31 53.66 -4.28
C ALA B 200 -71.65 52.51 -3.52
N GLY B 201 -71.38 52.70 -2.24
CA GLY B 201 -70.74 51.65 -1.47
C GLY B 201 -71.62 50.44 -1.29
N LEU B 202 -72.89 50.66 -0.94
CA LEU B 202 -73.81 49.54 -0.75
C LEU B 202 -74.15 48.87 -2.08
N THR B 203 -74.24 49.65 -3.16
CA THR B 203 -74.51 49.08 -4.47
C THR B 203 -73.39 48.13 -4.88
N PHE B 204 -72.14 48.53 -4.67
CA PHE B 204 -71.02 47.65 -4.99
C PHE B 204 -71.03 46.40 -4.12
N LEU B 205 -71.49 46.53 -2.88
CA LEU B 205 -71.60 45.35 -2.01
C LEU B 205 -72.66 44.39 -2.51
N VAL B 206 -73.80 44.92 -2.95
CA VAL B 206 -74.88 44.06 -3.46
C VAL B 206 -74.50 43.47 -4.81
N ASP B 207 -73.85 44.27 -5.67
CA ASP B 207 -73.43 43.74 -6.97
C ASP B 207 -72.44 42.59 -6.81
N LEU B 208 -71.59 42.63 -5.78
CA LEU B 208 -70.71 41.51 -5.50
C LEU B 208 -71.51 40.25 -5.19
N ILE B 209 -72.67 40.40 -4.54
CA ILE B 209 -73.49 39.23 -4.21
C ILE B 209 -74.29 38.78 -5.43
N LYS B 210 -74.81 39.72 -6.21
CA LYS B 210 -75.60 39.36 -7.39
C LYS B 210 -74.75 38.62 -8.41
N ASN B 211 -73.49 39.05 -8.58
CA ASN B 211 -72.58 38.42 -9.53
C ASN B 211 -71.90 37.17 -8.95
N LYS B 212 -72.44 36.62 -7.88
CA LYS B 212 -71.92 35.38 -7.29
C LYS B 212 -70.44 35.50 -6.94
N HIS B 213 -70.05 36.66 -6.43
CA HIS B 213 -68.72 36.84 -5.85
C HIS B 213 -68.72 36.70 -4.34
N MET B 214 -69.86 37.00 -3.70
CA MET B 214 -70.04 36.78 -2.27
C MET B 214 -71.43 36.22 -2.03
N ASN B 215 -71.55 35.38 -1.00
CA ASN B 215 -72.83 34.78 -0.65
C ASN B 215 -73.51 35.62 0.42
N ALA B 216 -74.84 35.78 0.28
CA ALA B 216 -75.58 36.68 1.16
C ALA B 216 -75.61 36.18 2.60
N ASP B 217 -75.65 34.86 2.80
CA ASP B 217 -75.77 34.29 4.14
C ASP B 217 -74.42 33.97 4.77
N THR B 218 -73.43 34.85 4.61
CA THR B 218 -72.11 34.65 5.18
C THR B 218 -72.01 35.42 6.49
N ASP B 219 -71.79 34.70 7.59
CA ASP B 219 -71.64 35.29 8.90
C ASP B 219 -70.17 35.25 9.32
N TYR B 220 -69.91 35.53 10.60
CA TYR B 220 -68.54 35.63 11.09
C TYR B 220 -67.86 34.27 11.07
N SER B 221 -68.53 33.24 11.61
CA SER B 221 -67.91 31.92 11.68
C SER B 221 -67.71 31.32 10.28
N ILE B 222 -68.64 31.58 9.37
CA ILE B 222 -68.51 31.06 8.01
C ILE B 222 -67.29 31.67 7.33
N ALA B 223 -67.04 32.96 7.56
CA ALA B 223 -65.89 33.62 6.95
C ALA B 223 -64.59 33.25 7.65
N GLU B 224 -64.60 33.15 8.97
CA GLU B 224 -63.38 32.81 9.70
C GLU B 224 -62.90 31.41 9.31
N ALA B 225 -63.83 30.47 9.14
CA ALA B 225 -63.44 29.11 8.79
C ALA B 225 -62.94 29.02 7.35
N ALA B 226 -63.59 29.75 6.43
CA ALA B 226 -63.19 29.70 5.02
C ALA B 226 -61.76 30.18 4.84
N PHE B 227 -61.35 31.18 5.62
CA PHE B 227 -59.99 31.71 5.49
C PHE B 227 -58.98 30.82 6.22
N ASN B 228 -59.36 30.30 7.39
CA ASN B 228 -58.44 29.45 8.14
C ASN B 228 -58.20 28.13 7.40
N LYS B 229 -59.23 27.61 6.74
CA LYS B 229 -59.08 26.37 5.98
C LYS B 229 -58.33 26.56 4.66
N GLY B 230 -58.09 27.81 4.26
CA GLY B 230 -57.44 28.07 2.98
C GLY B 230 -58.35 28.01 1.78
N GLU B 231 -59.65 28.21 1.97
CA GLU B 231 -60.61 28.12 0.87
C GLU B 231 -60.86 29.46 0.19
N THR B 232 -60.65 30.56 0.90
CA THR B 232 -60.78 31.90 0.33
C THR B 232 -59.45 32.63 0.43
N ALA B 233 -59.23 33.57 -0.48
CA ALA B 233 -57.94 34.25 -0.55
C ALA B 233 -57.85 35.41 0.43
N MET B 234 -58.97 36.05 0.76
CA MET B 234 -58.96 37.24 1.60
C MET B 234 -60.11 37.20 2.60
N THR B 235 -59.99 38.03 3.63
CA THR B 235 -61.04 38.21 4.62
C THR B 235 -60.84 39.56 5.29
N ILE B 236 -61.90 40.04 5.93
CA ILE B 236 -61.90 41.34 6.62
C ILE B 236 -62.19 41.07 8.09
N ASN B 237 -61.17 41.24 8.93
CA ASN B 237 -61.30 40.98 10.36
C ASN B 237 -60.35 41.89 11.11
N GLY B 238 -60.39 41.80 12.44
CA GLY B 238 -59.57 42.64 13.28
C GLY B 238 -58.48 41.87 13.99
N PRO B 239 -57.63 42.57 14.74
CA PRO B 239 -56.52 41.90 15.43
C PRO B 239 -56.97 40.84 16.41
N TRP B 240 -58.24 40.86 16.83
CA TRP B 240 -58.73 39.85 17.76
C TRP B 240 -58.77 38.46 17.14
N ALA B 241 -58.64 38.36 15.82
CA ALA B 241 -58.74 37.09 15.13
C ALA B 241 -57.39 36.59 14.65
N TRP B 242 -56.29 37.26 15.02
CA TRP B 242 -54.97 36.82 14.56
C TRP B 242 -54.58 35.49 15.16
N SER B 243 -54.96 35.24 16.42
CA SER B 243 -54.57 34.00 17.08
C SER B 243 -55.17 32.79 16.37
N ASN B 244 -56.40 32.91 15.87
CA ASN B 244 -57.02 31.79 15.17
C ASN B 244 -56.30 31.48 13.86
N ILE B 245 -55.82 32.52 13.17
CA ILE B 245 -55.09 32.29 11.92
C ILE B 245 -53.71 31.71 12.22
N ASP B 246 -53.15 32.01 13.39
CA ASP B 246 -51.86 31.43 13.75
C ASP B 246 -51.96 29.92 13.93
N THR B 247 -53.03 29.45 14.59
CA THR B 247 -53.19 28.01 14.78
C THR B 247 -53.35 27.28 13.45
N SER B 248 -54.01 27.90 12.48
CA SER B 248 -54.16 27.29 11.16
C SER B 248 -52.86 27.27 10.36
N LYS B 249 -51.83 27.98 10.82
CA LYS B 249 -50.53 28.01 10.16
C LYS B 249 -50.61 28.55 8.74
N VAL B 250 -51.69 29.28 8.42
CA VAL B 250 -51.82 29.86 7.09
C VAL B 250 -50.86 31.02 6.93
N ASN B 251 -50.09 31.01 5.84
CA ASN B 251 -49.19 32.11 5.54
C ASN B 251 -50.00 33.36 5.20
N TYR B 252 -50.35 34.15 6.22
CA TYR B 252 -51.26 35.27 6.05
C TYR B 252 -50.54 36.59 6.31
N GLY B 253 -51.02 37.65 5.67
CA GLY B 253 -50.54 38.99 5.92
C GLY B 253 -51.72 39.91 6.21
N VAL B 254 -51.41 41.01 6.90
CA VAL B 254 -52.38 42.03 7.25
C VAL B 254 -51.97 43.33 6.60
N THR B 255 -52.80 43.84 5.69
CA THR B 255 -52.49 45.03 4.92
C THR B 255 -53.66 46.01 5.00
N VAL B 256 -53.48 47.16 4.35
CA VAL B 256 -54.52 48.19 4.34
C VAL B 256 -55.73 47.68 3.57
N LEU B 257 -56.91 48.18 3.95
CA LEU B 257 -58.13 47.80 3.28
C LEU B 257 -58.17 48.38 1.86
N PRO B 258 -58.81 47.68 0.92
CA PRO B 258 -58.89 48.19 -0.45
C PRO B 258 -59.60 49.53 -0.49
N THR B 259 -59.39 50.24 -1.60
CA THR B 259 -60.01 51.54 -1.82
C THR B 259 -61.21 51.40 -2.74
N PHE B 260 -62.15 52.34 -2.63
CA PHE B 260 -63.35 52.36 -3.45
C PHE B 260 -63.47 53.71 -4.11
N LYS B 261 -63.37 53.74 -5.44
CA LYS B 261 -63.42 54.98 -6.21
C LYS B 261 -62.36 55.97 -5.72
N GLY B 262 -61.13 55.47 -5.54
CA GLY B 262 -60.03 56.28 -5.10
C GLY B 262 -60.03 56.63 -3.63
N GLN B 263 -61.10 56.32 -2.90
CA GLN B 263 -61.17 56.65 -1.49
C GLN B 263 -60.91 55.42 -0.63
N PRO B 264 -60.18 55.57 0.48
CA PRO B 264 -59.89 54.42 1.33
C PRO B 264 -61.14 53.97 2.08
N SER B 265 -61.11 52.71 2.50
CA SER B 265 -62.19 52.17 3.33
C SER B 265 -62.22 52.87 4.68
N LYS B 266 -63.41 52.94 5.27
CA LYS B 266 -63.63 53.66 6.52
C LYS B 266 -64.16 52.68 7.57
N PRO B 267 -63.29 51.86 8.15
CA PRO B 267 -63.71 50.99 9.24
C PRO B 267 -63.85 51.76 10.54
N PHE B 268 -64.76 51.29 11.39
CA PHE B 268 -64.95 51.93 12.68
C PHE B 268 -63.70 51.75 13.55
N VAL B 269 -63.28 52.83 14.20
CA VAL B 269 -62.08 52.85 15.01
C VAL B 269 -62.47 52.72 16.47
N GLY B 270 -62.03 51.65 17.12
CA GLY B 270 -62.24 51.46 18.54
C GLY B 270 -60.96 51.74 19.32
N VAL B 271 -61.08 52.60 20.33
CA VAL B 271 -59.94 53.08 21.10
C VAL B 271 -60.12 52.65 22.55
N LEU B 272 -59.27 51.74 23.01
CA LEU B 272 -59.23 51.39 24.42
C LEU B 272 -58.79 52.62 25.22
N SER B 273 -59.65 53.07 26.12
CA SER B 273 -59.45 54.33 26.82
C SER B 273 -59.39 54.11 28.33
N ALA B 274 -58.82 55.09 29.03
CA ALA B 274 -58.71 55.09 30.47
C ALA B 274 -59.40 56.32 31.03
N GLY B 275 -60.46 56.11 31.81
CA GLY B 275 -61.23 57.20 32.38
C GLY B 275 -60.98 57.32 33.88
N ILE B 276 -61.11 58.55 34.38
CA ILE B 276 -60.94 58.84 35.81
C ILE B 276 -62.32 59.03 36.42
N ASN B 277 -62.54 58.40 37.57
CA ASN B 277 -63.84 58.45 38.22
C ASN B 277 -64.13 59.88 38.69
N ALA B 278 -65.33 60.37 38.39
CA ALA B 278 -65.70 61.72 38.78
C ALA B 278 -65.79 61.88 40.29
N ALA B 279 -65.95 60.80 41.03
CA ALA B 279 -66.03 60.83 42.48
C ALA B 279 -64.76 60.32 43.15
N SER B 280 -63.67 60.21 42.40
CA SER B 280 -62.41 59.73 42.95
C SER B 280 -61.66 60.89 43.60
N PRO B 281 -61.18 60.73 44.84
CA PRO B 281 -60.41 61.79 45.48
C PRO B 281 -58.97 61.89 45.02
N ASN B 282 -58.50 60.97 44.16
CA ASN B 282 -57.11 60.97 43.72
C ASN B 282 -57.01 61.28 42.25
N LYS B 283 -57.68 62.34 41.79
CA LYS B 283 -57.65 62.67 40.37
C LYS B 283 -56.25 63.06 39.91
N GLU B 284 -55.48 63.72 40.78
CA GLU B 284 -54.11 64.10 40.43
C GLU B 284 -53.17 62.90 40.46
N LEU B 285 -53.43 61.92 41.34
CA LEU B 285 -52.60 60.72 41.36
C LEU B 285 -52.88 59.83 40.16
N ALA B 286 -54.15 59.76 39.74
CA ALA B 286 -54.48 59.00 38.54
C ALA B 286 -53.90 59.67 37.29
N LYS B 287 -53.98 61.00 37.22
CA LYS B 287 -53.35 61.71 36.11
C LYS B 287 -51.84 61.51 36.11
N GLU B 288 -51.22 61.54 37.28
CA GLU B 288 -49.78 61.33 37.37
C GLU B 288 -49.40 59.90 37.00
N PHE B 289 -50.26 58.93 37.31
CA PHE B 289 -49.97 57.55 36.95
C PHE B 289 -50.17 57.30 35.46
N LEU B 290 -51.21 57.91 34.87
CA LEU B 290 -51.52 57.67 33.47
C LEU B 290 -50.57 58.43 32.54
N GLU B 291 -50.31 59.70 32.83
CA GLU B 291 -49.49 60.52 31.93
C GLU B 291 -48.00 60.19 32.06
N ASN B 292 -47.53 59.78 33.24
CA ASN B 292 -46.11 59.67 33.49
C ASN B 292 -45.63 58.25 33.76
N TYR B 293 -46.51 57.26 33.79
CA TYR B 293 -46.07 55.90 34.09
C TYR B 293 -46.66 54.87 33.14
N LEU B 294 -47.97 54.93 32.88
CA LEU B 294 -48.57 53.96 31.96
C LEU B 294 -48.33 54.35 30.51
N LEU B 295 -48.59 55.62 30.17
CA LEU B 295 -48.45 56.08 28.80
C LEU B 295 -47.00 56.45 28.48
N THR B 296 -46.06 55.60 28.87
CA THR B 296 -44.66 55.72 28.52
C THR B 296 -44.24 54.51 27.70
N ASP B 297 -43.01 54.55 27.18
CA ASP B 297 -42.49 53.43 26.42
C ASP B 297 -42.44 52.17 27.28
N GLU B 298 -41.78 52.25 28.44
CA GLU B 298 -41.72 51.10 29.34
C GLU B 298 -43.06 50.82 30.01
N GLY B 299 -43.95 51.82 30.10
CA GLY B 299 -45.26 51.56 30.69
C GLY B 299 -46.14 50.72 29.79
N LEU B 300 -46.23 51.08 28.51
CA LEU B 300 -47.03 50.29 27.58
C LEU B 300 -46.35 48.97 27.26
N GLU B 301 -45.02 48.93 27.25
CA GLU B 301 -44.32 47.69 26.94
C GLU B 301 -44.60 46.63 28.00
N ALA B 302 -44.74 47.03 29.26
CA ALA B 302 -45.06 46.07 30.30
C ALA B 302 -46.46 45.48 30.11
N VAL B 303 -47.42 46.32 29.72
CA VAL B 303 -48.75 45.81 29.42
C VAL B 303 -48.74 44.98 28.15
N ASN B 304 -48.05 45.47 27.11
CA ASN B 304 -47.98 44.71 25.86
C ASN B 304 -47.24 43.40 26.04
N LYS B 305 -46.25 43.36 26.95
CA LYS B 305 -45.52 42.12 27.21
C LYS B 305 -46.45 41.06 27.79
N ASP B 306 -47.45 41.46 28.56
CA ASP B 306 -48.42 40.54 29.13
C ASP B 306 -49.33 39.99 28.03
N LYS B 307 -50.14 40.86 27.44
CA LYS B 307 -50.96 40.54 26.29
C LYS B 307 -50.86 41.68 25.28
N PRO B 308 -50.86 41.37 23.99
CA PRO B 308 -50.65 42.42 22.99
C PRO B 308 -51.79 43.44 22.99
N LEU B 309 -51.41 44.71 22.87
CA LEU B 309 -52.36 45.81 22.78
C LEU B 309 -52.69 46.19 21.34
N GLY B 310 -52.04 45.56 20.36
CA GLY B 310 -52.22 46.00 18.98
C GLY B 310 -51.53 47.33 18.74
N ALA B 311 -52.22 48.23 18.05
CA ALA B 311 -51.71 49.57 17.85
C ALA B 311 -52.00 50.43 19.07
N VAL B 312 -51.01 51.21 19.49
CA VAL B 312 -51.12 52.07 20.67
C VAL B 312 -51.17 53.52 20.21
N ALA B 313 -51.85 54.35 21.00
CA ALA B 313 -51.97 55.77 20.67
C ALA B 313 -50.69 56.53 20.92
N LEU B 314 -49.81 56.02 21.78
CA LEU B 314 -48.53 56.68 22.06
C LEU B 314 -47.61 56.58 20.85
N LYS B 315 -47.26 57.74 20.28
CA LYS B 315 -46.44 57.75 19.07
C LYS B 315 -45.10 57.03 19.28
N SER B 316 -44.45 57.32 20.41
CA SER B 316 -43.10 56.79 20.64
C SER B 316 -43.10 55.26 20.61
N TYR B 317 -44.06 54.63 21.30
CA TYR B 317 -44.09 53.17 21.33
C TYR B 317 -44.74 52.59 20.07
N GLU B 318 -45.65 53.33 19.44
CA GLU B 318 -46.18 52.89 18.16
C GLU B 318 -45.07 52.75 17.12
N GLU B 319 -44.04 53.59 17.21
CA GLU B 319 -42.90 53.47 16.31
C GLU B 319 -42.28 52.09 16.41
N GLU B 320 -42.25 51.52 17.62
CA GLU B 320 -41.68 50.18 17.82
C GLU B 320 -42.62 49.11 17.30
N LEU B 321 -43.89 49.17 17.70
CA LEU B 321 -44.85 48.14 17.30
C LEU B 321 -45.09 48.14 15.80
N ALA B 322 -44.97 49.30 15.15
CA ALA B 322 -45.22 49.37 13.71
C ALA B 322 -44.26 48.51 12.90
N LYS B 323 -43.13 48.10 13.50
CA LYS B 323 -42.25 47.18 12.79
C LYS B 323 -42.96 45.89 12.44
N ASP B 324 -43.92 45.47 13.25
CA ASP B 324 -44.82 44.38 12.89
C ASP B 324 -45.80 44.88 11.84
N PRO B 325 -45.66 44.49 10.57
CA PRO B 325 -46.52 45.07 9.53
C PRO B 325 -48.00 44.90 9.78
N ARG B 326 -48.41 43.90 10.56
CA ARG B 326 -49.81 43.79 10.93
C ARG B 326 -50.25 44.94 11.82
N ILE B 327 -49.39 45.35 12.75
CA ILE B 327 -49.70 46.51 13.59
C ILE B 327 -49.71 47.78 12.76
N ALA B 328 -48.79 47.88 11.79
CA ALA B 328 -48.76 49.06 10.93
C ALA B 328 -50.00 49.15 10.06
N ALA B 329 -50.57 48.02 9.65
CA ALA B 329 -51.80 48.03 8.88
C ALA B 329 -53.02 48.39 9.74
N THR B 330 -53.03 47.96 11.00
CA THR B 330 -54.14 48.31 11.89
C THR B 330 -54.19 49.82 12.13
N MET B 331 -53.03 50.42 12.41
CA MET B 331 -52.99 51.86 12.64
C MET B 331 -53.32 52.64 11.37
N GLU B 332 -52.85 52.16 10.22
CA GLU B 332 -53.13 52.84 8.96
C GLU B 332 -54.62 52.82 8.64
N ASN B 333 -55.26 51.67 8.80
CA ASN B 333 -56.70 51.60 8.60
C ASN B 333 -57.44 52.45 9.63
N ALA B 334 -56.91 52.53 10.85
CA ALA B 334 -57.53 53.36 11.87
C ALA B 334 -57.44 54.83 11.50
N GLN B 335 -56.25 55.27 11.07
CA GLN B 335 -56.08 56.67 10.67
C GLN B 335 -56.96 57.01 9.47
N LYS B 336 -57.25 56.03 8.62
CA LYS B 336 -58.16 56.22 7.49
C LYS B 336 -59.61 55.89 7.83
N GLY B 337 -59.86 55.36 9.03
CA GLY B 337 -61.20 54.93 9.41
C GLY B 337 -62.02 56.06 10.00
N GLU B 338 -63.16 55.67 10.55
CA GLU B 338 -64.09 56.60 11.18
C GLU B 338 -64.19 56.28 12.67
N ILE B 339 -63.95 57.29 13.50
CA ILE B 339 -64.04 57.10 14.94
C ILE B 339 -65.48 56.78 15.33
N MET B 340 -65.67 55.67 16.02
CA MET B 340 -67.00 55.21 16.38
C MET B 340 -67.64 56.19 17.35
N PRO B 341 -68.78 56.80 17.02
CA PRO B 341 -69.43 57.74 17.94
C PRO B 341 -69.77 57.06 19.27
N ASN B 342 -69.67 57.85 20.34
CA ASN B 342 -69.92 57.37 21.69
C ASN B 342 -71.23 57.91 22.26
N ILE B 343 -72.17 58.26 21.39
CA ILE B 343 -73.48 58.76 21.82
C ILE B 343 -74.45 57.59 21.92
N PRO B 344 -75.39 57.63 22.86
CA PRO B 344 -76.32 56.48 23.01
C PRO B 344 -77.18 56.26 21.78
N GLN B 345 -77.31 57.24 20.90
CA GLN B 345 -78.07 57.05 19.67
C GLN B 345 -77.42 56.06 18.72
N MET B 346 -76.16 55.69 18.96
CA MET B 346 -75.45 54.78 18.08
C MET B 346 -76.18 53.45 17.95
N SER B 347 -76.85 53.00 19.01
CA SER B 347 -77.57 51.73 18.95
C SER B 347 -78.66 51.76 17.89
N ALA B 348 -79.34 52.91 17.74
CA ALA B 348 -80.33 53.04 16.69
C ALA B 348 -79.68 53.00 15.31
N PHE B 349 -78.42 53.46 15.21
CA PHE B 349 -77.71 53.40 13.94
C PHE B 349 -77.40 51.97 13.54
N TRP B 350 -76.88 51.17 14.48
CA TRP B 350 -76.53 49.79 14.19
C TRP B 350 -77.74 49.03 13.64
N TYR B 351 -78.85 49.05 14.38
CA TYR B 351 -80.03 48.31 13.94
C TYR B 351 -80.57 48.82 12.62
N ALA B 352 -80.46 50.13 12.37
CA ALA B 352 -80.96 50.68 11.12
C ALA B 352 -80.14 50.19 9.94
N VAL B 353 -78.81 50.20 10.07
CA VAL B 353 -77.95 49.78 8.97
C VAL B 353 -78.02 48.26 8.80
N ARG B 354 -78.11 47.52 9.92
CA ARG B 354 -78.23 46.07 9.82
C ARG B 354 -79.44 45.69 8.97
N THR B 355 -80.57 46.36 9.18
CA THR B 355 -81.76 46.07 8.38
C THR B 355 -81.55 46.52 6.93
N ALA B 356 -80.85 47.63 6.72
CA ALA B 356 -80.63 48.12 5.36
C ALA B 356 -79.78 47.16 4.56
N VAL B 357 -78.69 46.65 5.15
CA VAL B 357 -77.79 45.76 4.42
C VAL B 357 -78.49 44.44 4.11
N ILE B 358 -79.21 43.88 5.09
CA ILE B 358 -79.88 42.61 4.87
C ILE B 358 -80.97 42.74 3.82
N ASN B 359 -81.77 43.81 3.89
CA ASN B 359 -82.83 44.00 2.91
C ASN B 359 -82.28 44.20 1.52
N ALA B 360 -81.13 44.89 1.40
CA ALA B 360 -80.53 45.10 0.10
C ALA B 360 -79.92 43.82 -0.45
N ALA B 361 -79.31 43.02 0.42
CA ALA B 361 -78.69 41.77 -0.03
C ALA B 361 -79.73 40.72 -0.36
N SER B 362 -80.89 40.76 0.31
CA SER B 362 -81.97 39.80 0.05
C SER B 362 -82.87 40.22 -1.09
N GLY B 363 -82.70 41.42 -1.63
CA GLY B 363 -83.60 41.94 -2.65
C GLY B 363 -84.91 42.48 -2.12
N ARG B 364 -85.16 42.37 -0.81
CA ARG B 364 -86.40 42.89 -0.24
C ARG B 364 -86.55 44.38 -0.54
N GLN B 365 -85.48 45.15 -0.34
CA GLN B 365 -85.45 46.57 -0.65
C GLN B 365 -84.29 46.87 -1.59
N THR B 366 -84.47 47.89 -2.41
CA THR B 366 -83.39 48.37 -3.25
C THR B 366 -82.39 49.17 -2.42
N VAL B 367 -81.24 49.48 -3.03
CA VAL B 367 -80.21 50.22 -2.33
C VAL B 367 -80.73 51.58 -1.88
N ASP B 368 -81.54 52.24 -2.72
CA ASP B 368 -82.10 53.54 -2.35
C ASP B 368 -83.09 53.40 -1.21
N GLU B 369 -84.02 52.45 -1.32
CA GLU B 369 -85.06 52.31 -0.30
C GLU B 369 -84.47 51.88 1.04
N ALA B 370 -83.48 50.98 1.02
CA ALA B 370 -82.90 50.50 2.27
C ALA B 370 -82.18 51.62 3.01
N LEU B 371 -81.41 52.43 2.29
CA LEU B 371 -80.67 53.52 2.94
C LEU B 371 -81.60 54.65 3.35
N LYS B 372 -82.71 54.85 2.64
CA LYS B 372 -83.67 55.87 3.06
C LYS B 372 -84.35 55.49 4.36
N ASP B 373 -84.70 54.21 4.53
CA ASP B 373 -85.28 53.76 5.78
C ASP B 373 -84.26 53.81 6.91
N ALA B 374 -83.02 53.40 6.65
CA ALA B 374 -81.98 53.48 7.66
C ALA B 374 -81.67 54.92 8.02
N GLN B 375 -81.84 55.85 7.08
CA GLN B 375 -81.67 57.27 7.39
C GLN B 375 -82.64 57.71 8.48
N THR B 376 -83.88 57.22 8.43
CA THR B 376 -84.89 57.60 9.41
C THR B 376 -84.89 56.69 10.64
N ASN B 377 -84.53 55.41 10.48
CA ASN B 377 -84.48 54.51 11.62
C ASN B 377 -83.30 54.78 12.53
N SER B 378 -82.25 55.43 12.02
CA SER B 378 -81.15 55.82 12.89
C SER B 378 -81.55 56.87 13.90
N GLY B 379 -82.64 57.60 13.64
CA GLY B 379 -83.16 58.61 14.54
C GLY B 379 -84.38 58.20 15.34
N SER B 380 -84.82 56.94 15.22
CA SER B 380 -85.96 56.50 16.01
C SER B 380 -85.62 56.52 17.50
N ASP B 381 -86.66 56.43 18.32
CA ASP B 381 -86.49 56.54 19.76
C ASP B 381 -85.69 55.36 20.31
N ILE B 382 -84.73 55.66 21.18
CA ILE B 382 -83.88 54.60 21.73
C ILE B 382 -84.68 53.71 22.67
N THR B 383 -85.62 54.29 23.41
CA THR B 383 -86.43 53.49 24.33
C THR B 383 -87.35 52.53 23.56
N SER B 384 -87.93 53.00 22.45
CA SER B 384 -88.76 52.12 21.64
C SER B 384 -87.97 50.93 21.14
N LEU B 385 -86.77 51.18 20.61
CA LEU B 385 -85.93 50.07 20.14
C LEU B 385 -85.51 49.17 21.29
N TYR B 386 -85.33 49.73 22.48
CA TYR B 386 -84.97 48.92 23.64
C TYR B 386 -86.12 47.98 24.02
N LYS B 387 -87.36 48.45 23.91
CA LYS B 387 -88.49 47.59 24.23
C LYS B 387 -88.76 46.56 23.14
N LYS B 388 -88.38 46.86 21.89
CA LYS B 388 -88.42 45.84 20.85
C LYS B 388 -87.49 44.68 21.19
N ALA B 389 -86.28 44.99 21.66
CA ALA B 389 -85.37 43.95 22.12
C ALA B 389 -85.92 43.26 23.37
N GLY B 390 -86.47 44.03 24.30
CA GLY B 390 -87.06 43.44 25.49
C GLY B 390 -88.17 42.45 25.17
N PHE B 391 -88.94 42.74 24.12
CA PHE B 391 -90.02 41.83 23.72
C PHE B 391 -89.48 40.63 22.94
N LEU B 392 -88.55 40.87 22.01
CA LEU B 392 -88.00 39.78 21.21
C LEU B 392 -87.14 38.85 22.06
N GLU B 393 -86.45 39.38 23.06
CA GLU B 393 -85.63 38.52 23.93
C GLU B 393 -86.50 37.52 24.68
N VAL B 394 -87.62 37.99 25.24
CA VAL B 394 -88.52 37.08 25.95
C VAL B 394 -89.19 36.12 24.97
N LEU B 395 -89.52 36.60 23.77
CA LEU B 395 -90.19 35.75 22.80
C LEU B 395 -89.31 34.58 22.39
N PHE B 396 -88.05 34.84 22.04
CA PHE B 396 -87.09 33.81 21.67
C PHE B 396 -86.14 33.47 22.82
N GLN B 397 -86.64 33.51 24.05
CA GLN B 397 -85.78 33.31 25.22
C GLN B 397 -85.12 31.93 25.17
N GLY B 398 -85.86 30.91 24.76
CA GLY B 398 -85.34 29.56 24.71
C GLY B 398 -84.14 29.43 23.79
N PRO B 399 -84.37 29.60 22.49
CA PRO B 399 -83.25 29.46 21.53
C PRO B 399 -82.10 30.43 21.79
N LEU B 400 -82.38 31.57 22.43
CA LEU B 400 -81.30 32.52 22.71
C LEU B 400 -80.43 32.06 23.88
N LYS B 401 -81.04 31.56 24.95
CA LYS B 401 -80.25 31.02 26.05
C LYS B 401 -79.34 29.90 25.58
N LYS B 402 -79.84 29.04 24.70
CA LYS B 402 -79.02 27.95 24.19
C LYS B 402 -77.93 28.46 23.25
N GLU B 403 -78.20 29.53 22.51
CA GLU B 403 -77.20 30.07 21.59
C GLU B 403 -76.02 30.66 22.34
N GLU B 404 -76.28 31.52 23.33
CA GLU B 404 -75.20 32.13 24.10
C GLU B 404 -74.41 31.09 24.89
N ALA B 405 -74.99 29.94 25.19
CA ALA B 405 -74.27 28.89 25.92
C ALA B 405 -73.36 28.10 24.99
N LYS B 406 -73.83 27.81 23.78
CA LYS B 406 -73.02 27.06 22.83
C LYS B 406 -71.97 27.93 22.14
N ARG B 407 -72.13 29.25 22.17
CA ARG B 407 -71.09 30.13 21.64
C ARG B 407 -69.95 30.29 22.63
N GLU B 408 -70.25 30.36 23.92
CA GLU B 408 -69.19 30.38 24.92
C GLU B 408 -68.48 29.03 24.99
N LYS B 409 -69.22 27.94 24.84
CA LYS B 409 -68.59 26.63 24.71
C LYS B 409 -67.63 26.59 23.54
N GLU B 410 -68.02 27.21 22.41
CA GLU B 410 -67.13 27.28 21.26
C GLU B 410 -65.97 28.22 21.51
N LEU B 411 -66.17 29.25 22.34
CA LEU B 411 -65.09 30.18 22.64
C LEU B 411 -64.06 29.57 23.58
N LYS B 412 -64.46 28.60 24.39
CA LYS B 412 -63.52 27.93 25.28
C LYS B 412 -62.75 26.84 24.56
N LYS B 413 -63.43 26.04 23.74
CA LYS B 413 -62.74 25.01 22.97
C LYS B 413 -61.85 25.60 21.90
N GLN B 414 -62.07 26.85 21.51
CA GLN B 414 -61.22 27.50 20.51
C GLN B 414 -60.03 28.22 21.15
N GLN B 415 -60.17 28.66 22.40
CA GLN B 415 -59.06 29.29 23.12
C GLN B 415 -58.16 28.26 23.79
N ARG B 416 -58.70 27.11 24.18
CA ARG B 416 -57.87 26.03 24.69
C ARG B 416 -57.10 25.32 23.58
N ALA B 417 -57.63 25.33 22.36
CA ALA B 417 -56.87 24.84 21.22
C ALA B 417 -55.76 25.81 20.84
N GLU B 418 -55.97 27.11 21.08
CA GLU B 418 -54.90 28.08 20.87
C GLU B 418 -53.80 27.92 21.91
N GLU B 419 -54.15 27.55 23.14
CA GLU B 419 -53.15 27.25 24.15
C GLU B 419 -52.45 25.93 23.86
N LYS B 420 -53.17 24.96 23.29
CA LYS B 420 -52.54 23.70 22.91
C LYS B 420 -51.59 23.87 21.75
N HIS B 421 -51.90 24.80 20.82
CA HIS B 421 -51.01 25.06 19.71
C HIS B 421 -49.80 25.87 20.15
N ARG B 422 -49.99 26.83 21.06
CA ARG B 422 -48.88 27.62 21.54
C ARG B 422 -47.86 26.75 22.28
N LYS B 423 -48.33 25.75 23.03
CA LYS B 423 -47.42 24.81 23.67
C LYS B 423 -46.74 23.92 22.64
N GLU B 424 -47.50 23.39 21.68
CA GLU B 424 -46.92 22.49 20.69
C GLU B 424 -45.92 23.21 19.80
N LEU B 425 -46.13 24.52 19.56
CA LEU B 425 -45.17 25.27 18.77
C LEU B 425 -43.88 25.52 19.54
N LEU B 426 -43.98 25.69 20.86
CA LEU B 426 -42.79 25.82 21.70
C LEU B 426 -42.16 24.49 22.04
N ARG B 427 -42.92 23.40 21.97
CA ARG B 427 -42.33 22.08 22.21
C ARG B 427 -41.47 21.65 21.04
N GLN B 428 -41.88 21.98 19.81
CA GLN B 428 -41.07 21.65 18.64
C GLN B 428 -39.80 22.49 18.61
N GLU B 429 -39.90 23.78 18.93
CA GLU B 429 -38.73 24.64 18.91
C GLU B 429 -37.80 24.35 20.08
N GLU B 430 -38.31 23.76 21.16
CA GLU B 430 -37.43 23.29 22.23
C GLU B 430 -36.64 22.07 21.79
N LYS B 431 -37.30 21.14 21.08
CA LYS B 431 -36.59 19.98 20.54
C LYS B 431 -35.65 20.37 19.41
N LYS B 432 -36.03 21.39 18.63
CA LYS B 432 -35.14 21.85 17.57
C LYS B 432 -33.84 22.41 18.14
N LYS B 433 -33.93 23.17 19.23
CA LYS B 433 -32.74 23.77 19.82
C LYS B 433 -31.92 22.73 20.57
N LYS B 434 -32.59 21.82 21.28
CA LYS B 434 -31.88 20.79 22.03
C LYS B 434 -31.26 19.74 21.11
N GLU B 435 -31.85 19.53 19.94
CA GLU B 435 -31.24 18.65 18.94
C GLU B 435 -30.12 19.35 18.18
N LEU B 436 -30.16 20.69 18.10
CA LEU B 436 -29.06 21.43 17.50
C LEU B 436 -27.84 21.44 18.41
N LYS B 437 -28.06 21.36 19.72
CA LYS B 437 -26.93 21.27 20.65
C LYS B 437 -26.27 19.90 20.59
N VAL B 438 -27.01 18.87 20.21
CA VAL B 438 -26.41 17.56 20.03
C VAL B 438 -25.47 17.57 18.82
N GLU B 439 -25.88 18.19 17.73
CA GLU B 439 -25.01 18.32 16.57
C GLU B 439 -23.80 19.20 16.89
N GLU B 440 -24.00 20.24 17.71
CA GLU B 440 -22.87 21.06 18.15
C GLU B 440 -21.90 20.24 18.97
N GLU B 441 -22.39 19.41 19.90
CA GLU B 441 -21.52 18.53 20.66
C GLU B 441 -20.94 17.44 19.78
N ARG B 442 -21.68 17.02 18.75
CA ARG B 442 -21.21 15.95 17.87
C ARG B 442 -20.02 16.39 17.05
N GLN B 443 -20.09 17.59 16.47
CA GLN B 443 -18.99 18.12 15.68
C GLN B 443 -17.88 18.72 16.54
N ARG B 444 -18.19 19.11 17.78
CA ARG B 444 -17.15 19.64 18.66
C ARG B 444 -16.17 18.54 19.07
N ARG B 445 -16.69 17.39 19.49
CA ARG B 445 -15.83 16.25 19.77
C ARG B 445 -15.19 15.69 18.52
N ALA B 446 -15.78 15.92 17.35
CA ALA B 446 -15.16 15.49 16.11
C ALA B 446 -14.01 16.40 15.71
N GLU B 447 -14.13 17.71 15.98
CA GLU B 447 -13.04 18.63 15.69
C GLU B 447 -11.86 18.39 16.64
N LEU B 448 -12.14 18.11 17.91
CA LEU B 448 -11.06 17.81 18.85
C LEU B 448 -10.35 16.51 18.47
N LYS B 449 -11.08 15.56 17.88
CA LYS B 449 -10.46 14.33 17.42
C LYS B 449 -9.66 14.52 16.14
N LYS B 450 -10.14 15.40 15.24
CA LYS B 450 -9.37 15.72 14.04
C LYS B 450 -8.05 16.38 14.39
N GLN B 451 -8.08 17.37 15.27
CA GLN B 451 -6.87 18.13 15.59
C GLN B 451 -5.85 17.25 16.30
N LYS B 452 -6.29 16.41 17.24
CA LYS B 452 -5.36 15.57 17.98
C LYS B 452 -4.72 14.53 17.06
N GLU B 453 -5.47 13.99 16.10
CA GLU B 453 -4.90 13.01 15.18
C GLU B 453 -4.00 13.66 14.14
N GLU B 454 -4.32 14.89 13.70
CA GLU B 454 -3.46 15.58 12.75
C GLU B 454 -2.21 16.14 13.42
N GLU B 455 -2.30 16.50 14.70
CA GLU B 455 -1.12 16.98 15.40
C GLU B 455 -0.11 15.87 15.63
N LYS B 456 -0.57 14.63 15.76
CA LYS B 456 0.34 13.49 15.87
C LYS B 456 0.86 13.03 14.51
N ARG B 457 0.11 13.30 13.43
CA ARG B 457 0.58 12.92 12.11
C ARG B 457 1.66 13.90 11.61
N ARG B 458 1.53 15.18 11.94
CA ARG B 458 2.54 16.15 11.54
C ARG B 458 3.83 15.93 12.31
N LYS B 459 3.75 15.68 13.62
CA LYS B 459 4.94 15.43 14.41
C LYS B 459 5.67 14.18 13.94
N GLU B 460 4.90 13.13 13.58
CA GLU B 460 5.51 11.92 13.04
C GLU B 460 6.02 12.10 11.62
N GLU B 461 5.37 12.96 10.84
CA GLU B 461 5.85 13.23 9.49
C GLU B 461 7.17 13.99 9.54
N ALA B 462 7.34 14.85 10.56
CA ALA B 462 8.62 15.52 10.73
C ALA B 462 9.64 14.58 11.35
N ARG B 463 9.18 13.55 12.07
CA ARG B 463 10.10 12.57 12.63
C ARG B 463 10.60 11.60 11.56
N LEU B 464 9.83 11.43 10.48
CA LEU B 464 10.25 10.55 9.39
C LEU B 464 11.23 11.25 8.46
N GLU B 465 10.99 12.54 8.16
CA GLU B 465 11.88 13.26 7.27
C GLU B 465 13.23 13.54 7.90
N ALA B 466 13.27 13.73 9.22
CA ALA B 466 14.55 13.92 9.90
C ALA B 466 15.34 12.62 9.96
N LYS B 467 14.67 11.52 10.27
CA LYS B 467 15.33 10.22 10.29
C LYS B 467 15.77 9.80 8.89
N ARG B 468 14.99 10.17 7.87
CA ARG B 468 15.40 9.89 6.50
C ARG B 468 16.67 10.65 6.14
N ARG B 469 16.76 11.92 6.58
CA ARG B 469 17.96 12.71 6.35
C ARG B 469 19.10 12.31 7.29
N LYS B 470 18.80 11.72 8.44
CA LYS B 470 19.84 11.26 9.34
C LYS B 470 20.61 10.09 8.73
N GLU B 471 19.89 9.11 8.18
CA GLU B 471 20.53 8.00 7.50
C GLU B 471 21.10 8.40 6.15
N GLU B 472 20.63 9.50 5.56
CA GLU B 472 21.16 9.93 4.27
C GLU B 472 22.53 10.59 4.41
N GLU B 473 22.72 11.40 5.45
CA GLU B 473 24.02 12.01 5.68
C GLU B 473 24.99 11.03 6.33
N ARG B 474 24.50 10.07 7.10
CA ARG B 474 25.37 9.02 7.60
C ARG B 474 25.88 8.15 6.46
N LEU B 475 25.03 7.91 5.45
CA LEU B 475 25.48 7.23 4.25
C LEU B 475 26.48 8.07 3.48
N LYS B 476 26.33 9.40 3.50
CA LYS B 476 27.27 10.27 2.81
C LYS B 476 28.63 10.26 3.50
N LYS B 477 28.65 10.25 4.84
CA LYS B 477 29.91 10.19 5.56
C LYS B 477 30.58 8.84 5.41
N GLU B 478 29.79 7.76 5.32
CA GLU B 478 30.35 6.45 5.05
C GLU B 478 30.90 6.34 3.64
N GLU B 479 30.44 7.21 2.73
CA GLU B 479 30.93 7.18 1.35
C GLU B 479 32.28 7.87 1.22
N GLU B 480 32.46 9.01 1.89
CA GLU B 480 33.75 9.69 1.85
C GLU B 480 34.85 8.87 2.52
N ILE B 481 34.48 8.03 3.48
CA ILE B 481 35.48 7.24 4.21
C ILE B 481 35.91 6.04 3.39
N ARG B 482 34.95 5.32 2.81
CA ARG B 482 35.28 4.11 2.06
C ARG B 482 35.90 4.40 0.70
N LEU B 483 35.76 5.62 0.19
CA LEU B 483 36.45 5.99 -1.04
C LEU B 483 37.91 6.35 -0.77
N LYS B 484 38.18 7.06 0.32
CA LYS B 484 39.56 7.36 0.70
C LYS B 484 40.29 6.12 1.17
N GLU B 485 39.58 5.18 1.78
CA GLU B 485 40.22 3.98 2.31
C GLU B 485 40.45 2.92 1.25
N GLU B 486 39.61 2.87 0.22
CA GLU B 486 39.77 1.92 -0.86
C GLU B 486 40.01 2.64 -2.19
N GLU C 13 -68.53 -11.34 36.55
CA GLU C 13 -68.46 -11.38 35.10
C GLU C 13 -67.60 -12.54 34.62
N GLU C 14 -68.18 -13.39 33.78
CA GLU C 14 -67.48 -14.55 33.24
C GLU C 14 -66.82 -14.20 31.91
N GLY C 15 -65.82 -15.00 31.54
CA GLY C 15 -65.10 -14.81 30.30
C GLY C 15 -63.87 -13.95 30.39
N LYS C 16 -63.66 -13.24 31.50
CA LYS C 16 -62.48 -12.41 31.69
C LYS C 16 -62.00 -12.52 33.12
N LEU C 17 -60.70 -12.37 33.31
CA LEU C 17 -60.07 -12.47 34.62
C LEU C 17 -59.88 -11.08 35.22
N VAL C 18 -60.21 -10.96 36.50
CA VAL C 18 -59.98 -9.73 37.26
C VAL C 18 -59.14 -10.11 38.48
N ILE C 19 -57.97 -9.49 38.60
CA ILE C 19 -57.01 -9.83 39.64
C ILE C 19 -56.83 -8.63 40.56
N TRP C 20 -56.75 -8.89 41.87
CA TRP C 20 -56.52 -7.87 42.87
C TRP C 20 -55.20 -8.15 43.56
N ILE C 21 -54.30 -7.15 43.57
CA ILE C 21 -53.01 -7.25 44.21
C ILE C 21 -52.69 -5.93 44.89
N ASN C 22 -51.85 -5.99 45.92
CA ASN C 22 -51.53 -4.80 46.69
C ASN C 22 -50.71 -3.83 45.85
N GLY C 23 -50.84 -2.53 46.17
CA GLY C 23 -50.17 -1.50 45.40
C GLY C 23 -48.66 -1.55 45.48
N ASP C 24 -48.10 -2.12 46.55
CA ASP C 24 -46.66 -2.19 46.71
C ASP C 24 -46.02 -3.31 45.89
N LYS C 25 -46.82 -4.14 45.23
CA LYS C 25 -46.29 -5.20 44.39
C LYS C 25 -46.17 -4.72 42.94
N GLY C 26 -45.53 -5.54 42.12
CA GLY C 26 -45.37 -5.21 40.71
C GLY C 26 -46.58 -5.55 39.88
N TYR C 27 -47.62 -4.71 39.95
CA TYR C 27 -48.85 -5.01 39.22
C TYR C 27 -48.73 -4.71 37.73
N ASN C 28 -47.88 -3.76 37.35
CA ASN C 28 -47.66 -3.49 35.93
C ASN C 28 -46.99 -4.68 35.25
N GLY C 29 -45.98 -5.26 35.89
CA GLY C 29 -45.41 -6.49 35.36
C GLY C 29 -46.40 -7.63 35.35
N LEU C 30 -47.27 -7.69 36.37
CA LEU C 30 -48.33 -8.69 36.38
C LEU C 30 -49.28 -8.49 35.21
N ALA C 31 -49.53 -7.23 34.84
CA ALA C 31 -50.38 -6.96 33.69
C ALA C 31 -49.77 -7.47 32.40
N GLU C 32 -48.43 -7.46 32.29
CA GLU C 32 -47.78 -8.03 31.12
C GLU C 32 -48.06 -9.51 31.01
N VAL C 33 -48.13 -10.22 32.15
CA VAL C 33 -48.51 -11.62 32.12
C VAL C 33 -49.98 -11.77 31.71
N GLY C 34 -50.82 -10.78 32.06
CA GLY C 34 -52.20 -10.82 31.61
C GLY C 34 -52.33 -10.57 30.12
N LYS C 35 -51.54 -9.63 29.58
CA LYS C 35 -51.54 -9.41 28.15
C LYS C 35 -50.97 -10.61 27.40
N LYS C 36 -50.06 -11.35 28.02
CA LYS C 36 -49.57 -12.59 27.42
C LYS C 36 -50.63 -13.67 27.46
N PHE C 37 -51.46 -13.69 28.51
CA PHE C 37 -52.58 -14.62 28.57
C PHE C 37 -53.70 -14.22 27.61
N GLU C 38 -53.86 -12.92 27.36
CA GLU C 38 -54.87 -12.47 26.42
C GLU C 38 -54.46 -12.73 24.98
N LYS C 39 -53.17 -12.62 24.68
CA LYS C 39 -52.65 -12.89 23.35
C LYS C 39 -52.50 -14.38 23.07
N ASP C 40 -53.07 -15.24 23.93
CA ASP C 40 -53.01 -16.68 23.73
C ASP C 40 -54.39 -17.30 23.87
N THR C 41 -55.22 -16.73 24.74
CA THR C 41 -56.58 -17.23 24.96
C THR C 41 -57.66 -16.25 24.53
N GLY C 42 -57.30 -15.02 24.18
CA GLY C 42 -58.29 -14.03 23.81
C GLY C 42 -59.18 -13.60 24.95
N ILE C 43 -58.68 -13.65 26.18
CA ILE C 43 -59.45 -13.32 27.37
C ILE C 43 -58.81 -12.11 28.04
N LYS C 44 -59.59 -11.06 28.22
CA LYS C 44 -59.07 -9.83 28.82
C LYS C 44 -58.80 -10.05 30.30
N VAL C 45 -57.61 -9.64 30.75
CA VAL C 45 -57.19 -9.78 32.14
C VAL C 45 -56.97 -8.38 32.70
N THR C 46 -57.73 -8.02 33.73
CA THR C 46 -57.65 -6.72 34.35
C THR C 46 -56.96 -6.84 35.71
N VAL C 47 -55.97 -5.98 35.95
CA VAL C 47 -55.22 -5.95 37.19
C VAL C 47 -55.52 -4.65 37.90
N GLU C 48 -56.04 -4.74 39.12
CA GLU C 48 -56.38 -3.58 39.94
C GLU C 48 -55.65 -3.68 41.28
N HIS C 49 -55.54 -2.55 41.97
CA HIS C 49 -54.89 -2.49 43.27
C HIS C 49 -55.63 -1.51 44.17
N PRO C 50 -56.66 -1.98 44.88
CA PRO C 50 -57.37 -1.11 45.81
C PRO C 50 -56.48 -0.67 46.96
N ASP C 51 -56.85 0.48 47.55
CA ASP C 51 -56.05 1.04 48.64
C ASP C 51 -56.17 0.23 49.92
N LYS C 52 -57.33 -0.36 50.18
CA LYS C 52 -57.58 -1.17 51.36
C LYS C 52 -57.99 -2.57 50.88
N LEU C 53 -56.98 -3.39 50.56
CA LEU C 53 -57.26 -4.71 50.01
C LEU C 53 -57.91 -5.62 51.03
N GLU C 54 -57.33 -5.72 52.22
CA GLU C 54 -57.85 -6.65 53.22
C GLU C 54 -59.27 -6.33 53.61
N GLU C 55 -59.69 -5.07 53.47
CA GLU C 55 -61.01 -4.65 53.89
C GLU C 55 -62.06 -4.77 52.78
N LYS C 56 -61.63 -4.73 51.52
CA LYS C 56 -62.58 -4.69 50.41
C LYS C 56 -62.87 -6.07 49.82
N PHE C 57 -61.92 -7.00 49.88
CA PHE C 57 -62.16 -8.31 49.29
C PHE C 57 -63.27 -9.08 49.99
N PRO C 58 -63.31 -9.17 51.33
CA PRO C 58 -64.38 -9.95 51.97
C PRO C 58 -65.78 -9.45 51.63
N GLN C 59 -65.97 -8.14 51.50
CA GLN C 59 -67.30 -7.61 51.24
C GLN C 59 -67.67 -7.68 49.76
N VAL C 60 -66.68 -7.47 48.88
CA VAL C 60 -66.96 -7.53 47.45
C VAL C 60 -67.10 -8.97 46.99
N ALA C 61 -66.17 -9.84 47.43
CA ALA C 61 -66.28 -11.25 47.10
C ALA C 61 -67.54 -11.85 47.72
N ALA C 62 -68.18 -12.75 46.98
CA ALA C 62 -69.42 -13.42 47.33
C ALA C 62 -70.64 -12.53 47.06
N THR C 63 -70.46 -11.25 46.75
CA THR C 63 -71.59 -10.36 46.47
C THR C 63 -71.21 -9.34 45.40
N GLY C 66 -66.36 -10.51 43.20
CA GLY C 66 -65.23 -9.60 43.10
C GLY C 66 -64.15 -10.09 42.14
N PRO C 67 -62.90 -10.10 42.58
CA PRO C 67 -61.82 -10.55 41.72
C PRO C 67 -61.74 -12.07 41.64
N ASP C 68 -61.31 -12.56 40.48
CA ASP C 68 -61.15 -13.99 40.30
C ASP C 68 -59.92 -14.52 41.04
N ILE C 69 -58.86 -13.72 41.08
CA ILE C 69 -57.64 -14.08 41.78
C ILE C 69 -57.31 -12.97 42.77
N ILE C 70 -56.91 -13.35 43.98
CA ILE C 70 -56.64 -12.39 45.05
C ILE C 70 -55.24 -12.66 45.59
N PHE C 71 -54.47 -11.58 45.77
CA PHE C 71 -53.12 -11.65 46.33
C PHE C 71 -53.10 -11.09 47.74
N TRP C 72 -52.31 -11.71 48.62
CA TRP C 72 -52.11 -11.19 49.96
C TRP C 72 -50.77 -11.70 50.47
N ALA C 73 -50.03 -10.82 51.15
CA ALA C 73 -48.67 -11.15 51.53
C ALA C 73 -48.61 -11.90 52.86
N HIS C 74 -49.45 -11.51 53.80
CA HIS C 74 -49.40 -12.06 55.16
C HIS C 74 -50.76 -12.54 55.59
N ASP C 75 -50.78 -13.63 56.34
CA ASP C 75 -52.01 -14.15 56.93
C ASP C 75 -52.33 -13.39 58.22
N ARG C 76 -53.62 -13.22 58.48
CA ARG C 76 -54.09 -12.50 59.65
C ARG C 76 -55.33 -13.20 60.20
N PHE C 77 -55.71 -12.83 61.41
CA PHE C 77 -56.88 -13.42 62.03
C PHE C 77 -58.13 -13.03 61.25
N GLY C 78 -59.00 -14.02 61.00
CA GLY C 78 -60.16 -13.79 60.17
C GLY C 78 -59.86 -13.61 58.71
N GLY C 79 -58.73 -14.12 58.23
CA GLY C 79 -58.32 -13.96 56.86
C GLY C 79 -59.21 -14.72 55.90
N TYR C 80 -58.79 -14.72 54.64
CA TYR C 80 -59.58 -15.35 53.59
C TYR C 80 -59.73 -16.85 53.85
N ALA C 81 -58.62 -17.52 54.15
CA ALA C 81 -58.69 -18.96 54.40
C ALA C 81 -59.55 -19.27 55.61
N GLN C 82 -59.39 -18.52 56.70
CA GLN C 82 -60.20 -18.73 57.89
C GLN C 82 -61.65 -18.32 57.68
N SER C 83 -61.95 -17.59 56.62
CA SER C 83 -63.31 -17.17 56.30
C SER C 83 -63.92 -17.99 55.17
N GLY C 84 -63.18 -18.94 54.61
CA GLY C 84 -63.71 -19.79 53.55
C GLY C 84 -64.00 -19.06 52.26
N LEU C 85 -63.32 -17.94 52.00
CA LEU C 85 -63.52 -17.16 50.78
C LEU C 85 -62.67 -17.64 49.62
N LEU C 86 -61.82 -18.63 49.82
CA LEU C 86 -60.92 -19.13 48.79
C LEU C 86 -61.38 -20.51 48.32
N ALA C 87 -61.13 -20.79 47.05
CA ALA C 87 -61.42 -22.09 46.47
C ALA C 87 -60.20 -23.01 46.59
N GLU C 88 -60.45 -24.26 46.94
CA GLU C 88 -59.38 -25.24 47.11
C GLU C 88 -58.75 -25.55 45.76
N ILE C 89 -57.49 -25.14 45.59
CA ILE C 89 -56.79 -25.40 44.33
C ILE C 89 -56.38 -26.87 44.26
N THR C 90 -56.12 -27.33 43.03
CA THR C 90 -55.79 -28.73 42.77
C THR C 90 -54.69 -28.82 41.73
N PRO C 91 -53.44 -28.64 42.15
CA PRO C 91 -52.32 -28.88 41.24
C PRO C 91 -51.87 -30.33 41.27
N ASP C 92 -51.42 -30.81 40.11
CA ASP C 92 -50.95 -32.17 40.00
C ASP C 92 -49.53 -32.32 40.55
N LYS C 93 -49.11 -33.57 40.75
CA LYS C 93 -47.79 -33.83 41.31
C LYS C 93 -46.68 -33.31 40.41
N ALA C 94 -46.94 -33.18 39.11
CA ALA C 94 -45.92 -32.64 38.20
C ALA C 94 -45.70 -31.16 38.44
N PHE C 95 -46.75 -30.42 38.81
CA PHE C 95 -46.61 -28.99 39.04
C PHE C 95 -46.08 -28.68 40.44
N GLN C 96 -46.45 -29.50 41.44
CA GLN C 96 -45.95 -29.26 42.79
C GLN C 96 -44.45 -29.52 42.91
N ASP C 97 -43.87 -30.26 41.97
CA ASP C 97 -42.42 -30.43 41.97
C ASP C 97 -41.69 -29.18 41.50
N LYS C 98 -42.35 -28.33 40.71
CA LYS C 98 -41.73 -27.08 40.27
C LYS C 98 -41.48 -26.13 41.43
N LEU C 99 -42.20 -26.27 42.53
CA LEU C 99 -42.04 -25.42 43.70
C LEU C 99 -41.40 -26.23 44.83
N TYR C 100 -40.71 -25.52 45.72
CA TYR C 100 -40.13 -26.16 46.88
C TYR C 100 -41.24 -26.71 47.78
N PRO C 101 -41.03 -27.87 48.41
CA PRO C 101 -42.13 -28.49 49.17
C PRO C 101 -42.65 -27.61 50.31
N PHE C 102 -41.78 -26.94 51.05
CA PHE C 102 -42.23 -26.17 52.20
C PHE C 102 -43.09 -24.98 51.79
N THR C 103 -42.97 -24.51 50.54
CA THR C 103 -43.79 -23.40 50.10
C THR C 103 -45.26 -23.80 50.00
N TRP C 104 -45.55 -25.06 49.72
CA TRP C 104 -46.93 -25.53 49.73
C TRP C 104 -47.48 -25.66 51.14
N ASP C 105 -46.62 -25.80 52.14
CA ASP C 105 -47.10 -25.87 53.53
C ASP C 105 -47.58 -24.51 54.02
N ALA C 106 -47.01 -23.42 53.49
CA ALA C 106 -47.42 -22.08 53.90
C ALA C 106 -48.73 -21.65 53.28
N VAL C 107 -49.28 -22.41 52.34
CA VAL C 107 -50.54 -22.08 51.69
C VAL C 107 -51.57 -23.19 51.90
N ARG C 108 -51.41 -24.00 52.93
CA ARG C 108 -52.29 -25.13 53.22
C ARG C 108 -53.10 -24.81 54.47
N TYR C 109 -54.42 -24.80 54.34
CA TYR C 109 -55.32 -24.51 55.45
C TYR C 109 -56.16 -25.74 55.75
N ASN C 110 -55.97 -26.31 56.93
CA ASN C 110 -56.69 -27.51 57.36
C ASN C 110 -56.50 -28.64 56.36
N GLY C 111 -55.26 -28.88 55.97
CA GLY C 111 -54.93 -29.96 55.06
C GLY C 111 -55.42 -29.77 53.64
N LYS C 112 -55.62 -28.53 53.21
CA LYS C 112 -56.09 -28.25 51.86
C LYS C 112 -55.34 -27.05 51.30
N LEU C 113 -54.80 -27.19 50.10
CA LEU C 113 -54.12 -26.09 49.44
C LEU C 113 -55.14 -25.05 48.99
N ILE C 114 -54.91 -23.79 49.39
CA ILE C 114 -55.88 -22.73 49.14
C ILE C 114 -55.21 -21.51 48.51
N ALA C 115 -54.00 -21.68 47.99
CA ALA C 115 -53.30 -20.57 47.35
C ALA C 115 -52.04 -21.08 46.67
N TYR C 116 -51.56 -20.31 45.71
CA TYR C 116 -50.33 -20.63 45.00
C TYR C 116 -49.18 -19.81 45.56
N PRO C 117 -48.08 -20.42 45.98
CA PRO C 117 -46.94 -19.63 46.47
C PRO C 117 -46.27 -18.87 45.34
N ILE C 118 -46.11 -17.56 45.53
CA ILE C 118 -45.52 -16.72 44.49
C ILE C 118 -44.12 -16.30 44.91
N ALA C 119 -44.00 -15.72 46.09
CA ALA C 119 -42.72 -15.26 46.62
C ALA C 119 -42.51 -15.82 48.02
N VAL C 120 -41.24 -16.00 48.37
CA VAL C 120 -40.83 -16.45 49.70
C VAL C 120 -40.25 -15.26 50.45
N GLU C 121 -40.48 -15.24 51.76
CA GLU C 121 -40.13 -14.10 52.59
C GLU C 121 -39.69 -14.60 53.96
N ALA C 122 -38.51 -14.16 54.39
CA ALA C 122 -37.99 -14.56 55.70
C ALA C 122 -36.93 -13.57 56.14
N LEU C 123 -36.79 -13.44 57.46
CA LEU C 123 -35.79 -12.55 58.02
C LEU C 123 -34.38 -13.09 57.76
N SER C 124 -33.43 -12.18 57.61
CA SER C 124 -32.03 -12.52 57.41
C SER C 124 -31.16 -11.52 58.16
N LEU C 125 -29.91 -11.91 58.40
CA LEU C 125 -28.96 -11.05 59.07
C LEU C 125 -28.37 -10.07 58.06
N ILE C 126 -28.60 -8.78 58.29
CA ILE C 126 -28.08 -7.72 57.44
C ILE C 126 -26.90 -7.09 58.18
N TYR C 127 -25.70 -7.23 57.62
CA TYR C 127 -24.48 -6.77 58.27
C TYR C 127 -23.81 -5.68 57.44
N ASN C 128 -23.05 -4.83 58.11
CA ASN C 128 -22.28 -3.78 57.47
C ASN C 128 -20.94 -4.34 57.03
N LYS C 129 -20.65 -4.27 55.73
CA LYS C 129 -19.43 -4.90 55.21
C LYS C 129 -18.18 -4.13 55.62
N ASP C 130 -18.26 -2.82 55.77
CA ASP C 130 -17.09 -2.05 56.16
C ASP C 130 -16.78 -2.26 57.65
N LEU C 131 -17.82 -2.38 58.48
CA LEU C 131 -17.60 -2.61 59.90
C LEU C 131 -17.40 -4.09 60.21
N LEU C 132 -17.96 -4.98 59.41
CA LEU C 132 -17.97 -6.42 59.70
C LEU C 132 -17.90 -7.20 58.39
N PRO C 133 -16.72 -7.30 57.79
CA PRO C 133 -16.62 -8.02 56.51
C PRO C 133 -16.98 -9.49 56.62
N ASN C 134 -16.61 -10.15 57.72
CA ASN C 134 -16.98 -11.53 57.98
C ASN C 134 -18.00 -11.57 59.12
N PRO C 135 -19.30 -11.63 58.84
CA PRO C 135 -20.29 -11.59 59.91
C PRO C 135 -20.18 -12.82 60.80
N PRO C 136 -20.58 -12.71 62.06
CA PRO C 136 -20.52 -13.88 62.94
C PRO C 136 -21.55 -14.93 62.56
N LYS C 137 -21.18 -16.19 62.76
CA LYS C 137 -22.04 -17.32 62.44
C LYS C 137 -22.79 -17.87 63.65
N THR C 138 -22.58 -17.28 64.82
CA THR C 138 -23.25 -17.75 66.03
C THR C 138 -23.65 -16.57 66.89
N TRP C 139 -24.75 -16.72 67.62
CA TRP C 139 -25.19 -15.68 68.55
C TRP C 139 -24.23 -15.51 69.71
N GLU C 140 -23.52 -16.57 70.10
CA GLU C 140 -22.68 -16.52 71.28
C GLU C 140 -21.54 -15.51 71.14
N GLU C 141 -21.02 -15.32 69.93
CA GLU C 141 -19.85 -14.49 69.72
C GLU C 141 -20.20 -13.02 69.44
N ILE C 142 -21.44 -12.61 69.70
CA ILE C 142 -21.86 -11.24 69.44
C ILE C 142 -21.48 -10.36 70.63
N PRO C 143 -21.71 -10.80 71.87
CA PRO C 143 -21.24 -9.98 73.02
C PRO C 143 -19.79 -9.58 72.91
N ALA C 144 -18.89 -10.54 72.65
CA ALA C 144 -17.49 -10.19 72.46
C ALA C 144 -17.30 -9.30 71.24
N LEU C 145 -18.12 -9.49 70.21
CA LEU C 145 -18.03 -8.63 69.03
C LEU C 145 -18.53 -7.22 69.33
N ASP C 146 -19.50 -7.09 70.22
CA ASP C 146 -20.02 -5.77 70.57
C ASP C 146 -19.01 -4.98 71.39
N LYS C 147 -18.20 -5.66 72.21
CA LYS C 147 -17.19 -4.96 72.99
C LYS C 147 -16.17 -4.27 72.10
N GLU C 148 -15.75 -4.94 71.02
CA GLU C 148 -14.79 -4.32 70.11
C GLU C 148 -15.37 -3.11 69.40
N LEU C 149 -16.66 -3.17 69.06
CA LEU C 149 -17.30 -2.05 68.40
C LEU C 149 -17.67 -0.93 69.37
N LYS C 150 -17.96 -1.28 70.63
CA LYS C 150 -18.17 -0.24 71.63
C LYS C 150 -16.93 0.62 71.81
N ALA C 151 -15.75 -0.01 71.85
CA ALA C 151 -14.50 0.74 71.98
C ALA C 151 -14.27 1.61 70.76
N LYS C 152 -14.70 1.17 69.58
CA LYS C 152 -14.56 1.97 68.37
C LYS C 152 -15.66 3.00 68.18
N GLY C 153 -16.69 2.97 69.03
CA GLY C 153 -17.79 3.90 68.93
C GLY C 153 -18.99 3.41 68.16
N LYS C 154 -19.17 2.10 68.04
CA LYS C 154 -20.27 1.53 67.27
C LYS C 154 -21.00 0.51 68.15
N SER C 155 -21.71 -0.40 67.50
CA SER C 155 -22.40 -1.50 68.19
C SER C 155 -22.53 -2.67 67.23
N ALA C 156 -22.69 -3.86 67.80
CA ALA C 156 -22.71 -5.08 67.00
C ALA C 156 -24.06 -5.28 66.32
N LEU C 157 -25.14 -5.30 67.10
CA LEU C 157 -26.45 -5.65 66.57
C LEU C 157 -27.54 -4.79 67.20
N MET C 158 -28.46 -4.32 66.35
CA MET C 158 -29.65 -3.60 66.79
C MET C 158 -30.80 -3.96 65.87
N PHE C 159 -31.87 -4.52 66.45
CA PHE C 159 -33.04 -4.87 65.67
C PHE C 159 -34.28 -4.75 66.54
N ASN C 160 -35.44 -4.72 65.88
CA ASN C 160 -36.72 -4.53 66.56
C ASN C 160 -36.97 -5.62 67.60
N LEU C 161 -37.01 -5.24 68.88
CA LEU C 161 -37.31 -6.17 69.96
C LEU C 161 -38.75 -6.11 70.41
N GLN C 162 -39.53 -5.13 69.94
CA GLN C 162 -40.90 -4.95 70.39
C GLN C 162 -41.85 -5.92 69.71
N GLU C 163 -41.59 -6.27 68.45
CA GLU C 163 -42.43 -7.22 67.72
C GLU C 163 -41.89 -8.64 67.89
N PRO C 164 -42.70 -9.59 68.32
CA PRO C 164 -42.21 -10.97 68.47
C PRO C 164 -41.82 -11.61 67.15
N TYR C 165 -42.30 -11.09 66.02
CA TYR C 165 -41.90 -11.62 64.72
C TYR C 165 -40.40 -11.55 64.52
N PHE C 166 -39.74 -10.51 65.06
CA PHE C 166 -38.31 -10.32 64.87
C PHE C 166 -37.48 -11.07 65.89
N THR C 167 -37.97 -11.21 67.12
CA THR C 167 -37.23 -11.90 68.17
C THR C 167 -37.43 -13.40 68.16
N TRP C 168 -38.48 -13.89 67.50
CA TRP C 168 -38.73 -15.33 67.47
C TRP C 168 -37.58 -16.12 66.87
N PRO C 169 -36.89 -15.66 65.81
CA PRO C 169 -35.76 -16.44 65.27
C PRO C 169 -34.76 -16.86 66.33
N LEU C 170 -34.46 -15.99 67.29
CA LEU C 170 -33.53 -16.34 68.36
C LEU C 170 -34.19 -17.21 69.42
N ILE C 171 -35.47 -16.99 69.70
CA ILE C 171 -36.14 -17.74 70.76
C ILE C 171 -36.40 -19.18 70.32
N ALA C 172 -36.82 -19.37 69.07
CA ALA C 172 -37.18 -20.70 68.58
C ALA C 172 -35.99 -21.50 68.10
N ALA C 173 -34.78 -20.95 68.17
CA ALA C 173 -33.61 -21.65 67.63
C ALA C 173 -33.34 -22.95 68.38
N ASP C 174 -33.35 -22.90 69.71
CA ASP C 174 -32.98 -24.05 70.53
C ASP C 174 -34.10 -25.06 70.69
N GLY C 175 -35.25 -24.86 70.04
CA GLY C 175 -36.33 -25.83 70.13
C GLY C 175 -37.67 -25.23 70.48
N GLY C 176 -37.87 -23.96 70.13
CA GLY C 176 -39.13 -23.29 70.36
C GLY C 176 -40.02 -23.35 69.13
N TYR C 177 -41.33 -23.46 69.37
CA TYR C 177 -42.30 -23.51 68.29
C TYR C 177 -43.63 -22.96 68.80
N ALA C 178 -44.46 -22.50 67.85
CA ALA C 178 -45.78 -22.00 68.18
C ALA C 178 -46.71 -23.15 68.52
N PHE C 179 -47.07 -23.96 67.53
CA PHE C 179 -47.90 -25.13 67.73
C PHE C 179 -47.28 -26.32 67.00
N LYS C 180 -47.33 -27.49 67.63
CA LYS C 180 -46.70 -28.68 67.06
C LYS C 180 -47.40 -29.09 65.76
N TYR C 181 -46.61 -29.32 64.72
CA TYR C 181 -47.12 -29.71 63.41
C TYR C 181 -46.97 -31.23 63.29
N GLU C 182 -48.10 -31.94 63.31
CA GLU C 182 -48.10 -33.40 63.27
C GLU C 182 -49.22 -33.89 62.37
N ASN C 183 -48.87 -34.71 61.38
CA ASN C 183 -49.85 -35.32 60.49
C ASN C 183 -50.63 -34.28 59.69
N GLY C 184 -49.98 -33.17 59.35
CA GLY C 184 -50.55 -32.17 58.47
C GLY C 184 -51.35 -31.08 59.16
N LYS C 185 -51.77 -31.29 60.40
CA LYS C 185 -52.59 -30.33 61.11
C LYS C 185 -51.92 -29.89 62.40
N TYR C 186 -52.20 -28.66 62.82
CA TYR C 186 -51.62 -28.12 64.04
C TYR C 186 -52.43 -28.54 65.26
N ASP C 187 -51.73 -28.92 66.32
CA ASP C 187 -52.35 -29.28 67.59
C ASP C 187 -52.23 -28.08 68.54
N ILE C 188 -53.34 -27.37 68.72
CA ILE C 188 -53.34 -26.17 69.54
C ILE C 188 -53.03 -26.45 71.00
N LYS C 189 -53.11 -27.72 71.43
CA LYS C 189 -52.74 -28.06 72.80
C LYS C 189 -51.23 -28.06 72.99
N ASP C 190 -50.49 -28.50 71.98
CA ASP C 190 -49.03 -28.57 72.07
C ASP C 190 -48.43 -27.21 71.74
N VAL C 191 -47.93 -26.52 72.77
CA VAL C 191 -47.34 -25.20 72.63
C VAL C 191 -45.89 -25.26 73.07
N GLY C 192 -44.98 -24.84 72.20
CA GLY C 192 -43.56 -24.88 72.50
C GLY C 192 -42.98 -23.53 72.83
N VAL C 193 -43.57 -22.83 73.79
CA VAL C 193 -43.10 -21.52 74.20
C VAL C 193 -42.38 -21.55 75.55
N ASP C 194 -42.74 -22.46 76.44
CA ASP C 194 -42.12 -22.55 77.76
C ASP C 194 -41.15 -23.72 77.87
N ASN C 195 -40.75 -24.31 76.75
CA ASN C 195 -39.85 -25.45 76.78
C ASN C 195 -38.41 -24.97 76.99
N ALA C 196 -37.49 -25.94 77.13
CA ALA C 196 -36.10 -25.60 77.38
C ALA C 196 -35.49 -24.81 76.23
N GLY C 197 -35.94 -25.07 74.99
CA GLY C 197 -35.37 -24.37 73.86
C GLY C 197 -35.68 -22.88 73.86
N ALA C 198 -36.97 -22.55 73.99
CA ALA C 198 -37.36 -21.14 73.98
C ALA C 198 -36.83 -20.39 75.20
N LYS C 199 -36.71 -21.07 76.34
CA LYS C 199 -36.23 -20.40 77.54
C LYS C 199 -34.79 -19.95 77.38
N ALA C 200 -33.95 -20.75 76.71
CA ALA C 200 -32.57 -20.35 76.48
C ALA C 200 -32.50 -19.19 75.49
N GLY C 201 -33.38 -19.19 74.47
CA GLY C 201 -33.37 -18.11 73.51
C GLY C 201 -33.73 -16.77 74.13
N LEU C 202 -34.81 -16.75 74.92
CA LEU C 202 -35.22 -15.52 75.58
C LEU C 202 -34.19 -15.11 76.64
N THR C 203 -33.65 -16.07 77.39
CA THR C 203 -32.61 -15.75 78.35
C THR C 203 -31.42 -15.07 77.68
N PHE C 204 -31.01 -15.57 76.52
CA PHE C 204 -29.90 -14.96 75.81
C PHE C 204 -30.26 -13.57 75.32
N LEU C 205 -31.51 -13.38 74.88
CA LEU C 205 -31.95 -12.04 74.47
C LEU C 205 -31.95 -11.09 75.66
N VAL C 206 -32.44 -11.56 76.81
CA VAL C 206 -32.46 -10.71 78.00
C VAL C 206 -31.05 -10.44 78.49
N ASP C 207 -30.18 -11.46 78.46
CA ASP C 207 -28.80 -11.26 78.87
C ASP C 207 -28.09 -10.25 77.96
N LEU C 208 -28.42 -10.24 76.67
CA LEU C 208 -27.87 -9.21 75.80
C LEU C 208 -28.28 -7.81 76.23
N ILE C 209 -29.46 -7.69 76.84
CA ILE C 209 -29.91 -6.39 77.34
C ILE C 209 -29.33 -6.12 78.73
N LYS C 210 -29.32 -7.15 79.59
CA LYS C 210 -28.74 -7.01 80.93
C LYS C 210 -27.24 -6.76 80.90
N ASN C 211 -26.59 -6.87 79.74
CA ASN C 211 -25.18 -6.56 79.59
C ASN C 211 -24.96 -5.32 78.73
N LYS C 212 -26.01 -4.53 78.50
CA LYS C 212 -25.92 -3.26 77.77
C LYS C 212 -25.49 -3.45 76.33
N HIS C 213 -25.61 -4.67 75.78
CA HIS C 213 -25.34 -4.88 74.36
C HIS C 213 -26.51 -4.41 73.51
N MET C 214 -27.74 -4.60 73.98
CA MET C 214 -28.93 -4.15 73.28
C MET C 214 -29.82 -3.38 74.24
N ASN C 215 -30.55 -2.42 73.70
CA ASN C 215 -31.49 -1.62 74.49
C ASN C 215 -32.89 -2.23 74.40
N ALA C 216 -33.58 -2.25 75.54
CA ALA C 216 -34.91 -2.83 75.60
C ALA C 216 -35.95 -2.03 74.81
N ASP C 217 -35.63 -0.79 74.42
CA ASP C 217 -36.57 0.06 73.71
C ASP C 217 -36.30 0.14 72.22
N THR C 218 -35.39 -0.69 71.70
CA THR C 218 -35.03 -0.65 70.28
C THR C 218 -36.20 -1.19 69.45
N ASP C 219 -36.84 -0.32 68.70
CA ASP C 219 -37.94 -0.71 67.84
C ASP C 219 -37.45 -0.80 66.39
N TYR C 220 -38.39 -0.81 65.44
CA TYR C 220 -38.03 -1.01 64.04
C TYR C 220 -37.27 0.19 63.49
N SER C 221 -37.89 1.37 63.50
CA SER C 221 -37.27 2.55 62.91
C SER C 221 -35.99 2.94 63.65
N ILE C 222 -35.91 2.66 64.95
CA ILE C 222 -34.69 2.97 65.69
C ILE C 222 -33.52 2.14 65.18
N ALA C 223 -33.77 0.85 64.93
CA ALA C 223 -32.71 0.00 64.39
C ALA C 223 -32.45 0.30 62.92
N GLU C 224 -33.51 0.53 62.15
CA GLU C 224 -33.34 0.84 60.73
C GLU C 224 -32.53 2.12 60.55
N ALA C 225 -32.70 3.09 61.45
CA ALA C 225 -31.91 4.32 61.38
C ALA C 225 -30.50 4.10 61.91
N ALA C 226 -30.32 3.20 62.88
CA ALA C 226 -28.99 2.92 63.39
C ALA C 226 -28.13 2.19 62.37
N PHE C 227 -28.76 1.41 61.48
CA PHE C 227 -28.02 0.68 60.46
C PHE C 227 -27.79 1.52 59.20
N ASN C 228 -28.77 2.34 58.83
CA ASN C 228 -28.61 3.18 57.65
C ASN C 228 -27.60 4.30 57.89
N LYS C 229 -27.47 4.77 59.13
CA LYS C 229 -26.46 5.75 59.49
C LYS C 229 -25.08 5.14 59.69
N GLY C 230 -24.96 3.82 59.59
CA GLY C 230 -23.69 3.18 59.86
C GLY C 230 -23.31 3.13 61.32
N GLU C 231 -24.28 3.27 62.23
CA GLU C 231 -23.96 3.33 63.64
C GLU C 231 -23.88 1.94 64.27
N THR C 232 -24.58 0.96 63.69
CA THR C 232 -24.56 -0.40 64.19
C THR C 232 -24.08 -1.34 63.09
N ALA C 233 -23.40 -2.40 63.50
CA ALA C 233 -22.75 -3.29 62.54
C ALA C 233 -23.69 -4.31 61.93
N MET C 234 -24.81 -4.63 62.59
CA MET C 234 -25.72 -5.65 62.08
C MET C 234 -27.15 -5.27 62.41
N THR C 235 -28.08 -5.93 61.72
CA THR C 235 -29.51 -5.77 61.96
C THR C 235 -30.23 -6.96 61.36
N ILE C 236 -31.44 -7.19 61.84
CA ILE C 236 -32.24 -8.35 61.44
C ILE C 236 -33.52 -7.82 60.79
N ASN C 237 -33.66 -8.04 59.49
CA ASN C 237 -34.81 -7.53 58.75
C ASN C 237 -35.02 -8.39 57.51
N GLY C 238 -36.09 -8.10 56.77
CA GLY C 238 -36.43 -8.84 55.58
C GLY C 238 -36.16 -8.06 54.31
N PRO C 239 -36.47 -8.66 53.17
CA PRO C 239 -36.19 -7.99 51.89
C PRO C 239 -36.87 -6.64 51.74
N TRP C 240 -37.96 -6.40 52.46
CA TRP C 240 -38.68 -5.13 52.32
C TRP C 240 -37.82 -3.93 52.71
N ALA C 241 -36.81 -4.13 53.55
CA ALA C 241 -35.97 -3.04 54.02
C ALA C 241 -34.76 -2.78 53.13
N TRP C 242 -34.62 -3.52 52.03
CA TRP C 242 -33.44 -3.36 51.18
C TRP C 242 -33.44 -2.06 50.40
N SER C 243 -34.61 -1.46 50.17
CA SER C 243 -34.64 -0.18 49.45
C SER C 243 -34.09 0.95 50.31
N ASN C 244 -34.47 0.99 51.59
CA ASN C 244 -33.96 2.04 52.46
C ASN C 244 -32.46 1.94 52.67
N ILE C 245 -31.90 0.73 52.54
CA ILE C 245 -30.46 0.57 52.70
C ILE C 245 -29.72 0.97 51.43
N ASP C 246 -30.31 0.70 50.27
CA ASP C 246 -29.67 1.11 49.01
C ASP C 246 -29.58 2.63 48.92
N THR C 247 -30.63 3.34 49.33
CA THR C 247 -30.60 4.80 49.28
C THR C 247 -29.63 5.38 50.31
N SER C 248 -29.42 4.67 51.42
CA SER C 248 -28.46 5.13 52.43
C SER C 248 -27.02 5.01 51.96
N LYS C 249 -26.77 4.29 50.86
CA LYS C 249 -25.44 4.17 50.28
C LYS C 249 -24.46 3.50 51.24
N VAL C 250 -24.94 2.55 52.04
CA VAL C 250 -24.12 1.80 52.97
C VAL C 250 -23.82 0.43 52.37
N ASN C 251 -22.54 0.12 52.23
CA ASN C 251 -22.13 -1.18 51.70
C ASN C 251 -22.55 -2.28 52.67
N TYR C 252 -23.60 -3.02 52.31
CA TYR C 252 -24.19 -4.02 53.18
C TYR C 252 -24.26 -5.36 52.48
N GLY C 253 -24.47 -6.40 53.28
CA GLY C 253 -24.65 -7.74 52.76
C GLY C 253 -25.68 -8.49 53.60
N VAL C 254 -26.39 -9.38 52.93
CA VAL C 254 -27.45 -10.19 53.55
C VAL C 254 -26.95 -11.62 53.63
N THR C 255 -26.89 -12.16 54.85
CA THR C 255 -26.37 -13.51 55.09
C THR C 255 -27.36 -14.30 55.92
N VAL C 256 -27.04 -15.58 56.13
CA VAL C 256 -27.87 -16.44 56.96
C VAL C 256 -27.77 -15.98 58.42
N LEU C 257 -28.88 -16.15 59.14
CA LEU C 257 -28.91 -15.75 60.54
C LEU C 257 -27.92 -16.59 61.35
N PRO C 258 -27.32 -16.02 62.40
CA PRO C 258 -26.40 -16.79 63.23
C PRO C 258 -27.11 -17.90 63.96
N THR C 259 -26.34 -18.93 64.32
CA THR C 259 -26.87 -20.07 65.05
C THR C 259 -26.83 -19.81 66.55
N PHE C 260 -27.69 -20.51 67.28
CA PHE C 260 -27.75 -20.44 68.73
C PHE C 260 -27.69 -21.85 69.29
N LYS C 261 -26.72 -22.11 70.15
CA LYS C 261 -26.49 -23.45 70.69
C LYS C 261 -26.27 -24.47 69.57
N GLY C 262 -25.50 -24.07 68.57
CA GLY C 262 -25.24 -24.87 67.39
C GLY C 262 -26.45 -25.12 66.52
N GLN C 263 -27.62 -24.52 66.86
CA GLN C 263 -28.85 -24.72 66.08
C GLN C 263 -29.17 -23.47 65.26
N PRO C 264 -29.70 -23.63 64.05
CA PRO C 264 -29.98 -22.46 63.21
C PRO C 264 -31.20 -21.71 63.72
N SER C 265 -31.17 -20.39 63.54
CA SER C 265 -32.32 -19.57 63.89
C SER C 265 -33.52 -19.95 63.05
N LYS C 266 -34.70 -19.88 63.67
CA LYS C 266 -35.93 -20.27 62.98
C LYS C 266 -36.84 -19.06 62.72
N PRO C 267 -36.61 -18.33 61.64
CA PRO C 267 -37.52 -17.22 61.30
C PRO C 267 -38.83 -17.74 60.71
N PHE C 268 -39.90 -16.99 60.96
CA PHE C 268 -41.19 -17.34 60.39
C PHE C 268 -41.19 -17.13 58.89
N VAL C 269 -41.84 -18.04 58.17
CA VAL C 269 -41.81 -18.06 56.71
C VAL C 269 -43.10 -17.42 56.20
N GLY C 270 -42.96 -16.24 55.59
CA GLY C 270 -44.08 -15.58 54.94
C GLY C 270 -44.02 -15.82 53.43
N VAL C 271 -45.20 -15.94 52.82
CA VAL C 271 -45.31 -16.28 51.41
C VAL C 271 -46.37 -15.38 50.77
N LEU C 272 -45.98 -14.65 49.73
CA LEU C 272 -46.94 -13.92 48.91
C LEU C 272 -47.83 -14.93 48.19
N SER C 273 -49.11 -14.95 48.53
CA SER C 273 -50.03 -15.99 48.09
C SER C 273 -51.01 -15.43 47.07
N ALA C 274 -51.37 -16.29 46.10
CA ALA C 274 -52.39 -15.99 45.11
C ALA C 274 -53.43 -17.11 45.15
N GLY C 275 -54.66 -16.76 45.51
CA GLY C 275 -55.72 -17.74 45.62
C GLY C 275 -56.90 -17.46 44.71
N ILE C 276 -57.66 -18.49 44.40
CA ILE C 276 -58.85 -18.37 43.56
C ILE C 276 -60.05 -18.06 44.46
N ASN C 277 -60.89 -17.13 44.00
CA ASN C 277 -62.05 -16.73 44.78
C ASN C 277 -63.10 -17.83 44.77
N ALA C 278 -63.65 -18.15 45.95
CA ALA C 278 -64.67 -19.18 46.03
C ALA C 278 -65.91 -18.80 45.23
N ALA C 279 -66.21 -17.52 45.12
CA ALA C 279 -67.35 -17.02 44.35
C ALA C 279 -66.91 -16.51 42.99
N SER C 280 -66.16 -17.33 42.25
CA SER C 280 -65.66 -16.95 40.93
C SER C 280 -66.09 -18.00 39.92
N PRO C 281 -66.74 -17.61 38.83
CA PRO C 281 -67.15 -18.59 37.81
C PRO C 281 -66.00 -19.10 36.96
N ASN C 282 -64.80 -18.53 37.10
CA ASN C 282 -63.65 -18.91 36.30
C ASN C 282 -62.64 -19.64 37.19
N LYS C 283 -62.97 -20.89 37.53
CA LYS C 283 -62.08 -21.69 38.37
C LYS C 283 -60.88 -22.19 37.59
N GLU C 284 -61.10 -22.72 36.40
CA GLU C 284 -60.01 -23.27 35.60
C GLU C 284 -59.21 -22.16 34.90
N LEU C 285 -59.85 -21.06 34.54
CA LEU C 285 -59.13 -19.96 33.92
C LEU C 285 -58.11 -19.35 34.88
N ALA C 286 -58.50 -19.22 36.16
CA ALA C 286 -57.53 -18.75 37.16
C ALA C 286 -56.39 -19.73 37.33
N LYS C 287 -56.71 -21.03 37.38
CA LYS C 287 -55.66 -22.04 37.45
C LYS C 287 -54.81 -22.04 36.18
N GLU C 288 -55.45 -21.83 35.03
CA GLU C 288 -54.71 -21.77 33.77
C GLU C 288 -53.72 -20.61 33.76
N PHE C 289 -54.14 -19.46 34.31
CA PHE C 289 -53.27 -18.29 34.31
C PHE C 289 -52.16 -18.42 35.35
N LEU C 290 -52.47 -18.99 36.52
CA LEU C 290 -51.50 -19.07 37.59
C LEU C 290 -50.46 -20.16 37.35
N GLU C 291 -50.90 -21.33 36.87
CA GLU C 291 -49.97 -22.45 36.72
C GLU C 291 -49.16 -22.34 35.44
N ASN C 292 -49.83 -22.10 34.31
CA ASN C 292 -49.18 -22.17 33.00
C ASN C 292 -48.82 -20.81 32.43
N TYR C 293 -48.79 -19.77 33.26
CA TYR C 293 -48.43 -18.44 32.77
C TYR C 293 -47.68 -17.64 33.83
N LEU C 294 -48.28 -17.49 35.02
CA LEU C 294 -47.64 -16.68 36.06
C LEU C 294 -46.48 -17.42 36.71
N LEU C 295 -46.67 -18.68 37.05
CA LEU C 295 -45.63 -19.46 37.72
C LEU C 295 -44.66 -20.10 36.73
N THR C 296 -44.17 -19.28 35.80
CA THR C 296 -43.11 -19.64 34.88
C THR C 296 -41.96 -18.66 35.01
N ASP C 297 -40.85 -18.96 34.32
CA ASP C 297 -39.71 -18.06 34.36
C ASP C 297 -40.06 -16.70 33.76
N GLU C 298 -40.72 -16.68 32.60
CA GLU C 298 -41.14 -15.42 32.01
C GLU C 298 -42.16 -14.71 32.90
N GLY C 299 -43.09 -15.46 33.48
CA GLY C 299 -44.13 -14.88 34.31
C GLY C 299 -43.60 -14.11 35.50
N LEU C 300 -42.86 -14.80 36.37
CA LEU C 300 -42.33 -14.14 37.57
C LEU C 300 -41.33 -13.05 37.21
N GLU C 301 -40.55 -13.25 36.15
CA GLU C 301 -39.54 -12.26 35.78
C GLU C 301 -40.18 -10.94 35.34
N ALA C 302 -41.34 -11.00 34.69
CA ALA C 302 -42.02 -9.78 34.29
C ALA C 302 -42.51 -9.02 35.51
N VAL C 303 -43.08 -9.72 36.50
CA VAL C 303 -43.49 -9.06 37.73
C VAL C 303 -42.29 -8.56 38.51
N ASN C 304 -41.21 -9.35 38.53
CA ASN C 304 -40.03 -8.95 39.27
C ASN C 304 -39.32 -7.76 38.62
N LYS C 305 -39.46 -7.61 37.30
CA LYS C 305 -38.82 -6.49 36.61
C LYS C 305 -39.47 -5.16 37.00
N ASP C 306 -40.76 -5.16 37.28
CA ASP C 306 -41.43 -3.96 37.76
C ASP C 306 -41.02 -3.65 39.19
N LYS C 307 -41.32 -4.56 40.12
CA LYS C 307 -40.88 -4.47 41.51
C LYS C 307 -40.41 -5.84 41.94
N PRO C 308 -39.27 -5.93 42.65
CA PRO C 308 -38.72 -7.23 42.98
C PRO C 308 -39.59 -7.98 43.98
N LEU C 309 -39.64 -9.31 43.81
CA LEU C 309 -40.37 -10.19 44.71
C LEU C 309 -39.49 -10.78 45.80
N GLY C 310 -38.18 -10.68 45.67
CA GLY C 310 -37.27 -11.35 46.59
C GLY C 310 -37.03 -12.79 46.15
N ALA C 311 -37.21 -13.73 47.07
CA ALA C 311 -37.11 -15.14 46.75
C ALA C 311 -38.47 -15.66 46.28
N VAL C 312 -38.44 -16.54 45.29
CA VAL C 312 -39.65 -17.09 44.71
C VAL C 312 -39.73 -18.58 45.03
N ALA C 313 -40.93 -19.13 44.90
CA ALA C 313 -41.14 -20.54 45.18
C ALA C 313 -40.79 -21.43 43.99
N LEU C 314 -40.87 -20.89 42.77
CA LEU C 314 -40.55 -21.67 41.58
C LEU C 314 -39.07 -22.02 41.58
N LYS C 315 -38.77 -23.32 41.59
CA LYS C 315 -37.37 -23.74 41.66
C LYS C 315 -36.55 -23.17 40.51
N SER C 316 -37.09 -23.21 39.29
CA SER C 316 -36.33 -22.78 38.13
C SER C 316 -35.90 -21.33 38.26
N TYR C 317 -36.85 -20.42 38.51
CA TYR C 317 -36.54 -19.00 38.57
C TYR C 317 -35.82 -18.61 39.87
N GLU C 318 -36.01 -19.38 40.94
CA GLU C 318 -35.27 -19.10 42.17
C GLU C 318 -33.78 -19.32 41.97
N GLU C 319 -33.40 -20.41 41.31
CA GLU C 319 -31.99 -20.65 41.01
C GLU C 319 -31.41 -19.54 40.16
N GLU C 320 -32.24 -18.89 39.34
CA GLU C 320 -31.80 -17.73 38.58
C GLU C 320 -31.68 -16.50 39.47
N LEU C 321 -32.57 -16.37 40.45
CA LEU C 321 -32.50 -15.25 41.38
C LEU C 321 -31.46 -15.46 42.47
N ALA C 322 -31.18 -16.72 42.83
CA ALA C 322 -30.23 -17.01 43.90
C ALA C 322 -28.82 -16.52 43.59
N LYS C 323 -28.53 -16.15 42.35
CA LYS C 323 -27.23 -15.55 42.05
C LYS C 323 -27.02 -14.28 42.85
N ASP C 324 -28.10 -13.59 43.21
CA ASP C 324 -28.05 -12.48 44.13
C ASP C 324 -27.81 -13.01 45.54
N PRO C 325 -26.66 -12.74 46.16
CA PRO C 325 -26.40 -13.33 47.48
C PRO C 325 -27.47 -13.02 48.50
N ARG C 326 -28.14 -11.87 48.39
CA ARG C 326 -29.19 -11.53 49.34
C ARG C 326 -30.39 -12.46 49.20
N ILE C 327 -30.76 -12.79 47.97
CA ILE C 327 -31.90 -13.69 47.76
C ILE C 327 -31.56 -15.10 48.20
N ALA C 328 -30.35 -15.56 47.89
CA ALA C 328 -29.94 -16.90 48.31
C ALA C 328 -29.96 -17.05 49.83
N ALA C 329 -29.65 -15.97 50.55
CA ALA C 329 -29.71 -16.02 52.01
C ALA C 329 -31.15 -16.02 52.49
N THR C 330 -32.02 -15.24 51.84
CA THR C 330 -33.42 -15.21 52.23
C THR C 330 -34.07 -16.59 52.08
N MET C 331 -33.72 -17.32 51.02
CA MET C 331 -34.28 -18.64 50.81
C MET C 331 -33.68 -19.65 51.79
N GLU C 332 -32.39 -19.52 52.09
CA GLU C 332 -31.77 -20.43 53.04
C GLU C 332 -32.31 -20.23 54.45
N ASN C 333 -32.50 -18.98 54.85
CA ASN C 333 -33.12 -18.71 56.15
C ASN C 333 -34.55 -19.22 56.21
N ALA C 334 -35.28 -19.16 55.10
CA ALA C 334 -36.64 -19.66 55.08
C ALA C 334 -36.68 -21.18 55.21
N GLN C 335 -35.79 -21.88 54.49
CA GLN C 335 -35.78 -23.33 54.57
C GLN C 335 -35.36 -23.82 55.94
N LYS C 336 -34.49 -23.08 56.63
CA LYS C 336 -34.15 -23.38 58.01
C LYS C 336 -35.14 -22.76 59.00
N GLY C 337 -36.22 -22.17 58.48
CA GLY C 337 -37.17 -21.44 59.30
C GLY C 337 -38.38 -22.27 59.70
N GLU C 338 -39.44 -21.57 60.10
CA GLU C 338 -40.64 -22.18 60.65
C GLU C 338 -41.85 -21.59 59.97
N ILE C 339 -42.73 -22.46 59.46
CA ILE C 339 -43.95 -22.00 58.79
C ILE C 339 -44.86 -21.34 59.80
N MET C 340 -45.46 -20.21 59.41
CA MET C 340 -46.36 -19.49 60.30
C MET C 340 -47.74 -20.13 60.25
N PRO C 341 -48.24 -20.69 61.36
CA PRO C 341 -49.54 -21.36 61.33
C PRO C 341 -50.66 -20.39 60.98
N ASN C 342 -51.49 -20.79 60.02
CA ASN C 342 -52.63 -19.99 59.60
C ASN C 342 -53.91 -20.31 60.38
N ILE C 343 -53.77 -20.81 61.60
CA ILE C 343 -54.93 -21.15 62.43
C ILE C 343 -55.31 -19.94 63.27
N PRO C 344 -56.56 -19.83 63.72
CA PRO C 344 -56.96 -18.68 64.53
C PRO C 344 -56.24 -18.59 65.87
N GLN C 345 -55.73 -19.71 66.40
CA GLN C 345 -55.07 -19.67 67.70
C GLN C 345 -53.75 -18.92 67.66
N MET C 346 -53.19 -18.67 66.48
CA MET C 346 -51.94 -17.92 66.41
C MET C 346 -52.10 -16.52 66.98
N SER C 347 -53.31 -15.97 66.96
CA SER C 347 -53.54 -14.67 67.59
C SER C 347 -53.22 -14.74 69.09
N ALA C 348 -53.56 -15.85 69.74
CA ALA C 348 -53.19 -16.00 71.15
C ALA C 348 -51.69 -16.20 71.31
N PHE C 349 -51.03 -16.76 70.30
CA PHE C 349 -49.58 -16.94 70.37
C PHE C 349 -48.86 -15.60 70.25
N TRP C 350 -49.26 -14.78 69.28
CA TRP C 350 -48.59 -13.49 69.08
C TRP C 350 -48.65 -12.63 70.32
N TYR C 351 -49.85 -12.41 70.85
CA TYR C 351 -49.99 -11.55 72.03
C TYR C 351 -49.24 -12.11 73.23
N ALA C 352 -49.31 -13.42 73.43
CA ALA C 352 -48.63 -14.03 74.57
C ALA C 352 -47.12 -13.85 74.48
N VAL C 353 -46.56 -14.05 73.29
CA VAL C 353 -45.11 -13.91 73.13
C VAL C 353 -44.70 -12.45 73.18
N ARG C 354 -45.48 -11.57 72.54
CA ARG C 354 -45.16 -10.15 72.57
C ARG C 354 -45.03 -9.65 74.00
N THR C 355 -46.05 -9.90 74.82
CA THR C 355 -46.01 -9.45 76.21
C THR C 355 -44.98 -10.22 77.02
N ALA C 356 -44.67 -11.46 76.61
CA ALA C 356 -43.67 -12.24 77.33
C ALA C 356 -42.27 -11.67 77.12
N VAL C 357 -41.98 -11.19 75.91
CA VAL C 357 -40.66 -10.63 75.64
C VAL C 357 -40.51 -9.25 76.28
N ILE C 358 -41.53 -8.41 76.13
CA ILE C 358 -41.47 -7.07 76.70
C ILE C 358 -41.35 -7.14 78.22
N ASN C 359 -42.13 -8.00 78.87
CA ASN C 359 -42.03 -8.14 80.32
C ASN C 359 -40.65 -8.63 80.73
N ALA C 360 -40.06 -9.53 79.94
CA ALA C 360 -38.74 -10.05 80.30
C ALA C 360 -37.65 -9.05 80.02
N ALA C 361 -37.80 -8.27 78.94
CA ALA C 361 -36.77 -7.31 78.56
C ALA C 361 -36.76 -6.07 79.46
N SER C 362 -37.91 -5.70 80.02
CA SER C 362 -38.01 -4.53 80.88
C SER C 362 -37.82 -4.86 82.36
N GLY C 363 -37.56 -6.13 82.69
CA GLY C 363 -37.41 -6.54 84.07
C GLY C 363 -38.71 -6.65 84.84
N ARG C 364 -39.85 -6.41 84.20
CA ARG C 364 -41.12 -6.54 84.88
C ARG C 364 -41.38 -7.98 85.31
N GLN C 365 -40.96 -8.94 84.50
CA GLN C 365 -41.10 -10.36 84.81
C GLN C 365 -39.81 -11.07 84.51
N THR C 366 -39.50 -12.07 85.33
CA THR C 366 -38.36 -12.94 85.04
C THR C 366 -38.68 -13.85 83.86
N VAL C 367 -37.63 -14.44 83.28
CA VAL C 367 -37.81 -15.29 82.12
C VAL C 367 -38.73 -16.45 82.44
N ASP C 368 -38.58 -17.05 83.62
CA ASP C 368 -39.43 -18.17 84.00
C ASP C 368 -40.91 -17.77 84.00
N GLU C 369 -41.23 -16.64 84.64
CA GLU C 369 -42.61 -16.22 84.76
C GLU C 369 -43.18 -15.78 83.40
N ALA C 370 -42.40 -15.04 82.62
CA ALA C 370 -42.92 -14.52 81.36
C ALA C 370 -43.31 -15.65 80.41
N LEU C 371 -42.50 -16.71 80.34
CA LEU C 371 -42.79 -17.82 79.44
C LEU C 371 -43.86 -18.75 79.97
N LYS C 372 -44.05 -18.81 81.30
CA LYS C 372 -45.13 -19.62 81.84
C LYS C 372 -46.49 -19.00 81.51
N ASP C 373 -46.61 -17.68 81.64
CA ASP C 373 -47.84 -17.00 81.23
C ASP C 373 -48.05 -17.15 79.72
N ALA C 374 -46.97 -17.08 78.94
CA ALA C 374 -47.09 -17.26 77.50
C ALA C 374 -47.53 -18.67 77.15
N GLN C 375 -47.05 -19.67 77.90
CA GLN C 375 -47.52 -21.04 77.71
C GLN C 375 -49.01 -21.15 78.00
N THR C 376 -49.51 -20.34 78.95
CA THR C 376 -50.92 -20.41 79.32
C THR C 376 -51.79 -19.59 78.38
N ASN C 377 -51.29 -18.43 77.93
CA ASN C 377 -52.09 -17.57 77.07
C ASN C 377 -52.16 -18.08 75.63
N SER C 378 -51.09 -18.73 75.15
CA SER C 378 -51.09 -19.23 73.78
C SER C 378 -52.20 -20.25 73.54
N GLY C 379 -52.71 -20.89 74.59
CA GLY C 379 -53.84 -21.77 74.48
C GLY C 379 -55.12 -21.24 75.10
N SER C 380 -55.15 -19.98 75.52
CA SER C 380 -56.32 -19.41 76.17
C SER C 380 -57.45 -19.23 75.15
N ASP C 381 -58.60 -18.80 75.66
CA ASP C 381 -59.78 -18.62 74.83
C ASP C 381 -59.56 -17.45 73.87
N ILE C 382 -59.63 -17.73 72.57
CA ILE C 382 -59.47 -16.67 71.58
C ILE C 382 -60.58 -15.63 71.71
N THR C 383 -61.77 -16.05 72.14
CA THR C 383 -62.85 -15.09 72.35
C THR C 383 -62.50 -14.11 73.47
N SER C 384 -61.93 -14.61 74.57
CA SER C 384 -61.50 -13.73 75.64
C SER C 384 -60.47 -12.73 75.16
N LEU C 385 -59.53 -13.18 74.33
CA LEU C 385 -58.52 -12.27 73.81
C LEU C 385 -59.14 -11.23 72.88
N TYR C 386 -60.12 -11.63 72.07
CA TYR C 386 -60.78 -10.69 71.18
C TYR C 386 -61.54 -9.63 71.98
N LYS C 387 -62.35 -10.07 72.95
CA LYS C 387 -63.04 -9.11 73.80
C LYS C 387 -62.06 -8.18 74.52
N LYS C 388 -60.84 -8.68 74.77
CA LYS C 388 -59.82 -7.83 75.38
C LYS C 388 -59.30 -6.80 74.38
N ALA C 389 -59.06 -7.21 73.14
CA ALA C 389 -58.67 -6.26 72.12
C ALA C 389 -59.76 -5.22 71.88
N GLY C 390 -61.02 -5.65 71.96
CA GLY C 390 -62.12 -4.70 71.78
C GLY C 390 -62.20 -3.70 72.91
N PHE C 391 -61.89 -4.13 74.14
CA PHE C 391 -61.88 -3.21 75.28
C PHE C 391 -60.81 -2.14 75.10
N LEU C 392 -59.60 -2.56 74.73
CA LEU C 392 -58.52 -1.60 74.51
C LEU C 392 -58.77 -0.75 73.26
N GLU C 393 -59.45 -1.31 72.27
CA GLU C 393 -59.76 -0.54 71.06
C GLU C 393 -60.71 0.60 71.37
N VAL C 394 -61.81 0.30 72.07
CA VAL C 394 -62.74 1.35 72.47
C VAL C 394 -62.07 2.31 73.44
N LEU C 395 -61.24 1.77 74.34
CA LEU C 395 -60.54 2.61 75.31
C LEU C 395 -59.65 3.63 74.61
N PHE C 396 -59.01 3.23 73.51
CA PHE C 396 -58.13 4.12 72.77
C PHE C 396 -58.68 4.48 71.39
N GLN C 397 -59.98 4.28 71.18
CA GLN C 397 -60.59 4.70 69.92
C GLN C 397 -60.44 6.20 69.74
N GLY C 398 -59.92 6.61 68.59
CA GLY C 398 -59.60 7.99 68.34
C GLY C 398 -58.13 8.15 68.02
N PRO C 399 -57.28 8.02 69.03
CA PRO C 399 -55.84 7.94 68.75
C PRO C 399 -55.49 6.77 67.83
N LEU C 400 -56.10 5.60 68.05
CA LEU C 400 -55.88 4.47 67.16
C LEU C 400 -56.44 4.76 65.76
N LYS C 401 -57.60 5.43 65.69
CA LYS C 401 -58.17 5.75 64.39
C LYS C 401 -57.32 6.80 63.68
N LYS C 402 -56.83 7.80 64.40
CA LYS C 402 -55.97 8.81 63.79
C LYS C 402 -54.65 8.21 63.36
N GLU C 403 -54.08 7.31 64.16
CA GLU C 403 -52.84 6.64 63.79
C GLU C 403 -53.05 5.76 62.56
N GLU C 404 -54.22 5.13 62.44
CA GLU C 404 -54.48 4.28 61.29
C GLU C 404 -54.51 5.10 60.00
N ALA C 405 -55.12 6.28 60.04
CA ALA C 405 -55.19 7.12 58.85
C ALA C 405 -53.82 7.69 58.48
N LYS C 406 -53.07 8.14 59.48
CA LYS C 406 -51.75 8.71 59.21
C LYS C 406 -50.77 7.63 58.75
N ARG C 407 -50.89 6.42 59.30
CA ARG C 407 -50.00 5.34 58.90
C ARG C 407 -50.28 4.87 57.48
N GLU C 408 -51.54 4.90 57.05
CA GLU C 408 -51.84 4.53 55.67
C GLU C 408 -51.34 5.58 54.68
N LYS C 409 -51.37 6.86 55.07
CA LYS C 409 -50.83 7.89 54.19
C LYS C 409 -49.31 7.81 54.08
N GLU C 410 -48.64 7.41 55.16
CA GLU C 410 -47.19 7.28 55.11
C GLU C 410 -46.76 6.10 54.26
N LEU C 411 -47.61 5.08 54.13
CA LEU C 411 -47.27 3.94 53.28
C LEU C 411 -47.36 4.31 51.81
N LYS C 412 -48.44 4.99 51.42
CA LYS C 412 -48.58 5.42 50.03
C LYS C 412 -47.46 6.38 49.65
N LYS C 413 -47.12 7.30 50.55
CA LYS C 413 -46.02 8.22 50.27
C LYS C 413 -44.68 7.52 50.21
N GLN C 414 -44.56 6.34 50.83
CA GLN C 414 -43.33 5.56 50.72
C GLN C 414 -43.32 4.70 49.47
N GLN C 415 -44.49 4.26 49.00
CA GLN C 415 -44.55 3.45 47.79
C GLN C 415 -44.49 4.30 46.53
N ARG C 416 -45.00 5.53 46.58
CA ARG C 416 -44.88 6.41 45.42
C ARG C 416 -43.44 6.86 45.23
N ALA C 417 -42.73 7.16 46.32
CA ALA C 417 -41.33 7.56 46.22
C ALA C 417 -40.42 6.39 45.87
N GLU C 418 -40.75 5.18 46.33
CA GLU C 418 -39.94 4.02 45.98
C GLU C 418 -40.15 3.62 44.53
N GLU C 419 -41.38 3.75 44.03
CA GLU C 419 -41.63 3.51 42.61
C GLU C 419 -40.89 4.53 41.75
N LYS C 420 -40.83 5.78 42.21
CA LYS C 420 -40.06 6.79 41.50
C LYS C 420 -38.57 6.52 41.57
N HIS C 421 -38.10 5.93 42.67
CA HIS C 421 -36.69 5.55 42.75
C HIS C 421 -36.36 4.45 41.75
N ARG C 422 -37.26 3.49 41.58
CA ARG C 422 -37.03 2.44 40.58
C ARG C 422 -37.22 2.95 39.16
N LYS C 423 -38.11 3.94 38.97
CA LYS C 423 -38.26 4.53 37.65
C LYS C 423 -36.99 5.25 37.23
N GLU C 424 -36.35 5.95 38.16
CA GLU C 424 -35.08 6.60 37.86
C GLU C 424 -33.94 5.58 37.75
N LEU C 425 -34.01 4.51 38.55
CA LEU C 425 -32.98 3.48 38.48
C LEU C 425 -32.97 2.81 37.11
N LEU C 426 -34.15 2.41 36.62
CA LEU C 426 -34.23 1.80 35.30
C LEU C 426 -33.83 2.78 34.20
N ARG C 427 -34.12 4.06 34.39
CA ARG C 427 -33.66 5.07 33.43
C ARG C 427 -32.17 5.30 33.54
N GLN C 428 -31.63 5.27 34.76
CA GLN C 428 -30.20 5.47 34.95
C GLN C 428 -29.39 4.31 34.39
N GLU C 429 -29.85 3.08 34.62
CA GLU C 429 -29.12 1.92 34.14
C GLU C 429 -29.28 1.71 32.64
N GLU C 430 -30.35 2.23 32.04
CA GLU C 430 -30.48 2.19 30.59
C GLU C 430 -29.49 3.13 29.92
N LYS C 431 -29.39 4.36 30.43
CA LYS C 431 -28.42 5.31 29.89
C LYS C 431 -26.99 4.94 30.27
N LYS C 432 -26.79 4.15 31.32
CA LYS C 432 -25.44 3.72 31.67
C LYS C 432 -24.92 2.69 30.68
N LYS C 433 -25.81 1.86 30.12
CA LYS C 433 -25.39 0.93 29.08
C LYS C 433 -25.29 1.60 27.71
N LYS C 434 -26.09 2.64 27.48
CA LYS C 434 -25.99 3.37 26.21
C LYS C 434 -24.70 4.18 26.12
N GLU C 435 -24.25 4.73 27.26
CA GLU C 435 -22.99 5.46 27.25
C GLU C 435 -21.79 4.52 27.17
N LEU C 436 -21.87 3.37 27.85
CA LEU C 436 -20.80 2.39 27.75
C LEU C 436 -20.74 1.73 26.38
N LYS C 437 -21.85 1.74 25.63
CA LYS C 437 -21.83 1.27 24.25
C LYS C 437 -21.21 2.31 23.33
N VAL C 438 -21.47 3.59 23.59
CA VAL C 438 -20.84 4.65 22.80
C VAL C 438 -19.36 4.77 23.14
N GLU C 439 -19.01 4.56 24.41
CA GLU C 439 -17.61 4.62 24.82
C GLU C 439 -16.83 3.42 24.30
N GLU C 440 -17.48 2.27 24.14
CA GLU C 440 -16.82 1.10 23.60
C GLU C 440 -16.60 1.21 22.09
N GLU C 441 -17.60 1.73 21.37
CA GLU C 441 -17.45 1.90 19.92
C GLU C 441 -16.49 3.04 19.60
N ARG C 442 -16.39 4.03 20.48
CA ARG C 442 -15.40 5.08 20.30
C ARG C 442 -13.99 4.56 20.55
N GLN C 443 -13.85 3.63 21.49
CA GLN C 443 -12.54 3.02 21.73
C GLN C 443 -12.15 2.08 20.61
N ARG C 444 -13.14 1.42 19.98
CA ARG C 444 -12.83 0.50 18.89
C ARG C 444 -12.49 1.25 17.61
N ARG C 445 -13.16 2.36 17.36
CA ARG C 445 -12.87 3.17 16.17
C ARG C 445 -11.58 3.96 16.32
N ALA C 446 -11.19 4.29 17.56
CA ALA C 446 -9.91 4.96 17.77
C ALA C 446 -8.75 3.99 17.71
N GLU C 447 -8.91 2.80 18.28
CA GLU C 447 -7.86 1.79 18.21
C GLU C 447 -7.68 1.28 16.79
N LEU C 448 -8.78 1.15 16.04
CA LEU C 448 -8.67 0.69 14.66
C LEU C 448 -7.98 1.73 13.78
N LYS C 449 -8.16 3.02 14.09
CA LYS C 449 -7.48 4.07 13.34
C LYS C 449 -6.06 4.30 13.81
N LYS C 450 -5.72 3.86 15.03
CA LYS C 450 -4.35 3.96 15.50
C LYS C 450 -3.48 2.85 14.91
N GLN C 451 -4.01 1.63 14.83
CA GLN C 451 -3.24 0.54 14.24
C GLN C 451 -3.07 0.72 12.74
N LYS C 452 -4.04 1.37 12.09
CA LYS C 452 -3.89 1.69 10.67
C LYS C 452 -2.82 2.76 10.46
N GLU C 453 -2.71 3.71 11.39
CA GLU C 453 -1.65 4.71 11.32
C GLU C 453 -0.32 4.15 11.79
N GLU C 454 -0.35 3.18 12.71
CA GLU C 454 0.89 2.54 13.15
C GLU C 454 1.45 1.63 12.06
N GLU C 455 0.57 0.92 11.34
CA GLU C 455 1.03 0.11 10.21
C GLU C 455 1.54 1.00 9.07
N LYS C 456 0.88 2.14 8.84
CA LYS C 456 1.36 3.06 7.82
C LYS C 456 2.72 3.65 8.21
N ARG C 457 2.99 3.76 9.52
CA ARG C 457 4.28 4.25 9.96
C ARG C 457 5.36 3.17 9.86
N ARG C 458 5.02 1.93 10.22
CA ARG C 458 5.97 0.84 10.10
C ARG C 458 6.21 0.48 8.64
N LYS C 459 5.25 0.73 7.76
CA LYS C 459 5.44 0.47 6.34
C LYS C 459 6.49 1.43 5.76
N GLU C 460 6.36 2.72 6.04
CA GLU C 460 7.34 3.69 5.57
C GLU C 460 8.67 3.53 6.29
N GLU C 461 8.64 3.08 7.55
CA GLU C 461 9.89 2.86 8.27
C GLU C 461 10.67 1.68 7.69
N ALA C 462 9.96 0.71 7.12
CA ALA C 462 10.65 -0.44 6.54
C ALA C 462 11.26 -0.08 5.20
N ARG C 463 10.59 0.78 4.43
CA ARG C 463 11.14 1.21 3.14
C ARG C 463 12.43 2.01 3.35
N LEU C 464 12.46 2.86 4.37
CA LEU C 464 13.68 3.59 4.68
C LEU C 464 14.78 2.66 5.18
N GLU C 465 14.41 1.66 5.99
CA GLU C 465 15.37 0.65 6.41
C GLU C 465 15.86 -0.19 5.24
N ALA C 466 14.99 -0.44 4.26
CA ALA C 466 15.41 -1.15 3.06
C ALA C 466 16.37 -0.31 2.23
N LYS C 467 16.21 1.01 2.25
CA LYS C 467 17.13 1.87 1.52
C LYS C 467 18.50 1.94 2.18
N ARG C 468 18.55 1.74 3.50
CA ARG C 468 19.84 1.74 4.19
C ARG C 468 20.67 0.52 3.81
N ARG C 469 20.04 -0.64 3.71
CA ARG C 469 20.73 -1.84 3.24
C ARG C 469 20.89 -1.87 1.73
N LYS C 470 20.20 -0.98 1.01
CA LYS C 470 20.31 -0.95 -0.46
C LYS C 470 21.60 -0.25 -0.89
N GLU C 471 21.83 0.97 -0.40
CA GLU C 471 23.03 1.71 -0.74
C GLU C 471 24.12 1.51 0.31
N LEU D 17 65.55 -6.30 -29.22
CA LEU D 17 66.06 -7.44 -28.47
C LEU D 17 65.76 -8.76 -29.16
N VAL D 18 66.77 -9.62 -29.25
CA VAL D 18 66.63 -10.98 -29.76
C VAL D 18 66.91 -11.94 -28.61
N ILE D 19 65.99 -12.85 -28.36
CA ILE D 19 66.08 -13.77 -27.23
C ILE D 19 66.02 -15.20 -27.76
N TRP D 20 66.91 -16.06 -27.25
CA TRP D 20 66.94 -17.47 -27.60
C TRP D 20 66.58 -18.29 -26.37
N ILE D 21 65.67 -19.24 -26.54
CA ILE D 21 65.25 -20.12 -25.46
C ILE D 21 64.95 -21.49 -26.07
N ASN D 22 65.20 -22.54 -25.28
CA ASN D 22 64.98 -23.89 -25.77
C ASN D 22 63.50 -24.12 -26.11
N GLY D 23 63.27 -25.03 -27.05
CA GLY D 23 61.92 -25.37 -27.47
C GLY D 23 61.06 -26.00 -26.38
N ASP D 24 61.68 -26.70 -25.42
CA ASP D 24 60.91 -27.32 -24.34
C ASP D 24 60.35 -26.28 -23.36
N LYS D 25 60.85 -25.06 -23.37
CA LYS D 25 60.32 -23.99 -22.53
C LYS D 25 59.24 -23.22 -23.29
N GLY D 26 58.34 -22.60 -22.53
CA GLY D 26 57.25 -21.85 -23.12
C GLY D 26 57.70 -20.57 -23.80
N TYR D 27 58.10 -20.68 -25.07
CA TYR D 27 58.60 -19.51 -25.79
C TYR D 27 57.48 -18.58 -26.23
N ASN D 28 56.28 -19.10 -26.50
CA ASN D 28 55.17 -18.23 -26.86
C ASN D 28 54.73 -17.39 -25.67
N GLY D 29 54.76 -17.96 -24.46
CA GLY D 29 54.48 -17.16 -23.27
C GLY D 29 55.55 -16.11 -23.03
N LEU D 30 56.81 -16.45 -23.31
CA LEU D 30 57.89 -15.46 -23.21
C LEU D 30 57.73 -14.38 -24.27
N ALA D 31 57.23 -14.73 -25.45
CA ALA D 31 56.99 -13.72 -26.48
C ALA D 31 55.89 -12.76 -26.10
N GLU D 32 54.94 -13.21 -25.28
CA GLU D 32 53.90 -12.31 -24.79
C GLU D 32 54.49 -11.20 -23.94
N VAL D 33 55.50 -11.54 -23.13
CA VAL D 33 56.19 -10.51 -22.36
C VAL D 33 56.98 -9.58 -23.30
N GLY D 34 57.51 -10.13 -24.39
CA GLY D 34 58.17 -9.28 -25.37
C GLY D 34 57.21 -8.31 -26.03
N LYS D 35 55.98 -8.75 -26.28
CA LYS D 35 54.96 -7.84 -26.80
C LYS D 35 54.61 -6.77 -25.78
N LYS D 36 54.50 -7.16 -24.50
CA LYS D 36 54.28 -6.17 -23.45
C LYS D 36 55.46 -5.23 -23.32
N PHE D 37 56.67 -5.70 -23.64
CA PHE D 37 57.84 -4.83 -23.68
C PHE D 37 57.88 -4.00 -24.94
N GLU D 38 57.34 -4.52 -26.05
CA GLU D 38 57.31 -3.76 -27.29
C GLU D 38 56.32 -2.60 -27.21
N LYS D 39 55.18 -2.81 -26.54
CA LYS D 39 54.16 -1.78 -26.46
C LYS D 39 54.56 -0.64 -25.53
N ASP D 40 55.54 -0.86 -24.65
CA ASP D 40 55.95 0.16 -23.69
C ASP D 40 57.25 0.86 -24.08
N THR D 41 58.13 0.19 -24.82
CA THR D 41 59.42 0.75 -25.20
C THR D 41 59.53 1.08 -26.67
N GLY D 42 58.79 0.39 -27.53
CA GLY D 42 58.90 0.66 -28.96
C GLY D 42 60.00 -0.10 -29.66
N ILE D 43 60.42 -1.24 -29.10
CA ILE D 43 61.49 -2.05 -29.66
C ILE D 43 60.96 -3.45 -29.87
N LYS D 44 61.04 -3.95 -31.10
CA LYS D 44 60.54 -5.28 -31.40
C LYS D 44 61.38 -6.34 -30.69
N VAL D 45 60.69 -7.32 -30.10
CA VAL D 45 61.32 -8.39 -29.35
C VAL D 45 60.95 -9.71 -30.02
N THR D 46 61.91 -10.33 -30.69
CA THR D 46 61.71 -11.63 -31.32
C THR D 46 62.21 -12.72 -30.39
N VAL D 47 61.41 -13.77 -30.24
CA VAL D 47 61.76 -14.90 -29.37
C VAL D 47 61.87 -16.13 -30.27
N GLU D 48 63.10 -16.56 -30.53
CA GLU D 48 63.38 -17.72 -31.36
C GLU D 48 63.76 -18.91 -30.48
N HIS D 49 63.67 -20.10 -31.06
CA HIS D 49 64.00 -21.34 -30.37
C HIS D 49 64.72 -22.29 -31.32
N PRO D 50 66.03 -22.12 -31.48
CA PRO D 50 66.79 -23.06 -32.31
C PRO D 50 66.81 -24.45 -31.69
N ASP D 51 67.08 -25.43 -32.55
CA ASP D 51 67.10 -26.82 -32.09
C ASP D 51 68.32 -27.11 -31.23
N LYS D 52 69.46 -26.50 -31.56
CA LYS D 52 70.73 -26.78 -30.89
C LYS D 52 71.26 -25.47 -30.31
N LEU D 53 70.81 -25.14 -29.10
CA LEU D 53 71.27 -23.91 -28.45
C LEU D 53 72.71 -24.04 -27.96
N GLU D 54 73.05 -25.18 -27.37
CA GLU D 54 74.40 -25.35 -26.82
C GLU D 54 75.47 -25.19 -27.89
N GLU D 55 75.15 -25.50 -29.15
CA GLU D 55 76.13 -25.42 -30.22
C GLU D 55 76.09 -24.09 -30.96
N LYS D 56 74.90 -23.52 -31.14
CA LYS D 56 74.77 -22.35 -32.02
C LYS D 56 75.11 -21.04 -31.32
N PHE D 57 74.85 -20.93 -30.02
CA PHE D 57 75.14 -19.67 -29.33
C PHE D 57 76.63 -19.37 -29.31
N PRO D 58 77.51 -20.31 -28.95
CA PRO D 58 78.95 -19.98 -28.94
C PRO D 58 79.48 -19.56 -30.30
N GLN D 59 79.00 -20.17 -31.38
CA GLN D 59 79.50 -19.87 -32.71
C GLN D 59 78.84 -18.65 -33.35
N VAL D 60 77.78 -18.12 -32.75
CA VAL D 60 77.08 -16.95 -33.28
C VAL D 60 77.35 -15.70 -32.45
N ALA D 61 77.47 -15.85 -31.14
CA ALA D 61 77.73 -14.71 -30.26
C ALA D 61 79.15 -14.20 -30.46
N GLY D 66 73.73 -12.76 -33.21
CA GLY D 66 73.85 -13.12 -31.81
C GLY D 66 72.70 -12.58 -30.96
N PRO D 67 72.05 -13.46 -30.20
CA PRO D 67 70.94 -13.03 -29.35
C PRO D 67 71.42 -12.21 -28.17
N ASP D 68 70.57 -11.29 -27.73
CA ASP D 68 70.90 -10.45 -26.58
C ASP D 68 70.67 -11.18 -25.26
N ILE D 69 69.70 -12.09 -25.21
CA ILE D 69 69.38 -12.87 -24.03
C ILE D 69 69.40 -14.35 -24.40
N ILE D 70 70.09 -15.15 -23.60
CA ILE D 70 70.24 -16.58 -23.85
C ILE D 70 69.77 -17.34 -22.62
N PHE D 71 68.96 -18.37 -22.84
CA PHE D 71 68.45 -19.23 -21.77
C PHE D 71 69.13 -20.59 -21.82
N TRP D 72 69.37 -21.17 -20.65
CA TRP D 72 69.90 -22.52 -20.57
C TRP D 72 69.53 -23.10 -19.21
N ALA D 73 69.19 -24.39 -19.20
CA ALA D 73 68.69 -25.04 -17.99
C ALA D 73 69.80 -25.59 -17.11
N HIS D 74 70.81 -26.24 -17.70
CA HIS D 74 71.85 -26.89 -16.94
C HIS D 74 73.22 -26.38 -17.39
N ASP D 75 74.17 -26.42 -16.45
CA ASP D 75 75.53 -25.96 -16.71
C ASP D 75 76.36 -27.11 -17.27
N ARG D 76 76.90 -26.92 -18.48
CA ARG D 76 77.80 -27.87 -19.10
C ARG D 76 79.25 -27.48 -18.86
N PHE D 77 80.15 -28.42 -19.08
CA PHE D 77 81.57 -28.11 -19.07
C PHE D 77 81.93 -27.30 -20.31
N GLY D 78 82.55 -26.13 -20.08
CA GLY D 78 82.81 -25.22 -21.18
C GLY D 78 81.61 -24.43 -21.63
N GLY D 79 80.68 -24.15 -20.72
CA GLY D 79 79.47 -23.43 -21.07
C GLY D 79 79.69 -21.95 -21.32
N TYR D 80 78.60 -21.19 -21.32
CA TYR D 80 78.69 -19.75 -21.58
C TYR D 80 79.51 -19.05 -20.50
N ALA D 81 79.31 -19.42 -19.23
CA ALA D 81 80.04 -18.79 -18.15
C ALA D 81 81.53 -19.15 -18.20
N GLN D 82 81.83 -20.43 -18.40
CA GLN D 82 83.23 -20.87 -18.45
C GLN D 82 83.96 -20.33 -19.66
N SER D 83 83.25 -19.82 -20.67
CA SER D 83 83.86 -19.33 -21.89
C SER D 83 83.81 -17.81 -21.99
N GLY D 84 83.32 -17.11 -20.98
CA GLY D 84 83.28 -15.67 -21.01
C GLY D 84 82.36 -15.08 -22.07
N LEU D 85 81.28 -15.78 -22.40
CA LEU D 85 80.31 -15.31 -23.38
C LEU D 85 79.19 -14.48 -22.77
N LEU D 86 79.18 -14.32 -21.45
CA LEU D 86 78.11 -13.60 -20.76
C LEU D 86 78.67 -12.35 -20.10
N ALA D 87 77.83 -11.33 -20.02
CA ALA D 87 78.16 -10.09 -19.33
C ALA D 87 77.75 -10.21 -17.86
N GLU D 88 78.67 -9.88 -16.96
CA GLU D 88 78.39 -9.97 -15.53
C GLU D 88 77.34 -8.92 -15.17
N ILE D 89 76.10 -9.38 -14.98
CA ILE D 89 74.99 -8.47 -14.70
C ILE D 89 75.23 -7.72 -13.40
N THR D 90 74.44 -6.68 -13.16
CA THR D 90 74.60 -5.81 -12.00
C THR D 90 73.23 -5.41 -11.45
N PRO D 91 72.57 -6.32 -10.75
CA PRO D 91 71.32 -5.97 -10.08
C PRO D 91 71.57 -5.23 -8.78
N ASP D 92 70.66 -4.33 -8.45
CA ASP D 92 70.78 -3.55 -7.21
C ASP D 92 70.36 -4.39 -6.01
N LYS D 93 70.70 -3.89 -4.82
CA LYS D 93 70.41 -4.63 -3.60
C LYS D 93 68.92 -4.89 -3.42
N ALA D 94 68.07 -3.96 -3.87
CA ALA D 94 66.64 -4.14 -3.71
C ALA D 94 66.11 -5.25 -4.60
N PHE D 95 66.64 -5.36 -5.82
CA PHE D 95 66.13 -6.37 -6.75
C PHE D 95 66.59 -7.78 -6.34
N GLN D 96 67.80 -7.89 -5.80
CA GLN D 96 68.28 -9.19 -5.36
C GLN D 96 67.52 -9.71 -4.14
N ASP D 97 66.80 -8.83 -3.43
CA ASP D 97 65.94 -9.28 -2.34
C ASP D 97 64.60 -9.80 -2.85
N LYS D 98 64.24 -9.50 -4.10
CA LYS D 98 63.02 -10.04 -4.66
C LYS D 98 63.14 -11.53 -4.95
N LEU D 99 64.35 -12.02 -5.20
CA LEU D 99 64.60 -13.42 -5.45
C LEU D 99 65.23 -14.08 -4.21
N TYR D 100 65.05 -15.38 -4.09
CA TYR D 100 65.60 -16.10 -2.96
C TYR D 100 67.13 -16.05 -3.02
N PRO D 101 67.79 -16.00 -1.85
CA PRO D 101 69.24 -15.79 -1.85
C PRO D 101 70.04 -16.88 -2.55
N PHE D 102 69.75 -18.16 -2.25
CA PHE D 102 70.56 -19.23 -2.81
C PHE D 102 70.47 -19.29 -4.33
N THR D 103 69.41 -18.75 -4.92
CA THR D 103 69.31 -18.73 -6.38
C THR D 103 70.37 -17.83 -7.01
N TRP D 104 70.78 -16.77 -6.32
CA TRP D 104 71.85 -15.94 -6.84
C TRP D 104 73.19 -16.63 -6.76
N ASP D 105 73.40 -17.47 -5.74
CA ASP D 105 74.64 -18.22 -5.65
C ASP D 105 74.76 -19.25 -6.76
N ALA D 106 73.63 -19.68 -7.32
CA ALA D 106 73.65 -20.67 -8.38
C ALA D 106 73.96 -20.07 -9.75
N VAL D 107 73.86 -18.74 -9.87
CA VAL D 107 74.17 -18.05 -11.11
C VAL D 107 75.44 -17.21 -10.98
N ARG D 108 76.31 -17.57 -10.04
CA ARG D 108 77.54 -16.82 -9.79
C ARG D 108 78.74 -17.61 -10.30
N TYR D 109 79.55 -16.98 -11.14
CA TYR D 109 80.75 -17.59 -11.70
C TYR D 109 81.93 -16.67 -11.44
N ASN D 110 82.98 -17.21 -10.80
CA ASN D 110 84.16 -16.43 -10.47
C ASN D 110 83.81 -15.24 -9.58
N GLY D 111 82.89 -15.46 -8.64
CA GLY D 111 82.45 -14.40 -7.77
C GLY D 111 81.67 -13.29 -8.46
N LYS D 112 81.11 -13.57 -9.64
CA LYS D 112 80.37 -12.59 -10.41
C LYS D 112 79.04 -13.17 -10.87
N LEU D 113 77.98 -12.38 -10.74
CA LEU D 113 76.68 -12.78 -11.25
C LEU D 113 76.67 -12.65 -12.76
N ILE D 114 76.32 -13.74 -13.45
CA ILE D 114 76.36 -13.76 -14.91
C ILE D 114 75.04 -14.26 -15.49
N ALA D 115 73.99 -14.28 -14.67
CA ALA D 115 72.69 -14.71 -15.16
C ALA D 115 71.62 -14.38 -14.11
N TYR D 116 70.40 -14.19 -14.59
CA TYR D 116 69.26 -13.97 -13.71
C TYR D 116 68.56 -15.30 -13.46
N PRO D 117 68.45 -15.76 -12.22
CA PRO D 117 67.74 -17.01 -11.95
C PRO D 117 66.23 -16.83 -12.19
N ILE D 118 65.68 -17.70 -13.03
CA ILE D 118 64.28 -17.63 -13.39
C ILE D 118 63.49 -18.69 -12.64
N ALA D 119 63.77 -19.96 -12.90
CA ALA D 119 63.08 -21.07 -12.28
C ALA D 119 64.07 -21.94 -11.51
N VAL D 120 63.57 -22.61 -10.48
CA VAL D 120 64.36 -23.48 -9.63
C VAL D 120 63.80 -24.89 -9.74
N GLU D 121 64.70 -25.88 -9.82
CA GLU D 121 64.30 -27.27 -9.88
C GLU D 121 65.27 -28.11 -9.07
N ALA D 122 64.75 -29.15 -8.43
CA ALA D 122 65.57 -30.04 -7.63
C ALA D 122 64.85 -31.38 -7.50
N LEU D 123 65.59 -32.40 -7.08
CA LEU D 123 65.02 -33.72 -6.90
C LEU D 123 64.10 -33.73 -5.68
N SER D 124 62.93 -34.34 -5.82
CA SER D 124 61.99 -34.51 -4.74
C SER D 124 61.51 -35.96 -4.71
N LEU D 125 61.02 -36.37 -3.54
CA LEU D 125 60.47 -37.70 -3.38
C LEU D 125 59.07 -37.75 -3.97
N ILE D 126 58.85 -38.65 -4.92
CA ILE D 126 57.56 -38.85 -5.55
C ILE D 126 57.00 -40.17 -5.06
N TYR D 127 55.86 -40.13 -4.36
CA TYR D 127 55.29 -41.29 -3.71
C TYR D 127 53.89 -41.56 -4.25
N ASN D 128 53.51 -42.83 -4.26
CA ASN D 128 52.17 -43.25 -4.65
C ASN D 128 51.26 -43.16 -3.43
N LYS D 129 50.22 -42.33 -3.52
CA LYS D 129 49.33 -42.12 -2.39
C LYS D 129 48.50 -43.34 -2.08
N ASP D 130 48.22 -44.18 -3.07
CA ASP D 130 47.46 -45.40 -2.84
C ASP D 130 48.30 -46.47 -2.14
N LEU D 131 49.60 -46.48 -2.37
CA LEU D 131 50.49 -47.44 -1.71
C LEU D 131 51.08 -46.88 -0.41
N LEU D 132 51.51 -45.62 -0.42
CA LEU D 132 52.04 -44.96 0.77
C LEU D 132 51.35 -43.61 0.93
N PRO D 133 50.22 -43.55 1.64
CA PRO D 133 49.60 -42.25 1.89
C PRO D 133 50.44 -41.33 2.75
N ASN D 134 51.27 -41.89 3.63
CA ASN D 134 52.19 -41.11 4.47
C ASN D 134 53.61 -41.55 4.14
N PRO D 135 54.27 -40.90 3.18
CA PRO D 135 55.61 -41.32 2.80
C PRO D 135 56.56 -41.22 3.98
N PRO D 136 57.60 -42.05 4.01
CA PRO D 136 58.52 -42.03 5.14
C PRO D 136 59.36 -40.76 5.15
N LYS D 137 59.71 -40.31 6.35
CA LYS D 137 60.51 -39.12 6.54
C LYS D 137 61.99 -39.40 6.75
N THR D 138 62.38 -40.67 6.84
CA THR D 138 63.77 -41.06 7.03
C THR D 138 64.14 -42.18 6.07
N TRP D 139 65.39 -42.16 5.60
CA TRP D 139 65.88 -43.22 4.73
C TRP D 139 65.93 -44.55 5.45
N GLU D 140 66.09 -44.54 6.77
CA GLU D 140 66.30 -45.78 7.51
C GLU D 140 65.07 -46.68 7.50
N GLU D 141 63.87 -46.11 7.42
CA GLU D 141 62.63 -46.87 7.50
C GLU D 141 62.13 -47.35 6.14
N ILE D 142 62.97 -47.31 5.11
CA ILE D 142 62.58 -47.77 3.79
C ILE D 142 62.71 -49.29 3.69
N PRO D 143 63.79 -49.88 4.20
CA PRO D 143 63.90 -51.34 4.17
C PRO D 143 62.69 -52.04 4.80
N ALA D 144 62.15 -51.49 5.88
CA ALA D 144 60.97 -52.10 6.50
C ALA D 144 59.74 -51.95 5.61
N LEU D 145 59.53 -50.75 5.06
CA LEU D 145 58.40 -50.56 4.15
C LEU D 145 58.53 -51.41 2.89
N ASP D 146 59.75 -51.72 2.49
CA ASP D 146 59.96 -52.56 1.31
C ASP D 146 59.51 -54.00 1.58
N LYS D 147 59.74 -54.49 2.80
CA LYS D 147 59.33 -55.85 3.14
C LYS D 147 57.81 -55.99 3.11
N GLU D 148 57.10 -54.97 3.59
CA GLU D 148 55.64 -55.03 3.58
C GLU D 148 55.07 -54.96 2.17
N LEU D 149 55.74 -54.24 1.27
CA LEU D 149 55.26 -54.12 -0.11
C LEU D 149 55.64 -55.32 -0.96
N LYS D 150 56.77 -55.95 -0.67
CA LYS D 150 57.15 -57.16 -1.39
C LYS D 150 56.16 -58.30 -1.12
N ALA D 151 55.53 -58.29 0.06
CA ALA D 151 54.60 -59.36 0.40
C ALA D 151 53.40 -59.40 -0.54
N LYS D 152 53.00 -58.26 -1.09
CA LYS D 152 51.90 -58.20 -2.05
C LYS D 152 52.38 -57.78 -3.43
N GLY D 153 53.62 -58.12 -3.77
CA GLY D 153 54.12 -57.89 -5.12
C GLY D 153 54.45 -56.46 -5.47
N LYS D 154 54.97 -55.69 -4.51
CA LYS D 154 55.33 -54.30 -4.73
C LYS D 154 56.73 -54.05 -4.18
N SER D 155 57.20 -52.81 -4.32
CA SER D 155 58.50 -52.41 -3.80
C SER D 155 58.40 -51.00 -3.25
N ALA D 156 59.35 -50.65 -2.38
CA ALA D 156 59.31 -49.36 -1.71
C ALA D 156 59.81 -48.24 -2.62
N LEU D 157 61.05 -48.34 -3.10
CA LEU D 157 61.69 -47.25 -3.83
C LEU D 157 62.42 -47.79 -5.04
N MET D 158 62.23 -47.13 -6.18
CA MET D 158 62.93 -47.45 -7.42
C MET D 158 63.28 -46.15 -8.12
N PHE D 159 64.58 -45.86 -8.24
CA PHE D 159 65.03 -44.66 -8.92
C PHE D 159 66.37 -44.92 -9.58
N ASN D 160 66.75 -44.00 -10.47
CA ASN D 160 67.97 -44.14 -11.24
C ASN D 160 69.18 -44.22 -10.32
N LEU D 161 69.90 -45.34 -10.37
CA LEU D 161 71.13 -45.53 -9.62
C LEU D 161 72.38 -45.33 -10.46
N GLN D 162 72.23 -45.09 -11.77
CA GLN D 162 73.36 -44.96 -12.67
C GLN D 162 73.92 -43.54 -12.70
N GLU D 163 73.05 -42.56 -12.87
CA GLU D 163 73.50 -41.17 -12.89
C GLU D 163 73.85 -40.73 -11.47
N PRO D 164 75.04 -40.18 -11.23
CA PRO D 164 75.36 -39.70 -9.87
C PRO D 164 74.51 -38.51 -9.44
N TYR D 165 73.85 -37.84 -10.39
CA TYR D 165 72.98 -36.72 -10.03
C TYR D 165 71.84 -37.17 -9.11
N PHE D 166 71.33 -38.38 -9.33
CA PHE D 166 70.19 -38.89 -8.58
C PHE D 166 70.59 -39.53 -7.26
N THR D 167 71.77 -40.14 -7.18
CA THR D 167 72.21 -40.80 -5.97
C THR D 167 72.93 -39.87 -5.01
N TRP D 168 73.38 -38.72 -5.47
CA TRP D 168 74.11 -37.81 -4.59
C TRP D 168 73.27 -37.30 -3.42
N PRO D 169 71.97 -37.03 -3.57
CA PRO D 169 71.19 -36.57 -2.40
C PRO D 169 71.34 -37.45 -1.18
N LEU D 170 71.44 -38.77 -1.35
CA LEU D 170 71.64 -39.66 -0.22
C LEU D 170 73.08 -39.65 0.26
N ILE D 171 74.04 -39.56 -0.67
CA ILE D 171 75.45 -39.62 -0.30
C ILE D 171 75.87 -38.35 0.43
N ALA D 172 75.40 -37.19 -0.04
CA ALA D 172 75.80 -35.91 0.54
C ALA D 172 74.98 -35.53 1.77
N ALA D 173 74.04 -36.37 2.20
CA ALA D 173 73.17 -36.01 3.31
C ALA D 173 73.95 -35.86 4.61
N ASP D 174 74.81 -36.83 4.91
CA ASP D 174 75.50 -36.89 6.20
C ASP D 174 76.81 -36.11 6.22
N GLY D 175 77.12 -35.37 5.16
CA GLY D 175 78.31 -34.54 5.17
C GLY D 175 79.15 -34.62 3.91
N GLY D 176 78.51 -34.93 2.78
CA GLY D 176 79.20 -34.99 1.50
C GLY D 176 79.02 -33.70 0.72
N TYR D 177 80.09 -33.30 0.02
CA TYR D 177 80.07 -32.10 -0.79
C TYR D 177 81.07 -32.25 -1.92
N ALA D 178 80.77 -31.61 -3.06
CA ALA D 178 81.66 -31.63 -4.21
C ALA D 178 82.95 -30.88 -3.91
N PHE D 179 82.85 -29.56 -3.79
CA PHE D 179 83.99 -28.71 -3.46
C PHE D 179 83.55 -27.69 -2.42
N LYS D 180 84.40 -27.44 -1.45
CA LYS D 180 84.08 -26.47 -0.40
C LYS D 180 83.94 -25.07 -0.99
N TYR D 181 82.93 -24.35 -0.50
CA TYR D 181 82.64 -22.98 -0.94
C TYR D 181 82.96 -22.06 0.23
N GLU D 182 84.19 -21.54 0.24
CA GLU D 182 84.67 -20.69 1.32
C GLU D 182 85.00 -19.31 0.78
N ASN D 183 84.35 -18.29 1.33
CA ASN D 183 84.68 -16.89 1.03
C ASN D 183 84.32 -16.53 -0.41
N GLY D 184 83.24 -17.10 -0.92
CA GLY D 184 82.71 -16.72 -2.21
C GLY D 184 83.16 -17.54 -3.39
N LYS D 185 84.17 -18.40 -3.23
CA LYS D 185 84.68 -19.22 -4.32
C LYS D 185 84.87 -20.65 -3.86
N TYR D 186 85.00 -21.55 -4.82
CA TYR D 186 85.15 -22.97 -4.55
C TYR D 186 86.63 -23.34 -4.47
N ASP D 187 86.95 -24.24 -3.53
CA ASP D 187 88.31 -24.74 -3.34
C ASP D 187 88.38 -26.13 -3.94
N ILE D 188 88.99 -26.24 -5.13
CA ILE D 188 89.12 -27.53 -5.80
C ILE D 188 90.02 -28.51 -5.05
N LYS D 189 90.83 -28.01 -4.11
CA LYS D 189 91.66 -28.89 -3.29
C LYS D 189 90.91 -29.54 -2.14
N ASP D 190 89.72 -29.05 -1.81
CA ASP D 190 88.90 -29.58 -0.72
C ASP D 190 87.68 -30.27 -1.34
N VAL D 191 87.73 -31.60 -1.40
CA VAL D 191 86.66 -32.40 -1.99
C VAL D 191 86.02 -33.24 -0.89
N GLY D 192 84.69 -33.16 -0.80
CA GLY D 192 83.96 -33.91 0.21
C GLY D 192 83.33 -35.18 -0.33
N VAL D 193 84.15 -36.06 -0.89
CA VAL D 193 83.67 -37.32 -1.44
C VAL D 193 84.05 -38.52 -0.58
N ASP D 194 85.20 -38.49 0.09
CA ASP D 194 85.62 -39.62 0.91
C ASP D 194 85.68 -39.23 2.38
N ASN D 195 84.56 -38.74 2.93
CA ASN D 195 84.47 -38.39 4.34
C ASN D 195 83.45 -39.30 5.02
N ALA D 196 83.32 -39.14 6.33
CA ALA D 196 82.44 -39.99 7.12
C ALA D 196 81.00 -39.92 6.60
N GLY D 197 80.55 -38.72 6.22
CA GLY D 197 79.21 -38.54 5.73
C GLY D 197 78.95 -39.26 4.42
N ALA D 198 79.76 -38.94 3.39
CA ALA D 198 79.57 -39.55 2.09
C ALA D 198 79.69 -41.07 2.16
N LYS D 199 80.66 -41.57 2.94
CA LYS D 199 80.85 -43.01 3.03
C LYS D 199 79.66 -43.69 3.71
N ALA D 200 78.97 -42.99 4.60
CA ALA D 200 77.76 -43.54 5.21
C ALA D 200 76.61 -43.53 4.22
N GLY D 201 76.52 -42.49 3.39
CA GLY D 201 75.45 -42.43 2.40
C GLY D 201 75.56 -43.51 1.35
N LEU D 202 76.77 -43.75 0.85
CA LEU D 202 76.97 -44.79 -0.15
C LEU D 202 76.81 -46.18 0.45
N THR D 203 77.35 -46.38 1.66
CA THR D 203 77.16 -47.67 2.34
C THR D 203 75.69 -48.02 2.48
N PHE D 204 74.88 -47.04 2.90
CA PHE D 204 73.44 -47.27 2.98
C PHE D 204 72.85 -47.57 1.62
N LEU D 205 73.34 -46.91 0.58
CA LEU D 205 72.89 -47.20 -0.77
C LEU D 205 73.30 -48.61 -1.20
N VAL D 206 74.54 -49.01 -0.87
CA VAL D 206 75.00 -50.35 -1.21
C VAL D 206 74.26 -51.39 -0.38
N ASP D 207 73.98 -51.08 0.88
CA ASP D 207 73.24 -52.02 1.72
C ASP D 207 71.84 -52.25 1.18
N LEU D 208 71.21 -51.20 0.65
CA LEU D 208 69.90 -51.38 0.03
C LEU D 208 69.95 -52.36 -1.13
N ILE D 209 71.10 -52.46 -1.79
CA ILE D 209 71.25 -53.42 -2.88
C ILE D 209 71.62 -54.80 -2.33
N LYS D 210 72.47 -54.84 -1.31
CA LYS D 210 72.86 -56.12 -0.70
C LYS D 210 71.68 -56.81 -0.03
N ASN D 211 70.60 -56.08 0.25
CA ASN D 211 69.41 -56.65 0.90
C ASN D 211 68.23 -56.76 -0.05
N LYS D 212 68.49 -56.77 -1.36
CA LYS D 212 67.47 -56.95 -2.39
C LYS D 212 66.36 -55.90 -2.32
N HIS D 213 66.65 -54.73 -1.76
CA HIS D 213 65.67 -53.65 -1.77
C HIS D 213 65.72 -52.82 -3.04
N MET D 214 66.88 -52.73 -3.68
CA MET D 214 67.04 -52.03 -4.95
C MET D 214 67.96 -52.84 -5.85
N ASN D 215 67.68 -52.82 -7.15
CA ASN D 215 68.50 -53.50 -8.14
C ASN D 215 69.62 -52.56 -8.59
N ALA D 216 70.84 -53.09 -8.66
CA ALA D 216 71.99 -52.28 -9.05
C ALA D 216 71.93 -51.81 -10.50
N ASP D 217 71.00 -52.32 -11.30
CA ASP D 217 70.90 -51.96 -12.71
C ASP D 217 69.71 -51.06 -13.02
N THR D 218 69.09 -50.48 -11.99
CA THR D 218 67.93 -49.63 -12.20
C THR D 218 68.37 -48.27 -12.74
N ASP D 219 67.93 -47.93 -13.95
CA ASP D 219 68.24 -46.65 -14.55
C ASP D 219 66.99 -45.78 -14.57
N TYR D 220 66.98 -44.75 -15.43
CA TYR D 220 65.88 -43.81 -15.45
C TYR D 220 64.59 -44.46 -15.95
N SER D 221 64.66 -45.11 -17.11
CA SER D 221 63.44 -45.68 -17.70
C SER D 221 62.87 -46.80 -16.84
N ILE D 222 63.73 -47.64 -16.27
CA ILE D 222 63.25 -48.72 -15.42
C ILE D 222 62.52 -48.15 -14.22
N ALA D 223 63.01 -47.04 -13.66
CA ALA D 223 62.36 -46.44 -12.51
C ALA D 223 61.08 -45.71 -12.92
N GLU D 224 61.16 -44.88 -13.96
CA GLU D 224 59.98 -44.15 -14.41
C GLU D 224 58.85 -45.10 -14.77
N ALA D 225 59.17 -46.22 -15.42
CA ALA D 225 58.13 -47.18 -15.80
C ALA D 225 57.61 -47.95 -14.59
N ALA D 226 58.49 -48.22 -13.60
CA ALA D 226 58.04 -48.94 -12.41
C ALA D 226 57.08 -48.11 -11.58
N PHE D 227 57.19 -46.79 -11.61
CA PHE D 227 56.30 -45.93 -10.85
C PHE D 227 55.01 -45.62 -11.60
N ASN D 228 55.10 -45.35 -12.91
CA ASN D 228 53.91 -45.04 -13.67
C ASN D 228 52.98 -46.24 -13.81
N LYS D 229 53.53 -47.45 -13.71
CA LYS D 229 52.70 -48.66 -13.71
C LYS D 229 52.09 -48.95 -12.35
N GLY D 230 52.68 -48.43 -11.27
CA GLY D 230 52.23 -48.72 -9.93
C GLY D 230 52.93 -49.86 -9.24
N GLU D 231 54.06 -50.32 -9.79
CA GLU D 231 54.76 -51.45 -9.20
C GLU D 231 55.58 -51.05 -7.98
N THR D 232 56.07 -49.82 -7.95
CA THR D 232 56.86 -49.32 -6.82
C THR D 232 56.12 -48.16 -6.16
N ALA D 233 56.37 -47.99 -4.87
CA ALA D 233 55.64 -46.99 -4.08
C ALA D 233 56.30 -45.63 -4.08
N MET D 234 57.61 -45.55 -4.36
CA MET D 234 58.31 -44.29 -4.33
C MET D 234 59.29 -44.20 -5.51
N THR D 235 59.74 -42.99 -5.78
CA THR D 235 60.75 -42.74 -6.80
C THR D 235 61.30 -41.34 -6.59
N ILE D 236 62.53 -41.13 -7.06
CA ILE D 236 63.23 -39.86 -6.93
C ILE D 236 63.38 -39.27 -8.32
N ASN D 237 62.77 -38.11 -8.53
CA ASN D 237 62.81 -37.47 -9.84
C ASN D 237 62.48 -35.99 -9.66
N GLY D 238 62.59 -35.25 -10.76
CA GLY D 238 62.33 -33.82 -10.75
C GLY D 238 61.00 -33.48 -11.39
N PRO D 239 60.71 -32.18 -11.50
CA PRO D 239 59.42 -31.76 -12.08
C PRO D 239 59.25 -32.18 -13.53
N TRP D 240 60.33 -32.41 -14.27
CA TRP D 240 60.23 -32.75 -15.68
C TRP D 240 59.45 -34.04 -15.89
N ALA D 241 59.43 -34.93 -14.89
CA ALA D 241 58.78 -36.23 -15.01
C ALA D 241 57.34 -36.23 -14.52
N TRP D 242 56.80 -35.08 -14.13
CA TRP D 242 55.43 -35.04 -13.61
C TRP D 242 54.41 -35.34 -14.69
N SER D 243 54.61 -34.83 -15.90
CA SER D 243 53.65 -35.05 -16.97
C SER D 243 53.55 -36.53 -17.33
N ASN D 244 54.69 -37.24 -17.31
CA ASN D 244 54.63 -38.68 -17.57
C ASN D 244 53.83 -39.41 -16.50
N ILE D 245 53.74 -38.84 -15.30
CA ILE D 245 52.93 -39.46 -14.26
C ILE D 245 51.48 -39.01 -14.36
N ASP D 246 51.25 -37.77 -14.79
CA ASP D 246 49.87 -37.28 -14.93
C ASP D 246 49.11 -38.08 -15.97
N THR D 247 49.77 -38.48 -17.07
CA THR D 247 49.10 -39.26 -18.09
C THR D 247 48.86 -40.70 -17.65
N SER D 248 49.79 -41.27 -16.88
CA SER D 248 49.63 -42.64 -16.40
C SER D 248 48.50 -42.77 -15.40
N LYS D 249 47.95 -41.66 -14.89
CA LYS D 249 46.80 -41.68 -13.99
C LYS D 249 47.12 -42.41 -12.69
N VAL D 250 48.28 -42.09 -12.12
CA VAL D 250 48.70 -42.63 -10.83
C VAL D 250 48.50 -41.56 -9.77
N ASN D 251 47.73 -41.89 -8.74
CA ASN D 251 47.51 -40.97 -7.62
C ASN D 251 48.82 -40.79 -6.87
N TYR D 252 49.49 -39.66 -7.10
CA TYR D 252 50.83 -39.44 -6.57
C TYR D 252 50.91 -38.06 -5.91
N GLY D 253 51.95 -37.91 -5.07
CA GLY D 253 52.27 -36.63 -4.49
C GLY D 253 53.77 -36.44 -4.44
N VAL D 254 54.17 -35.17 -4.37
CA VAL D 254 55.58 -34.79 -4.33
C VAL D 254 55.87 -34.20 -2.95
N THR D 255 56.77 -34.84 -2.22
CA THR D 255 57.10 -34.45 -0.86
C THR D 255 58.61 -34.21 -0.74
N VAL D 256 59.03 -33.77 0.44
CA VAL D 256 60.45 -33.58 0.71
C VAL D 256 61.15 -34.94 0.76
N LEU D 257 62.42 -34.95 0.36
CA LEU D 257 63.18 -36.18 0.38
C LEU D 257 63.34 -36.69 1.81
N PRO D 258 63.46 -38.00 2.00
CA PRO D 258 63.70 -38.54 3.35
C PRO D 258 65.07 -38.12 3.86
N THR D 259 65.19 -38.08 5.18
CA THR D 259 66.45 -37.71 5.82
C THR D 259 67.30 -38.96 6.07
N PHE D 260 68.60 -38.73 6.19
CA PHE D 260 69.56 -39.78 6.50
C PHE D 260 70.37 -39.35 7.70
N LYS D 261 70.42 -40.21 8.73
CA LYS D 261 71.13 -39.89 9.96
C LYS D 261 70.60 -38.59 10.58
N GLY D 262 69.30 -38.38 10.46
CA GLY D 262 68.69 -37.17 10.97
C GLY D 262 69.00 -35.91 10.17
N GLN D 263 69.70 -36.05 9.04
CA GLN D 263 70.08 -34.91 8.22
C GLN D 263 69.33 -34.94 6.89
N PRO D 264 68.93 -33.77 6.38
CA PRO D 264 68.15 -33.75 5.14
C PRO D 264 69.01 -34.10 3.93
N SER D 265 68.36 -34.69 2.93
CA SER D 265 69.05 -35.01 1.68
C SER D 265 69.47 -33.74 0.97
N LYS D 266 70.60 -33.82 0.26
CA LYS D 266 71.16 -32.66 -0.43
C LYS D 266 71.09 -32.84 -1.94
N PRO D 267 69.96 -32.54 -2.57
CA PRO D 267 69.90 -32.58 -4.03
C PRO D 267 70.57 -31.36 -4.65
N PHE D 268 71.14 -31.56 -5.83
CA PHE D 268 71.76 -30.46 -6.55
C PHE D 268 70.70 -29.47 -7.03
N VAL D 269 71.02 -28.19 -6.94
CA VAL D 269 70.08 -27.13 -7.28
C VAL D 269 70.27 -26.76 -8.75
N GLY D 270 69.25 -27.01 -9.55
CA GLY D 270 69.25 -26.61 -10.95
C GLY D 270 68.45 -25.33 -11.13
N VAL D 271 68.98 -24.42 -11.94
CA VAL D 271 68.40 -23.10 -12.15
C VAL D 271 68.30 -22.84 -13.65
N LEU D 272 67.11 -22.48 -14.11
CA LEU D 272 66.91 -22.01 -15.47
C LEU D 272 67.39 -20.56 -15.54
N SER D 273 68.51 -20.34 -16.22
CA SER D 273 69.19 -19.05 -16.18
C SER D 273 68.93 -18.26 -17.46
N ALA D 274 68.89 -16.93 -17.30
CA ALA D 274 68.75 -15.99 -18.41
C ALA D 274 69.93 -15.03 -18.35
N GLY D 275 70.88 -15.20 -19.26
CA GLY D 275 72.10 -14.41 -19.27
C GLY D 275 72.08 -13.38 -20.38
N ILE D 276 72.82 -12.29 -20.17
CA ILE D 276 72.97 -11.22 -21.15
C ILE D 276 74.26 -11.48 -21.94
N ASN D 277 74.15 -11.44 -23.26
CA ASN D 277 75.29 -11.76 -24.11
C ASN D 277 76.35 -10.66 -24.00
N ALA D 278 77.61 -11.09 -23.81
CA ALA D 278 78.70 -10.12 -23.74
C ALA D 278 78.90 -9.41 -25.06
N ALA D 279 78.55 -10.04 -26.17
CA ALA D 279 78.65 -9.44 -27.49
C ALA D 279 77.38 -8.69 -27.89
N SER D 280 76.51 -8.39 -26.94
CA SER D 280 75.25 -7.70 -27.24
C SER D 280 75.41 -6.20 -27.05
N PRO D 281 74.94 -5.39 -28.01
CA PRO D 281 74.97 -3.94 -27.82
C PRO D 281 73.84 -3.41 -26.94
N ASN D 282 72.87 -4.26 -26.58
CA ASN D 282 71.74 -3.83 -25.77
C ASN D 282 71.73 -4.52 -24.42
N LYS D 283 72.76 -4.27 -23.60
CA LYS D 283 72.82 -4.89 -22.28
C LYS D 283 71.92 -4.18 -21.28
N GLU D 284 71.77 -2.85 -21.40
CA GLU D 284 70.86 -2.15 -20.50
C GLU D 284 69.40 -2.41 -20.86
N LEU D 285 69.12 -2.68 -22.14
CA LEU D 285 67.76 -3.04 -22.54
C LEU D 285 67.41 -4.45 -22.07
N ALA D 286 68.34 -5.38 -22.19
CA ALA D 286 68.10 -6.73 -21.68
C ALA D 286 67.92 -6.72 -20.17
N LYS D 287 68.73 -5.93 -19.47
CA LYS D 287 68.54 -5.77 -18.02
C LYS D 287 67.15 -5.23 -17.70
N GLU D 288 66.65 -4.32 -18.53
CA GLU D 288 65.33 -3.74 -18.31
C GLU D 288 64.23 -4.77 -18.57
N PHE D 289 64.37 -5.56 -19.64
CA PHE D 289 63.36 -6.57 -19.96
C PHE D 289 63.34 -7.69 -18.93
N LEU D 290 64.49 -8.05 -18.38
CA LEU D 290 64.56 -9.17 -17.45
C LEU D 290 64.12 -8.77 -16.04
N GLU D 291 64.48 -7.56 -15.61
CA GLU D 291 64.22 -7.17 -14.23
C GLU D 291 62.82 -6.58 -14.06
N ASN D 292 62.38 -5.75 -15.00
CA ASN D 292 61.14 -5.02 -14.85
C ASN D 292 59.97 -5.62 -15.61
N TYR D 293 60.19 -6.67 -16.39
CA TYR D 293 59.11 -7.27 -17.17
C TYR D 293 59.01 -8.77 -16.93
N LEU D 294 60.10 -9.50 -17.17
CA LEU D 294 60.06 -10.95 -17.02
C LEU D 294 59.98 -11.34 -15.55
N LEU D 295 60.88 -10.83 -14.72
CA LEU D 295 60.94 -11.21 -13.32
C LEU D 295 59.88 -10.49 -12.50
N THR D 296 58.65 -10.50 -12.98
CA THR D 296 57.49 -10.00 -12.25
C THR D 296 56.44 -11.12 -12.16
N ASP D 297 55.34 -10.83 -11.48
CA ASP D 297 54.27 -11.81 -11.40
C ASP D 297 53.54 -11.95 -12.73
N GLU D 298 53.25 -10.83 -13.39
CA GLU D 298 52.56 -10.91 -14.69
C GLU D 298 53.47 -11.48 -15.76
N GLY D 299 54.77 -11.31 -15.64
CA GLY D 299 55.71 -11.83 -16.62
C GLY D 299 55.92 -13.32 -16.51
N LEU D 300 56.18 -13.81 -15.30
CA LEU D 300 56.36 -15.25 -15.12
C LEU D 300 55.06 -16.01 -15.36
N GLU D 301 53.92 -15.42 -14.99
CA GLU D 301 52.65 -16.09 -15.21
C GLU D 301 52.38 -16.32 -16.70
N ALA D 302 52.86 -15.41 -17.55
CA ALA D 302 52.69 -15.59 -18.98
C ALA D 302 53.50 -16.78 -19.50
N VAL D 303 54.71 -16.95 -18.99
CA VAL D 303 55.54 -18.08 -19.41
C VAL D 303 55.03 -19.37 -18.78
N ASN D 304 54.59 -19.30 -17.52
CA ASN D 304 54.12 -20.51 -16.84
C ASN D 304 52.83 -21.02 -17.43
N LYS D 305 51.95 -20.12 -17.91
CA LYS D 305 50.70 -20.57 -18.53
C LYS D 305 50.98 -21.33 -19.82
N ASP D 306 51.96 -20.89 -20.60
CA ASP D 306 52.32 -21.60 -21.83
C ASP D 306 52.87 -22.99 -21.51
N LYS D 307 53.97 -23.05 -20.77
CA LYS D 307 54.56 -24.30 -20.32
C LYS D 307 55.02 -24.10 -18.88
N PRO D 308 54.71 -25.04 -17.98
CA PRO D 308 54.97 -24.79 -16.55
C PRO D 308 56.46 -24.67 -16.26
N LEU D 309 56.81 -23.68 -15.45
CA LEU D 309 58.20 -23.50 -15.04
C LEU D 309 58.53 -24.34 -13.80
N GLY D 310 57.53 -24.66 -12.99
CA GLY D 310 57.79 -25.30 -11.71
C GLY D 310 57.96 -24.27 -10.62
N ALA D 311 58.99 -24.45 -9.80
CA ALA D 311 59.32 -23.47 -8.78
C ALA D 311 60.16 -22.36 -9.39
N VAL D 312 59.85 -21.12 -9.01
CA VAL D 312 60.54 -19.95 -9.53
C VAL D 312 61.35 -19.30 -8.41
N ALA D 313 62.33 -18.50 -8.82
CA ALA D 313 63.19 -17.82 -7.86
C ALA D 313 62.56 -16.54 -7.31
N LEU D 314 61.60 -15.96 -8.02
CA LEU D 314 60.92 -14.77 -7.54
C LEU D 314 60.04 -15.12 -6.34
N LYS D 315 60.27 -14.44 -5.22
CA LYS D 315 59.51 -14.74 -4.01
C LYS D 315 58.02 -14.50 -4.22
N SER D 316 57.67 -13.44 -4.94
CA SER D 316 56.26 -13.08 -5.10
C SER D 316 55.48 -14.18 -5.80
N TYR D 317 56.01 -14.67 -6.93
CA TYR D 317 55.29 -15.66 -7.71
C TYR D 317 55.47 -17.07 -7.15
N GLU D 318 56.56 -17.32 -6.44
CA GLU D 318 56.76 -18.63 -5.83
C GLU D 318 55.75 -18.87 -4.70
N GLU D 319 55.52 -17.86 -3.87
CA GLU D 319 54.54 -18.00 -2.80
C GLU D 319 53.15 -18.27 -3.36
N GLU D 320 52.88 -17.83 -4.58
CA GLU D 320 51.62 -18.15 -5.24
C GLU D 320 51.62 -19.58 -5.78
N LEU D 321 52.72 -19.97 -6.43
CA LEU D 321 52.84 -21.34 -6.95
C LEU D 321 53.01 -22.37 -5.83
N ALA D 322 53.49 -21.94 -4.66
CA ALA D 322 53.69 -22.88 -3.56
C ALA D 322 52.40 -23.55 -3.13
N LYS D 323 51.25 -22.96 -3.44
CA LYS D 323 49.99 -23.62 -3.14
C LYS D 323 49.88 -24.98 -3.81
N ASP D 324 50.60 -25.19 -4.90
CA ASP D 324 50.78 -26.52 -5.46
C ASP D 324 51.70 -27.32 -4.55
N PRO D 325 51.21 -28.37 -3.88
CA PRO D 325 52.07 -29.09 -2.94
C PRO D 325 53.36 -29.59 -3.56
N ARG D 326 53.35 -29.89 -4.86
CA ARG D 326 54.55 -30.39 -5.51
C ARG D 326 55.60 -29.29 -5.69
N ILE D 327 55.17 -28.10 -6.12
CA ILE D 327 56.10 -27.00 -6.32
C ILE D 327 56.71 -26.57 -4.99
N ALA D 328 55.92 -26.61 -3.91
CA ALA D 328 56.45 -26.26 -2.61
C ALA D 328 57.48 -27.28 -2.12
N ALA D 329 57.30 -28.55 -2.47
CA ALA D 329 58.28 -29.56 -2.10
C ALA D 329 59.56 -29.41 -2.92
N THR D 330 59.43 -29.11 -4.21
CA THR D 330 60.61 -28.88 -5.04
C THR D 330 61.42 -27.71 -4.51
N MET D 331 60.75 -26.62 -4.13
CA MET D 331 61.46 -25.48 -3.56
C MET D 331 62.05 -25.82 -2.20
N GLU D 332 61.36 -26.66 -1.42
CA GLU D 332 61.87 -27.02 -0.10
C GLU D 332 63.11 -27.89 -0.19
N ASN D 333 63.10 -28.90 -1.08
CA ASN D 333 64.28 -29.73 -1.26
C ASN D 333 65.45 -28.92 -1.80
N ALA D 334 65.18 -27.90 -2.61
CA ALA D 334 66.26 -27.06 -3.14
C ALA D 334 66.93 -26.26 -2.04
N GLN D 335 66.12 -25.68 -1.13
CA GLN D 335 66.70 -24.92 -0.03
C GLN D 335 67.53 -25.80 0.90
N LYS D 336 67.22 -27.10 0.95
CA LYS D 336 67.99 -28.04 1.75
C LYS D 336 69.16 -28.64 0.97
N GLY D 337 69.30 -28.32 -0.31
CA GLY D 337 70.27 -28.95 -1.17
C GLY D 337 71.55 -28.15 -1.32
N GLU D 338 72.35 -28.56 -2.29
CA GLU D 338 73.66 -27.97 -2.56
C GLU D 338 73.66 -27.33 -3.94
N ILE D 339 74.29 -26.17 -4.05
CA ILE D 339 74.44 -25.50 -5.34
C ILE D 339 75.45 -26.27 -6.18
N MET D 340 75.15 -26.42 -7.47
CA MET D 340 76.03 -27.15 -8.38
C MET D 340 77.15 -26.23 -8.84
N PRO D 341 78.40 -26.50 -8.45
CA PRO D 341 79.50 -25.60 -8.84
C PRO D 341 79.63 -25.51 -10.35
N ASN D 342 79.88 -24.29 -10.83
CA ASN D 342 80.04 -24.03 -12.25
C ASN D 342 81.50 -24.04 -12.68
N ILE D 343 82.40 -24.52 -11.83
CA ILE D 343 83.83 -24.56 -12.13
C ILE D 343 84.11 -25.75 -13.05
N PRO D 344 85.15 -25.68 -13.89
CA PRO D 344 85.44 -26.82 -14.78
C PRO D 344 85.83 -28.08 -14.04
N GLN D 345 86.23 -27.98 -12.77
CA GLN D 345 86.63 -29.17 -12.02
C GLN D 345 85.46 -30.09 -11.72
N MET D 346 84.22 -29.59 -11.86
CA MET D 346 83.07 -30.43 -11.59
C MET D 346 83.01 -31.63 -12.53
N SER D 347 83.58 -31.51 -13.72
CA SER D 347 83.60 -32.64 -14.64
C SER D 347 84.33 -33.83 -14.03
N ALA D 348 85.44 -33.58 -13.34
CA ALA D 348 86.14 -34.65 -12.65
C ALA D 348 85.32 -35.20 -11.49
N PHE D 349 84.55 -34.34 -10.82
CA PHE D 349 83.69 -34.81 -9.74
C PHE D 349 82.60 -35.75 -10.26
N TRP D 350 81.96 -35.38 -11.37
CA TRP D 350 80.90 -36.22 -11.92
C TRP D 350 81.43 -37.60 -12.29
N TYR D 351 82.52 -37.65 -13.05
CA TYR D 351 83.05 -38.94 -13.48
C TYR D 351 83.50 -39.78 -12.29
N ALA D 352 84.14 -39.15 -11.31
CA ALA D 352 84.65 -39.90 -10.15
C ALA D 352 83.50 -40.55 -9.39
N VAL D 353 82.48 -39.78 -9.05
CA VAL D 353 81.35 -40.33 -8.31
C VAL D 353 80.58 -41.33 -9.18
N ARG D 354 80.44 -41.02 -10.46
CA ARG D 354 79.74 -41.93 -11.36
C ARG D 354 80.35 -43.31 -11.35
N THR D 355 81.68 -43.39 -11.50
CA THR D 355 82.36 -44.68 -11.44
C THR D 355 82.44 -45.22 -10.02
N ALA D 356 82.38 -44.36 -9.01
CA ALA D 356 82.44 -44.83 -7.63
C ALA D 356 81.16 -45.53 -7.23
N VAL D 357 80.00 -44.99 -7.64
CA VAL D 357 78.72 -45.60 -7.27
C VAL D 357 78.53 -46.91 -8.03
N ILE D 358 78.92 -46.95 -9.30
CA ILE D 358 78.76 -48.17 -10.08
C ILE D 358 79.66 -49.27 -9.55
N ASN D 359 80.95 -48.96 -9.33
CA ASN D 359 81.87 -49.98 -8.82
C ASN D 359 81.45 -50.49 -7.45
N ALA D 360 80.82 -49.63 -6.63
CA ALA D 360 80.40 -50.06 -5.30
C ALA D 360 79.11 -50.84 -5.33
N ALA D 361 78.23 -50.55 -6.30
CA ALA D 361 76.95 -51.24 -6.37
C ALA D 361 77.06 -52.58 -7.09
N SER D 362 78.05 -52.74 -7.97
CA SER D 362 78.24 -53.96 -8.73
C SER D 362 79.18 -54.94 -8.05
N GLY D 363 79.75 -54.58 -6.91
CA GLY D 363 80.71 -55.43 -6.22
C GLY D 363 82.12 -55.34 -6.75
N ARG D 364 82.36 -54.53 -7.79
CA ARG D 364 83.71 -54.40 -8.33
C ARG D 364 84.67 -53.79 -7.33
N GLN D 365 84.18 -52.89 -6.46
CA GLN D 365 85.00 -52.27 -5.44
C GLN D 365 84.19 -52.13 -4.16
N THR D 366 84.88 -52.21 -3.02
CA THR D 366 84.25 -51.91 -1.76
C THR D 366 84.05 -50.40 -1.62
N VAL D 367 83.19 -50.02 -0.66
CA VAL D 367 82.90 -48.61 -0.46
C VAL D 367 84.19 -47.84 -0.13
N ASP D 368 85.09 -48.46 0.63
CA ASP D 368 86.34 -47.81 0.98
C ASP D 368 87.16 -47.49 -0.26
N GLU D 369 87.32 -48.48 -1.15
CA GLU D 369 88.12 -48.27 -2.35
C GLU D 369 87.40 -47.42 -3.38
N ALA D 370 86.06 -47.52 -3.43
CA ALA D 370 85.32 -46.76 -4.43
C ALA D 370 85.43 -45.26 -4.18
N LEU D 371 85.31 -44.84 -2.92
CA LEU D 371 85.43 -43.43 -2.58
C LEU D 371 86.87 -42.98 -2.46
N LYS D 372 87.80 -43.90 -2.18
CA LYS D 372 89.22 -43.53 -2.15
C LYS D 372 89.68 -43.05 -3.52
N ASP D 373 89.25 -43.72 -4.59
CA ASP D 373 89.61 -43.27 -5.93
C ASP D 373 88.83 -42.02 -6.32
N ALA D 374 87.56 -41.94 -5.92
CA ALA D 374 86.74 -40.78 -6.27
C ALA D 374 87.32 -39.50 -5.66
N GLN D 375 87.91 -39.58 -4.47
CA GLN D 375 88.54 -38.40 -3.88
C GLN D 375 89.74 -37.95 -4.69
N THR D 376 90.56 -38.89 -5.15
CA THR D 376 91.74 -38.56 -5.93
C THR D 376 91.42 -38.29 -7.40
N ASN D 377 90.26 -38.71 -7.88
CA ASN D 377 89.86 -38.43 -9.25
C ASN D 377 89.11 -37.11 -9.40
N SER D 378 88.39 -36.70 -8.36
CA SER D 378 87.67 -35.43 -8.43
C SER D 378 88.63 -34.24 -8.50
N GLY D 379 89.84 -34.40 -7.98
CA GLY D 379 90.87 -33.38 -8.06
C GLY D 379 91.94 -33.64 -9.10
N SER D 380 91.80 -34.69 -9.91
CA SER D 380 92.81 -35.02 -10.90
C SER D 380 92.75 -34.02 -12.06
N ASP D 381 93.65 -34.22 -13.02
CA ASP D 381 93.78 -33.27 -14.12
C ASP D 381 92.56 -33.31 -15.02
N ILE D 382 92.00 -32.13 -15.33
CA ILE D 382 90.85 -32.06 -16.21
C ILE D 382 91.24 -32.46 -17.63
N THR D 383 92.45 -32.09 -18.06
CA THR D 383 92.89 -32.44 -19.40
C THR D 383 93.00 -33.95 -19.57
N SER D 384 93.51 -34.65 -18.56
CA SER D 384 93.58 -36.11 -18.61
C SER D 384 92.20 -36.71 -18.79
N LEU D 385 91.20 -36.19 -18.07
CA LEU D 385 89.84 -36.71 -18.20
C LEU D 385 89.27 -36.40 -19.57
N TYR D 386 89.53 -35.20 -20.10
CA TYR D 386 89.07 -34.87 -21.44
C TYR D 386 89.68 -35.81 -22.48
N LYS D 387 90.96 -36.11 -22.35
CA LYS D 387 91.60 -37.03 -23.28
C LYS D 387 91.05 -38.44 -23.13
N LYS D 388 90.58 -38.80 -21.92
CA LYS D 388 89.90 -40.08 -21.76
C LYS D 388 88.56 -40.08 -22.48
N ALA D 389 87.84 -38.97 -22.42
CA ALA D 389 86.59 -38.86 -23.17
C ALA D 389 86.86 -38.91 -24.66
N GLY D 390 87.90 -38.22 -25.13
CA GLY D 390 88.23 -38.25 -26.55
C GLY D 390 88.55 -39.66 -27.04
N PHE D 391 89.32 -40.41 -26.24
CA PHE D 391 89.66 -41.77 -26.64
C PHE D 391 88.42 -42.65 -26.73
N LEU D 392 87.56 -42.60 -25.70
CA LEU D 392 86.33 -43.38 -25.74
C LEU D 392 85.37 -42.86 -26.81
N GLU D 393 85.39 -41.56 -27.09
CA GLU D 393 84.55 -41.02 -28.15
C GLU D 393 85.01 -41.51 -29.52
N VAL D 394 86.31 -41.73 -29.69
CA VAL D 394 86.82 -42.26 -30.96
C VAL D 394 86.51 -43.76 -31.07
N LEU D 395 86.57 -44.49 -29.95
CA LEU D 395 86.27 -45.91 -29.97
C LEU D 395 84.85 -46.16 -30.45
N PHE D 396 83.87 -45.59 -29.76
CA PHE D 396 82.45 -45.79 -30.07
C PHE D 396 81.87 -44.63 -30.86
N GLN D 397 82.64 -44.07 -31.79
CA GLN D 397 82.18 -42.90 -32.53
C GLN D 397 80.92 -43.21 -33.33
N GLY D 398 80.83 -44.41 -33.90
CA GLY D 398 79.71 -44.80 -34.71
C GLY D 398 78.40 -44.80 -33.94
N PRO D 399 78.28 -45.73 -32.99
CA PRO D 399 77.04 -45.82 -32.21
C PRO D 399 76.71 -44.55 -31.45
N LEU D 400 77.71 -43.83 -30.95
CA LEU D 400 77.44 -42.60 -30.21
C LEU D 400 76.74 -41.56 -31.08
N LYS D 401 77.16 -41.45 -32.35
CA LYS D 401 76.51 -40.50 -33.25
C LYS D 401 75.09 -40.95 -33.58
N LYS D 402 74.88 -42.25 -33.75
CA LYS D 402 73.53 -42.76 -33.98
C LYS D 402 72.64 -42.54 -32.75
N GLU D 403 73.19 -42.79 -31.56
CA GLU D 403 72.40 -42.63 -30.34
C GLU D 403 72.10 -41.17 -30.05
N GLU D 404 73.01 -40.26 -30.44
CA GLU D 404 72.77 -38.83 -30.23
C GLU D 404 71.65 -38.33 -31.15
N ALA D 405 71.62 -38.81 -32.39
CA ALA D 405 70.56 -38.41 -33.31
C ALA D 405 69.23 -39.04 -32.91
N LYS D 406 69.25 -40.28 -32.44
CA LYS D 406 68.02 -40.92 -31.98
C LYS D 406 67.49 -40.23 -30.73
N ARG D 407 68.38 -39.82 -29.83
CA ARG D 407 67.95 -39.15 -28.61
C ARG D 407 67.31 -37.80 -28.91
N GLU D 408 67.83 -37.09 -29.92
CA GLU D 408 67.28 -35.79 -30.26
C GLU D 408 65.88 -35.91 -30.85
N LYS D 409 65.66 -36.94 -31.67
CA LYS D 409 64.33 -37.14 -32.25
C LYS D 409 63.33 -37.64 -31.20
N GLU D 410 63.79 -38.43 -30.23
CA GLU D 410 62.89 -38.92 -29.19
C GLU D 410 62.50 -37.80 -28.23
N LEU D 411 63.36 -36.80 -28.06
CA LEU D 411 63.01 -35.66 -27.21
C LEU D 411 61.96 -34.78 -27.87
N LYS D 412 62.15 -34.48 -29.17
CA LYS D 412 61.13 -33.71 -29.88
C LYS D 412 59.81 -34.45 -29.93
N LYS D 413 59.83 -35.77 -30.02
CA LYS D 413 58.59 -36.54 -29.95
C LYS D 413 58.00 -36.51 -28.56
N GLN D 414 58.84 -36.46 -27.52
CA GLN D 414 58.33 -36.36 -26.16
C GLN D 414 57.81 -34.98 -25.85
N GLN D 415 58.41 -33.94 -26.43
CA GLN D 415 57.92 -32.58 -26.21
C GLN D 415 56.59 -32.35 -26.90
N ARG D 416 56.42 -32.92 -28.10
CA ARG D 416 55.13 -32.81 -28.78
C ARG D 416 54.05 -33.60 -28.05
N ALA D 417 54.38 -34.82 -27.61
CA ALA D 417 53.41 -35.64 -26.91
C ALA D 417 52.99 -35.00 -25.59
N GLU D 418 53.96 -34.41 -24.87
CA GLU D 418 53.61 -33.73 -23.63
C GLU D 418 52.73 -32.52 -23.89
N GLU D 419 53.03 -31.76 -24.96
CA GLU D 419 52.21 -30.60 -25.29
C GLU D 419 50.82 -31.01 -25.76
N LYS D 420 50.68 -32.22 -26.33
CA LYS D 420 49.36 -32.71 -26.68
C LYS D 420 48.53 -32.99 -25.43
N HIS D 421 49.17 -33.47 -24.36
CA HIS D 421 48.48 -33.72 -23.11
C HIS D 421 48.44 -32.51 -22.19
N ARG D 422 49.38 -31.58 -22.34
CA ARG D 422 49.35 -30.36 -21.53
C ARG D 422 48.22 -29.44 -21.96
N LYS D 423 48.06 -29.24 -23.27
CA LYS D 423 46.96 -28.41 -23.77
C LYS D 423 45.61 -29.04 -23.45
N GLU D 424 45.54 -30.36 -23.37
CA GLU D 424 44.28 -31.02 -23.02
C GLU D 424 43.95 -30.84 -21.54
N LEU D 425 44.94 -31.07 -20.67
CA LEU D 425 44.71 -30.91 -19.24
C LEU D 425 44.51 -29.45 -18.86
N LEU D 426 45.20 -28.53 -19.54
CA LEU D 426 45.02 -27.12 -19.24
C LEU D 426 43.64 -26.63 -19.67
N ARG D 427 43.14 -27.13 -20.80
CA ARG D 427 41.81 -26.73 -21.26
C ARG D 427 40.72 -27.31 -20.37
N GLN D 428 40.92 -28.51 -19.83
CA GLN D 428 39.94 -29.09 -18.93
C GLN D 428 39.98 -28.45 -17.56
N GLU D 429 41.19 -28.16 -17.04
CA GLU D 429 41.30 -27.50 -15.75
C GLU D 429 40.65 -26.12 -15.79
N GLU D 430 40.90 -25.36 -16.85
CA GLU D 430 40.23 -24.06 -17.01
C GLU D 430 38.73 -24.23 -17.19
N LYS D 431 38.30 -25.32 -17.83
CA LYS D 431 36.86 -25.58 -17.97
C LYS D 431 36.21 -25.77 -16.61
N LYS D 432 36.85 -26.52 -15.72
CA LYS D 432 36.30 -26.71 -14.38
C LYS D 432 36.41 -25.44 -13.54
N LYS D 433 37.46 -24.66 -13.75
CA LYS D 433 37.64 -23.44 -12.97
C LYS D 433 36.53 -22.44 -13.26
N LYS D 434 36.22 -22.22 -14.54
CA LYS D 434 35.17 -21.29 -14.90
C LYS D 434 33.78 -21.84 -14.63
N GLU D 435 33.64 -23.17 -14.58
CA GLU D 435 32.34 -23.79 -14.34
C GLU D 435 32.05 -23.97 -12.85
N LEU D 436 33.05 -24.38 -12.07
CA LEU D 436 32.84 -24.57 -10.65
C LEU D 436 32.48 -23.26 -9.96
N LYS D 437 33.10 -22.16 -10.37
CA LYS D 437 32.78 -20.86 -9.79
C LYS D 437 31.34 -20.47 -10.10
N VAL D 438 30.88 -20.75 -11.32
CA VAL D 438 29.48 -20.47 -11.67
C VAL D 438 28.55 -21.33 -10.82
N GLU D 439 28.96 -22.56 -10.51
CA GLU D 439 28.14 -23.41 -9.64
C GLU D 439 28.15 -22.91 -8.20
N GLU D 440 29.22 -22.24 -7.78
CA GLU D 440 29.26 -21.67 -6.44
C GLU D 440 28.43 -20.40 -6.34
N GLU D 441 28.34 -19.63 -7.42
CA GLU D 441 27.45 -18.47 -7.45
C GLU D 441 25.98 -18.90 -7.56
N ARG D 442 25.73 -20.11 -8.06
CA ARG D 442 24.38 -20.66 -8.18
C ARG D 442 23.91 -21.34 -6.91
N GLN D 443 24.81 -22.06 -6.22
CA GLN D 443 24.46 -22.68 -4.96
C GLN D 443 24.35 -21.67 -3.83
N ARG D 444 25.10 -20.58 -3.90
CA ARG D 444 25.04 -19.56 -2.85
C ARG D 444 23.72 -18.79 -2.91
N ARG D 445 23.25 -18.49 -4.12
CA ARG D 445 21.96 -17.79 -4.25
C ARG D 445 20.80 -18.72 -3.94
N ALA D 446 20.91 -20.00 -4.31
CA ALA D 446 19.84 -20.94 -4.02
C ALA D 446 19.78 -21.31 -2.54
N GLU D 447 20.90 -21.24 -1.84
CA GLU D 447 20.90 -21.51 -0.40
C GLU D 447 20.51 -20.28 0.40
N LEU D 448 20.82 -19.08 -0.10
CA LEU D 448 20.38 -17.86 0.57
C LEU D 448 18.86 -17.75 0.53
N LYS D 449 18.23 -18.13 -0.58
CA LYS D 449 16.78 -18.16 -0.65
C LYS D 449 16.20 -19.32 0.16
N LYS D 450 16.97 -20.41 0.30
CA LYS D 450 16.54 -21.50 1.15
C LYS D 450 16.58 -21.10 2.62
N GLN D 451 17.61 -20.34 3.03
CA GLN D 451 17.64 -19.76 4.36
C GLN D 451 16.54 -18.71 4.55
N LYS D 452 16.08 -18.09 3.46
CA LYS D 452 14.99 -17.12 3.56
C LYS D 452 13.68 -17.80 3.90
N GLU D 453 13.42 -18.98 3.32
CA GLU D 453 12.16 -19.67 3.55
C GLU D 453 12.15 -20.34 4.92
N GLU D 454 13.28 -20.89 5.36
CA GLU D 454 13.35 -21.58 6.65
C GLU D 454 13.30 -20.63 7.83
N GLU D 455 13.41 -19.33 7.61
CA GLU D 455 13.33 -18.34 8.68
C GLU D 455 12.05 -17.52 8.64
N LYS D 456 11.48 -17.28 7.45
CA LYS D 456 10.25 -16.49 7.36
C LYS D 456 9.02 -17.33 7.72
N ARG D 457 8.97 -18.58 7.28
CA ARG D 457 7.84 -19.46 7.58
C ARG D 457 8.13 -20.26 8.84
N ARG D 458 8.18 -19.55 9.95
CA ARG D 458 8.44 -20.15 11.26
C ARG D 458 7.61 -19.47 12.34
N ARG D 463 4.67 -16.64 15.18
CA ARG D 463 4.21 -18.00 15.43
C ARG D 463 2.69 -18.10 15.33
N LEU D 464 2.22 -19.11 14.61
CA LEU D 464 0.78 -19.29 14.45
C LEU D 464 0.15 -19.92 15.69
N GLU D 465 0.83 -20.89 16.30
CA GLU D 465 0.30 -21.50 17.51
C GLU D 465 0.34 -20.57 18.71
N ALA D 466 1.19 -19.54 18.67
CA ALA D 466 1.14 -18.51 19.71
C ALA D 466 0.04 -17.49 19.44
N LYS D 467 -0.31 -17.29 18.17
CA LYS D 467 -1.43 -16.42 17.84
C LYS D 467 -2.77 -17.12 18.03
N ARG D 468 -2.82 -18.44 17.80
CA ARG D 468 -4.04 -19.18 18.08
C ARG D 468 -4.30 -19.30 19.57
N ARG D 469 -3.25 -19.26 20.39
CA ARG D 469 -3.43 -19.27 21.84
C ARG D 469 -4.15 -18.03 22.33
N LYS D 470 -4.09 -16.93 21.56
CA LYS D 470 -4.90 -15.76 21.88
C LYS D 470 -6.38 -16.03 21.68
N GLU D 471 -6.73 -16.74 20.61
CA GLU D 471 -8.12 -17.11 20.37
C GLU D 471 -8.56 -18.32 21.19
N GLU D 472 -7.62 -19.12 21.69
CA GLU D 472 -7.97 -20.24 22.54
C GLU D 472 -8.45 -19.76 23.91
N GLU D 473 -7.72 -18.83 24.51
CA GLU D 473 -8.11 -18.32 25.83
C GLU D 473 -9.34 -17.42 25.73
N ARG D 474 -9.55 -16.75 24.59
CA ARG D 474 -10.72 -15.90 24.46
C ARG D 474 -11.99 -16.74 24.33
N LEU D 475 -11.93 -17.83 23.56
CA LEU D 475 -13.08 -18.71 23.44
C LEU D 475 -13.29 -19.55 24.69
N LYS D 476 -12.25 -19.73 25.51
CA LYS D 476 -12.40 -20.46 26.76
C LYS D 476 -13.17 -19.62 27.79
N LYS D 477 -12.85 -18.33 27.89
CA LYS D 477 -13.57 -17.46 28.81
C LYS D 477 -15.00 -17.22 28.33
N GLU D 478 -15.19 -17.04 27.02
CA GLU D 478 -16.52 -16.82 26.48
C GLU D 478 -17.44 -18.02 26.77
N GLU D 479 -16.93 -19.23 26.61
CA GLU D 479 -17.73 -20.42 26.84
C GLU D 479 -17.91 -20.73 28.31
N GLU D 480 -17.06 -20.19 29.18
CA GLU D 480 -17.23 -20.42 30.62
C GLU D 480 -18.27 -19.48 31.22
N ILE D 481 -18.31 -18.22 30.77
CA ILE D 481 -19.32 -17.29 31.26
C ILE D 481 -20.71 -17.69 30.75
N ARG D 482 -20.78 -18.16 29.51
CA ARG D 482 -22.05 -18.64 28.98
C ARG D 482 -22.47 -19.93 29.68
N LEU D 483 -21.51 -20.75 30.12
CA LEU D 483 -21.85 -21.96 30.86
C LEU D 483 -22.31 -21.64 32.28
N LYS D 484 -21.78 -20.57 32.88
CA LYS D 484 -22.21 -20.15 34.20
C LYS D 484 -23.59 -19.52 34.18
N GLU D 485 -23.95 -18.81 33.10
CA GLU D 485 -25.27 -18.21 32.99
C GLU D 485 -26.34 -19.24 32.63
N GLU D 486 -25.96 -20.32 31.96
CA GLU D 486 -26.91 -21.37 31.60
C GLU D 486 -26.79 -22.57 32.53
#